data_8HAS
#
_entry.id   8HAS
#
_cell.length_a   1.00
_cell.length_b   1.00
_cell.length_c   1.00
_cell.angle_alpha   90.00
_cell.angle_beta   90.00
_cell.angle_gamma   90.00
#
_symmetry.space_group_name_H-M   'P 1'
#
loop_
_entity.id
_entity.type
_entity.pdbx_description
1 polymer 'Protein NARROW LEAF 1'
2 non-polymer "ADENOSINE-5'-TRIPHOSPHATE"
#
_entity_poly.entity_id   1
_entity_poly.type   'polypeptide(L)'
_entity_poly.pdbx_seq_one_letter_code
;MKPSDDKAQLSGLAQSEESSLDVDHQSFPCSPSIQPVASGCTHTENSAAYFLWPTSNLQHCAAEGRANYFGNLQKGLLPR
HPGRLPKGQQANSLLDLMTIRAFHSKILRRFSLGTAVGFRIRKGDLTDIPAILVFVARKVHKKWLNPAQCLPAILEGPGG
VWCDVDVVEFSYYGAPAQTPKEQMFSELVDKLCGSDECIGSGSQVASHETFGTLGAIVKRRTGNKQVGFLTNHHVAVDLD
YPNQKMFHPLPPNLGPGVYLGAVERATSFITDDVWYGIYAGTNPETFVRADGAFIPFADDFDISTVTTVVRGVGDIGDVK
VIDLQCPLNSLIGRQVCKVGRSSGHTTGTVMAYALEYNDEKGICFFTDILVVGENRQTFDLEGDSGSLIILTSQDGEKPR
PIGIIWGGTANRGRLKLTSDHGPENWTSGVDLGRLLDRLELDIIITNESLQDAVQQQRFALVAAVTSAVGESSGVPVAIP
EEKIEEIFEPLGIQIQQLPRHDVAASGTEGEEASNTVVNVEEHQFISNFVGMSPVRDDQDAPRSITNLNNPSEEELAMSL
HLGDREPKRLRSDSGSSLDLEK
;
_entity_poly.pdbx_strand_id   A,B,C,D,E,F
#
loop_
_chem_comp.id
_chem_comp.type
_chem_comp.name
_chem_comp.formula
ATP non-polymer ADENOSINE-5'-TRIPHOSPHATE 'C10 H16 N5 O13 P3'
#
# COMPACT_ATOMS: atom_id res chain seq x y z
N GLY A 88 53.04 20.55 24.48
CA GLY A 88 52.07 21.39 25.16
C GLY A 88 51.53 22.50 24.29
N GLN A 89 51.44 22.23 22.98
CA GLN A 89 50.94 23.19 22.01
C GLN A 89 49.51 22.86 21.61
N GLN A 90 48.83 23.87 21.08
CA GLN A 90 47.45 23.71 20.62
C GLN A 90 47.44 23.43 19.12
N ALA A 91 46.56 22.52 18.70
CA ALA A 91 46.49 22.13 17.29
C ALA A 91 46.18 23.32 16.41
N ASN A 92 46.87 23.40 15.28
CA ASN A 92 46.67 24.49 14.33
C ASN A 92 46.54 24.01 12.88
N SER A 93 46.31 22.73 12.65
CA SER A 93 46.20 22.18 11.31
C SER A 93 45.25 20.98 11.34
N LEU A 94 44.81 20.58 10.15
CA LEU A 94 43.91 19.44 10.02
C LEU A 94 44.56 18.13 10.45
N LEU A 95 45.85 17.95 10.16
CA LEU A 95 46.55 16.73 10.54
C LEU A 95 46.58 16.51 12.04
N ASP A 96 46.82 17.58 12.81
CA ASP A 96 46.87 17.45 14.27
C ASP A 96 45.51 17.00 14.82
N LEU A 97 44.43 17.63 14.36
CA LEU A 97 43.10 17.24 14.82
C LEU A 97 42.74 15.83 14.39
N MET A 98 43.10 15.43 13.16
CA MET A 98 42.82 14.08 12.71
C MET A 98 43.59 13.06 13.54
N THR A 99 44.85 13.33 13.86
CA THR A 99 45.62 12.43 14.70
C THR A 99 45.05 12.36 16.12
N ILE A 100 44.61 13.50 16.66
CA ILE A 100 43.99 13.48 17.98
C ILE A 100 42.71 12.65 17.98
N ARG A 101 41.88 12.80 16.95
CA ARG A 101 40.68 11.98 16.87
C ARG A 101 41.03 10.49 16.74
N ALA A 102 42.06 10.18 15.95
CA ALA A 102 42.49 8.80 15.82
C ALA A 102 42.94 8.22 17.16
N PHE A 103 43.63 9.04 17.96
CA PHE A 103 44.05 8.60 19.29
C PHE A 103 42.86 8.30 20.19
N HIS A 104 41.82 9.15 20.12
CA HIS A 104 40.65 9.02 20.98
C HIS A 104 39.41 8.59 20.21
N SER A 105 39.53 7.66 19.26
CA SER A 105 38.40 7.24 18.44
C SER A 105 37.35 6.48 19.24
N LYS A 106 37.79 5.71 20.23
CA LYS A 106 36.87 4.85 20.97
C LYS A 106 36.01 5.60 21.97
N ILE A 107 36.54 6.65 22.60
CA ILE A 107 35.75 7.44 23.55
C ILE A 107 34.61 8.19 22.88
N LEU A 108 34.88 8.90 21.77
CA LEU A 108 33.88 9.77 21.16
C LEU A 108 32.74 8.97 20.53
N ARG A 109 33.08 7.84 19.89
CA ARG A 109 32.09 7.08 19.13
C ARG A 109 31.12 6.33 20.03
N ARG A 110 31.37 6.33 21.34
CA ARG A 110 30.54 5.57 22.26
C ARG A 110 29.10 6.09 22.27
N PHE A 111 28.92 7.41 22.26
CA PHE A 111 27.58 8.01 22.25
C PHE A 111 27.44 9.06 21.16
N SER A 112 27.95 8.78 19.97
CA SER A 112 27.88 9.72 18.87
C SER A 112 27.49 9.00 17.58
N LEU A 113 26.84 9.74 16.68
CA LEU A 113 26.48 9.23 15.37
C LEU A 113 27.53 9.55 14.32
N GLY A 114 28.62 10.22 14.71
CA GLY A 114 29.66 10.57 13.78
C GLY A 114 30.60 11.58 14.42
N THR A 115 31.71 11.80 13.74
CA THR A 115 32.73 12.71 14.26
C THR A 115 33.51 13.31 13.09
N ALA A 116 33.75 14.62 13.17
CA ALA A 116 34.51 15.34 12.16
C ALA A 116 35.44 16.31 12.87
N VAL A 117 36.30 16.98 12.10
CA VAL A 117 37.25 17.93 12.62
C VAL A 117 37.01 19.28 11.95
N GLY A 118 36.94 20.34 12.75
CA GLY A 118 36.69 21.67 12.23
C GLY A 118 36.83 22.76 13.27
N PHE A 119 35.94 23.74 13.22
CA PHE A 119 35.94 24.85 14.16
C PHE A 119 34.75 24.71 15.10
N ARG A 120 34.97 25.06 16.37
CA ARG A 120 33.93 24.93 17.38
C ARG A 120 32.74 25.84 17.04
N ILE A 121 31.54 25.28 17.13
CA ILE A 121 30.31 26.02 16.87
C ILE A 121 29.72 26.43 18.21
N ARG A 122 29.65 27.73 18.44
CA ARG A 122 29.13 28.27 19.69
C ARG A 122 28.11 29.35 19.39
N LYS A 123 26.91 29.21 19.95
CA LYS A 123 25.82 30.16 19.79
C LYS A 123 25.38 30.33 18.34
N GLY A 124 25.59 29.32 17.50
CA GLY A 124 25.05 29.29 16.15
C GLY A 124 26.06 29.56 15.05
N ASP A 125 27.24 30.08 15.37
CA ASP A 125 28.21 30.42 14.34
C ASP A 125 29.58 29.89 14.74
N LEU A 126 30.42 29.69 13.72
CA LEU A 126 31.76 29.16 13.95
C LEU A 126 32.60 30.15 14.75
N THR A 127 33.43 29.62 15.65
CA THR A 127 34.41 30.39 16.39
C THR A 127 35.78 30.17 15.74
N ASP A 128 36.88 30.72 16.27
CA ASP A 128 38.18 30.46 15.65
C ASP A 128 39.01 29.45 16.44
N ILE A 129 38.45 28.76 17.42
CA ILE A 129 39.17 27.81 18.24
C ILE A 129 39.07 26.44 17.57
N PRO A 130 40.18 25.78 17.24
CA PRO A 130 40.10 24.42 16.69
C PRO A 130 39.44 23.46 17.65
N ALA A 131 38.63 22.53 17.13
CA ALA A 131 37.91 21.59 17.98
C ALA A 131 37.55 20.37 17.14
N ILE A 132 37.20 19.29 17.84
CA ILE A 132 36.71 18.08 17.19
C ILE A 132 35.19 18.05 17.31
N LEU A 133 34.51 18.08 16.18
CA LEU A 133 33.05 18.10 16.17
C LEU A 133 32.50 16.69 16.22
N VAL A 134 31.86 16.34 17.34
CA VAL A 134 31.21 15.05 17.49
C VAL A 134 29.72 15.24 17.22
N PHE A 135 29.10 14.25 16.60
CA PHE A 135 27.69 14.37 16.21
C PHE A 135 26.81 13.44 17.00
N VAL A 136 25.80 13.99 17.68
CA VAL A 136 24.85 13.22 18.47
C VAL A 136 23.45 13.45 17.93
N ALA A 137 22.47 12.76 18.50
CA ALA A 137 21.09 12.93 18.06
C ALA A 137 20.36 14.06 18.78
N ARG A 138 20.76 14.44 19.98
CA ARG A 138 20.10 15.50 20.72
C ARG A 138 21.09 16.11 21.70
N LYS A 139 20.93 17.41 21.95
CA LYS A 139 21.78 18.15 22.87
C LYS A 139 20.97 18.37 24.15
N VAL A 140 21.12 17.47 25.10
CA VAL A 140 20.43 17.54 26.39
C VAL A 140 21.34 18.24 27.39
N HIS A 141 20.76 19.15 28.17
CA HIS A 141 21.51 19.89 29.17
C HIS A 141 22.13 18.91 30.17
N LYS A 142 23.32 19.16 30.64
CA LYS A 142 24.01 18.23 31.50
C LYS A 142 23.57 18.25 32.86
N LYS A 143 22.30 18.06 33.05
CA LYS A 143 21.67 17.90 34.36
C LYS A 143 20.81 16.65 34.34
N TRP A 144 20.50 16.15 33.14
CA TRP A 144 19.75 14.92 32.95
C TRP A 144 20.64 13.80 32.40
N LEU A 145 21.95 13.96 32.54
CA LEU A 145 22.93 13.00 32.03
C LEU A 145 23.72 12.41 33.17
N ASN A 146 23.89 11.09 33.15
CA ASN A 146 24.77 10.45 34.12
C ASN A 146 26.23 10.79 33.80
N PRO A 147 27.14 10.75 34.78
CA PRO A 147 28.52 11.18 34.54
C PRO A 147 29.23 10.42 33.43
N ALA A 148 28.81 9.18 33.18
CA ALA A 148 29.43 8.33 32.17
C ALA A 148 29.01 8.66 30.75
N GLN A 149 28.18 9.69 30.55
CA GLN A 149 27.73 10.07 29.22
C GLN A 149 28.04 11.53 28.89
N CYS A 150 28.79 12.22 29.73
CA CYS A 150 29.17 13.62 29.51
C CYS A 150 30.56 13.64 28.89
N LEU A 151 30.61 13.90 27.58
CA LEU A 151 31.87 13.92 26.85
C LEU A 151 32.75 15.06 27.35
N PRO A 152 34.03 14.82 27.62
CA PRO A 152 34.92 15.89 28.06
C PRO A 152 35.14 16.92 26.95
N ALA A 153 35.43 18.15 27.37
CA ALA A 153 35.62 19.25 26.44
C ALA A 153 37.06 19.41 25.96
N ILE A 154 37.99 18.61 26.50
CA ILE A 154 39.41 18.71 26.14
C ILE A 154 39.97 17.30 25.98
N LEU A 155 40.70 17.09 24.88
CA LEU A 155 41.43 15.85 24.66
C LEU A 155 42.86 16.18 24.24
N GLU A 156 43.77 15.28 24.59
CA GLU A 156 45.18 15.43 24.26
C GLU A 156 45.65 14.25 23.41
N GLY A 157 46.60 14.52 22.52
CA GLY A 157 47.11 13.51 21.63
C GLY A 157 48.61 13.29 21.78
N PRO A 158 49.25 12.82 20.72
CA PRO A 158 50.69 12.53 20.80
C PRO A 158 51.55 13.78 20.75
N GLY A 159 52.59 13.82 21.56
CA GLY A 159 53.49 14.95 21.59
C GLY A 159 52.95 16.19 22.27
N GLY A 160 51.90 16.06 23.07
CA GLY A 160 51.34 17.20 23.78
C GLY A 160 50.59 18.17 22.89
N VAL A 161 49.53 17.68 22.24
CA VAL A 161 48.66 18.53 21.41
C VAL A 161 47.25 18.41 21.98
N TRP A 162 46.64 19.55 22.29
CA TRP A 162 45.31 19.58 22.89
C TRP A 162 44.36 20.36 21.99
N CYS A 163 43.08 20.00 22.06
CA CYS A 163 42.05 20.65 21.28
C CYS A 163 40.73 20.56 22.03
N ASP A 164 39.81 21.44 21.67
CA ASP A 164 38.49 21.50 22.31
C ASP A 164 37.57 20.44 21.71
N VAL A 165 36.48 20.16 22.42
CA VAL A 165 35.45 19.23 21.96
C VAL A 165 34.12 19.97 21.93
N ASP A 166 33.43 19.89 20.80
CA ASP A 166 32.17 20.58 20.60
C ASP A 166 31.12 19.54 20.23
N VAL A 167 29.92 19.71 20.76
CA VAL A 167 28.82 18.77 20.51
C VAL A 167 27.83 19.43 19.57
N VAL A 168 27.54 18.76 18.45
CA VAL A 168 26.58 19.26 17.48
C VAL A 168 25.39 18.31 17.44
N GLU A 169 24.20 18.84 17.14
CA GLU A 169 22.96 18.06 17.07
C GLU A 169 22.78 17.63 15.62
N PHE A 170 23.20 16.41 15.30
CA PHE A 170 23.15 15.91 13.94
C PHE A 170 21.89 15.08 13.72
N SER A 171 21.81 14.47 12.53
CA SER A 171 20.71 13.59 12.18
C SER A 171 21.19 12.60 11.14
N TYR A 172 21.21 11.32 11.51
CA TYR A 172 21.59 10.27 10.58
C TYR A 172 20.44 9.29 10.36
N LYS A 181 12.81 18.88 -3.31
CA LYS A 181 12.08 18.70 -4.55
C LYS A 181 11.84 20.07 -5.19
N GLU A 182 12.22 21.12 -4.45
CA GLU A 182 12.08 22.49 -4.93
C GLU A 182 13.04 22.74 -6.07
N GLN A 183 12.67 22.29 -7.28
CA GLN A 183 13.54 22.47 -8.44
C GLN A 183 13.47 23.90 -8.94
N MET A 184 14.64 24.50 -9.16
CA MET A 184 14.70 25.86 -9.67
C MET A 184 14.23 25.92 -11.13
N PHE A 185 13.56 27.02 -11.46
CA PHE A 185 13.14 27.30 -12.83
C PHE A 185 13.73 28.65 -13.22
N SER A 186 14.68 28.62 -14.16
CA SER A 186 15.35 29.84 -14.60
C SER A 186 15.96 29.59 -15.98
N GLU A 187 16.67 30.59 -16.48
CA GLU A 187 17.32 30.51 -17.79
C GLU A 187 18.60 29.68 -17.75
N LEU A 188 19.18 29.46 -16.57
CA LEU A 188 20.39 28.64 -16.44
C LEU A 188 20.06 27.16 -16.41
N VAL A 189 19.01 26.78 -15.67
CA VAL A 189 18.60 25.39 -15.59
C VAL A 189 18.18 24.88 -16.96
N ASP A 190 17.46 25.70 -17.71
CA ASP A 190 17.03 25.31 -19.05
C ASP A 190 18.22 25.05 -19.97
N LYS A 191 19.22 25.93 -19.91
CA LYS A 191 20.42 25.73 -20.71
C LYS A 191 21.23 24.52 -20.28
N LEU A 192 21.31 24.26 -18.98
CA LEU A 192 22.04 23.09 -18.48
C LEU A 192 21.29 21.79 -18.70
N CYS A 193 19.98 21.83 -18.94
CA CYS A 193 19.19 20.64 -19.17
C CYS A 193 19.14 20.23 -20.64
N GLY A 194 19.84 20.96 -21.50
CA GLY A 194 19.93 20.62 -22.91
C GLY A 194 19.31 21.60 -23.88
N SER A 195 19.01 22.84 -23.47
CA SER A 195 18.47 23.85 -24.36
C SER A 195 19.56 24.84 -24.77
N ASP A 196 20.78 24.35 -24.87
CA ASP A 196 21.93 25.16 -25.24
C ASP A 196 22.63 24.58 -26.45
N GLU A 197 23.51 25.38 -27.05
CA GLU A 197 24.27 24.97 -28.22
C GLU A 197 25.65 24.42 -27.85
N CYS A 198 25.93 24.26 -26.56
CA CYS A 198 27.22 23.75 -26.12
C CYS A 198 27.03 23.01 -24.81
N ILE A 199 28.01 22.15 -24.50
CA ILE A 199 28.01 21.36 -23.28
C ILE A 199 29.24 21.74 -22.46
N GLY A 200 29.14 21.59 -21.15
CA GLY A 200 30.24 21.96 -20.29
C GLY A 200 29.97 21.56 -18.85
N SER A 201 30.67 22.23 -17.94
CA SER A 201 30.49 21.97 -16.52
C SER A 201 29.08 22.34 -16.08
N GLY A 202 28.45 21.45 -15.33
CA GLY A 202 27.11 21.68 -14.84
C GLY A 202 26.02 21.17 -15.77
N SER A 203 26.41 20.70 -16.95
CA SER A 203 25.44 20.20 -17.91
C SER A 203 24.86 18.87 -17.43
N GLN A 204 23.72 18.50 -18.00
CA GLN A 204 23.04 17.27 -17.64
C GLN A 204 23.60 16.09 -18.42
N VAL A 205 24.03 15.07 -17.69
CA VAL A 205 24.49 13.81 -18.28
C VAL A 205 23.63 12.70 -17.70
N ALA A 206 23.21 11.77 -18.57
CA ALA A 206 22.25 10.75 -18.18
C ALA A 206 22.66 9.39 -18.72
N SER A 207 22.26 8.35 -17.99
CA SER A 207 22.33 6.97 -18.42
C SER A 207 20.92 6.49 -18.77
N HIS A 208 20.79 5.21 -19.09
CA HIS A 208 19.51 4.65 -19.48
C HIS A 208 18.52 4.64 -18.32
N GLU A 209 19.03 4.78 -17.08
CA GLU A 209 18.18 4.68 -15.91
C GLU A 209 18.24 5.87 -14.95
N THR A 210 19.41 6.48 -14.73
CA THR A 210 19.51 7.55 -13.75
C THR A 210 20.08 8.79 -14.41
N PHE A 211 19.68 9.96 -13.90
CA PHE A 211 20.24 11.23 -14.32
C PHE A 211 21.46 11.58 -13.48
N GLY A 212 22.13 12.67 -13.85
CA GLY A 212 23.28 13.13 -13.10
C GLY A 212 23.67 14.55 -13.46
N THR A 213 24.92 14.92 -13.18
CA THR A 213 25.41 16.24 -13.50
C THR A 213 26.86 16.14 -13.95
N LEU A 214 27.15 16.79 -15.09
CA LEU A 214 28.51 16.83 -15.61
C LEU A 214 29.41 17.57 -14.62
N GLY A 215 30.62 17.05 -14.43
CA GLY A 215 31.57 17.68 -13.53
C GLY A 215 32.46 18.67 -14.25
N ALA A 216 33.74 18.35 -14.36
CA ALA A 216 34.69 19.17 -15.09
C ALA A 216 35.04 18.47 -16.40
N ILE A 217 35.79 19.17 -17.25
CA ILE A 217 36.31 18.62 -18.50
C ILE A 217 37.76 18.23 -18.19
N VAL A 218 38.03 16.93 -18.16
CA VAL A 218 39.30 16.44 -17.64
C VAL A 218 40.15 15.88 -18.78
N LYS A 219 41.41 15.55 -18.47
CA LYS A 219 42.36 15.04 -19.45
C LYS A 219 43.17 13.94 -18.79
N ARG A 220 43.35 12.85 -19.52
CA ARG A 220 44.21 11.77 -19.06
C ARG A 220 45.67 12.20 -19.18
N ARG A 221 46.42 12.03 -18.09
CA ARG A 221 47.79 12.49 -18.01
C ARG A 221 48.78 11.52 -18.64
N THR A 222 48.36 10.31 -18.99
CA THR A 222 49.23 9.30 -19.56
C THR A 222 48.64 8.80 -20.89
N GLY A 223 49.42 8.00 -21.60
CA GLY A 223 48.99 7.40 -22.86
C GLY A 223 48.58 8.39 -23.94
N ASN A 224 47.43 8.14 -24.55
CA ASN A 224 46.95 8.97 -25.65
C ASN A 224 46.53 10.36 -25.16
N LYS A 225 46.15 10.45 -23.88
CA LYS A 225 45.64 11.69 -23.28
C LYS A 225 44.36 12.12 -23.98
N GLN A 226 43.34 11.26 -23.93
CA GLN A 226 42.06 11.57 -24.53
C GLN A 226 41.30 12.61 -23.70
N VAL A 227 40.31 13.22 -24.34
CA VAL A 227 39.51 14.26 -23.69
C VAL A 227 38.15 13.69 -23.33
N GLY A 228 37.68 14.01 -22.14
CA GLY A 228 36.40 13.52 -21.66
C GLY A 228 35.90 14.39 -20.50
N PHE A 229 35.25 13.73 -19.54
CA PHE A 229 34.69 14.42 -18.38
C PHE A 229 34.67 13.43 -17.22
N LEU A 230 34.42 13.96 -16.02
CA LEU A 230 34.40 13.15 -14.82
C LEU A 230 33.12 13.44 -14.04
N THR A 231 32.57 12.38 -13.44
CA THR A 231 31.32 12.52 -12.70
C THR A 231 31.30 11.48 -11.57
N ASN A 232 30.13 11.27 -10.97
CA ASN A 232 29.95 10.31 -9.89
C ASN A 232 29.54 8.97 -10.48
N HIS A 233 30.15 7.89 -9.99
CA HIS A 233 29.84 6.56 -10.52
C HIS A 233 28.47 6.05 -10.11
N HIS A 234 27.87 6.60 -9.05
CA HIS A 234 26.50 6.25 -8.70
C HIS A 234 25.50 6.68 -9.75
N VAL A 235 25.84 7.66 -10.58
CA VAL A 235 25.05 8.04 -11.74
C VAL A 235 25.70 7.62 -13.05
N ALA A 236 26.93 7.11 -13.00
CA ALA A 236 27.68 6.79 -14.22
C ALA A 236 27.77 5.28 -14.46
N VAL A 237 28.02 4.52 -13.39
CA VAL A 237 28.28 3.09 -13.52
C VAL A 237 27.08 2.35 -12.93
N ASP A 238 26.38 1.60 -13.76
CA ASP A 238 25.39 0.66 -13.27
C ASP A 238 26.06 -0.65 -12.91
N LEU A 239 25.74 -1.10 -11.75
CA LEU A 239 26.49 -2.21 -11.30
C LEU A 239 26.58 -3.29 -12.34
N ASP A 240 25.46 -3.77 -12.87
CA ASP A 240 25.58 -4.94 -13.74
C ASP A 240 25.07 -5.03 -15.17
N TYR A 241 25.21 -3.98 -15.98
CA TYR A 241 24.97 -4.14 -17.41
C TYR A 241 26.45 -4.13 -17.76
N PRO A 242 26.83 -4.77 -18.82
CA PRO A 242 28.24 -4.93 -19.20
C PRO A 242 28.87 -3.63 -19.67
N ASN A 243 28.11 -2.80 -20.37
CA ASN A 243 28.61 -1.52 -20.86
C ASN A 243 27.65 -0.41 -20.47
N GLN A 244 28.21 0.76 -20.17
CA GLN A 244 27.45 1.95 -19.80
C GLN A 244 27.79 3.04 -20.80
N LYS A 245 26.77 3.59 -21.45
CA LYS A 245 26.94 4.68 -22.40
C LYS A 245 26.40 5.96 -21.81
N MET A 246 26.92 7.10 -22.29
CA MET A 246 26.56 8.42 -21.80
C MET A 246 25.81 9.18 -22.87
N PHE A 247 24.69 9.77 -22.49
CA PHE A 247 23.87 10.55 -23.40
C PHE A 247 23.52 11.89 -22.78
N HIS A 248 23.42 12.91 -23.64
CA HIS A 248 23.06 14.26 -23.22
C HIS A 248 22.01 14.79 -24.19
N PRO A 249 20.85 15.24 -23.72
CA PRO A 249 20.41 15.28 -22.31
C PRO A 249 19.82 13.97 -21.83
N LEU A 250 19.24 13.18 -22.73
CA LEU A 250 18.46 12.01 -22.38
C LEU A 250 18.94 10.82 -23.20
N PRO A 251 18.76 9.60 -22.69
CA PRO A 251 19.12 8.40 -23.47
C PRO A 251 18.13 8.20 -24.62
N PRO A 252 18.52 7.43 -25.65
CA PRO A 252 17.62 7.26 -26.81
C PRO A 252 16.30 6.57 -26.47
N ASN A 253 16.27 5.85 -25.35
CA ASN A 253 15.05 5.17 -24.90
C ASN A 253 14.17 6.08 -24.06
N LEU A 254 14.61 7.31 -23.81
CA LEU A 254 13.82 8.26 -23.03
C LEU A 254 13.57 9.58 -23.74
N GLY A 255 14.36 9.96 -24.73
CA GLY A 255 14.16 11.21 -25.44
C GLY A 255 15.31 11.53 -26.37
N PRO A 256 15.29 12.73 -26.94
CA PRO A 256 16.36 13.12 -27.86
C PRO A 256 17.66 13.39 -27.12
N GLY A 257 18.77 13.00 -27.74
CA GLY A 257 20.07 13.20 -27.15
C GLY A 257 21.17 12.76 -28.10
N VAL A 258 22.41 13.01 -27.67
CA VAL A 258 23.60 12.62 -28.42
C VAL A 258 24.41 11.68 -27.55
N TYR A 259 25.20 10.81 -28.19
CA TYR A 259 25.99 9.82 -27.47
C TYR A 259 27.34 10.40 -27.10
N LEU A 260 27.60 10.54 -25.79
CA LEU A 260 28.84 11.14 -25.31
C LEU A 260 29.99 10.14 -25.32
N GLY A 261 29.86 9.05 -24.58
CA GLY A 261 30.92 8.07 -24.51
C GLY A 261 30.58 6.93 -23.59
N ALA A 262 31.61 6.20 -23.17
CA ALA A 262 31.46 5.06 -22.29
C ALA A 262 32.43 5.17 -21.13
N VAL A 263 32.04 4.58 -20.00
CA VAL A 263 32.89 4.63 -18.82
C VAL A 263 34.11 3.75 -19.02
N GLU A 264 35.28 4.29 -18.72
CA GLU A 264 36.54 3.56 -18.87
C GLU A 264 37.13 3.21 -17.52
N ARG A 265 37.28 4.21 -16.64
CA ARG A 265 37.81 3.99 -15.31
C ARG A 265 36.83 4.49 -14.26
N ALA A 266 36.70 3.72 -13.17
CA ALA A 266 35.77 4.04 -12.11
C ALA A 266 36.42 3.72 -10.77
N THR A 267 36.19 4.59 -9.79
CA THR A 267 36.78 4.47 -8.46
C THR A 267 35.68 4.16 -7.45
N SER A 268 36.10 3.67 -6.28
CA SER A 268 35.21 3.30 -5.20
C SER A 268 35.89 3.59 -3.86
N PHE A 269 35.40 3.01 -2.76
CA PHE A 269 36.08 3.18 -1.49
C PHE A 269 37.52 2.69 -1.58
N ILE A 270 38.44 3.52 -1.07
CA ILE A 270 39.86 3.18 -1.01
C ILE A 270 40.29 3.24 0.45
N THR A 271 41.42 2.62 0.77
CA THR A 271 41.95 2.63 2.13
C THR A 271 42.43 4.04 2.49
N ASP A 272 42.47 4.33 3.79
CA ASP A 272 42.81 5.67 4.24
C ASP A 272 44.28 5.98 4.03
N ASP A 273 45.14 4.94 4.02
CA ASP A 273 46.56 5.18 3.91
C ASP A 273 46.92 5.82 2.57
N VAL A 274 46.32 5.34 1.49
CA VAL A 274 46.61 5.93 0.18
C VAL A 274 46.01 7.33 0.06
N TRP A 275 44.83 7.56 0.63
CA TRP A 275 44.13 8.83 0.46
C TRP A 275 44.73 9.94 1.31
N TYR A 276 44.70 9.77 2.64
CA TYR A 276 45.16 10.83 3.52
C TYR A 276 46.67 10.76 3.75
N GLY A 277 47.23 9.57 3.66
CA GLY A 277 48.64 9.37 3.96
C GLY A 277 48.94 9.02 5.39
N ILE A 278 47.93 8.97 6.26
CA ILE A 278 48.11 8.65 7.67
C ILE A 278 47.12 7.57 8.08
N TYR A 279 47.26 7.06 9.29
CA TYR A 279 46.35 6.07 9.86
C TYR A 279 45.37 6.81 10.77
N ALA A 280 44.30 7.35 10.17
CA ALA A 280 43.31 8.12 10.90
C ALA A 280 42.21 7.21 11.45
N GLY A 281 42.63 6.27 12.29
CA GLY A 281 41.70 5.34 12.91
C GLY A 281 42.37 4.11 13.49
N THR A 282 41.66 3.41 14.38
CA THR A 282 42.16 2.19 15.00
C THR A 282 41.36 0.98 14.54
N ASN A 283 40.93 0.99 13.29
CA ASN A 283 40.16 -0.11 12.72
C ASN A 283 40.90 -0.72 11.54
N PRO A 284 40.92 -2.05 11.42
CA PRO A 284 41.60 -2.67 10.27
C PRO A 284 40.99 -2.28 8.94
N GLU A 285 39.68 -2.06 8.88
CA GLU A 285 38.98 -1.77 7.63
C GLU A 285 38.35 -0.38 7.73
N THR A 286 39.13 0.64 7.34
CA THR A 286 38.63 2.00 7.20
C THR A 286 38.75 2.39 5.73
N PHE A 287 37.62 2.72 5.10
CA PHE A 287 37.58 3.07 3.70
C PHE A 287 37.08 4.51 3.52
N VAL A 288 37.61 5.18 2.50
CA VAL A 288 37.16 6.51 2.14
C VAL A 288 36.37 6.43 0.84
N ARG A 289 35.09 6.80 0.90
CA ARG A 289 34.23 6.74 -0.28
C ARG A 289 34.45 7.93 -1.20
N ALA A 290 35.08 7.67 -2.35
CA ALA A 290 35.36 8.72 -3.34
C ALA A 290 35.02 8.19 -4.73
N ASP A 291 33.76 8.41 -5.11
CA ASP A 291 33.30 7.95 -6.42
C ASP A 291 33.89 8.82 -7.53
N GLY A 292 34.25 8.17 -8.63
CA GLY A 292 34.77 8.87 -9.79
C GLY A 292 34.58 8.02 -11.03
N ALA A 293 34.54 8.70 -12.17
CA ALA A 293 34.33 8.02 -13.45
C ALA A 293 34.84 8.86 -14.61
N PHE A 294 35.86 8.37 -15.30
CA PHE A 294 36.42 9.05 -16.46
C PHE A 294 35.79 8.49 -17.72
N ILE A 295 35.05 9.34 -18.44
CA ILE A 295 34.34 8.92 -19.66
C ILE A 295 34.91 9.70 -20.83
N PRO A 296 35.80 9.12 -21.62
CA PRO A 296 36.33 9.83 -22.80
C PRO A 296 35.23 10.07 -23.82
N PHE A 297 35.36 11.18 -24.55
CA PHE A 297 34.41 11.52 -25.60
C PHE A 297 34.54 10.53 -26.76
N ALA A 298 33.43 10.25 -27.43
CA ALA A 298 33.43 9.29 -28.54
C ALA A 298 34.30 9.80 -29.68
N ASP A 299 34.82 8.86 -30.47
CA ASP A 299 35.66 9.21 -31.62
C ASP A 299 34.89 9.99 -32.67
N ASP A 300 33.58 9.80 -32.75
CA ASP A 300 32.74 10.51 -33.71
C ASP A 300 32.00 11.69 -33.09
N PHE A 301 32.39 12.07 -31.87
CA PHE A 301 31.72 13.16 -31.17
C PHE A 301 32.02 14.50 -31.84
N ASP A 302 31.19 15.49 -31.53
CA ASP A 302 31.28 16.82 -32.13
C ASP A 302 32.00 17.78 -31.19
N ILE A 303 33.08 17.31 -30.54
CA ILE A 303 33.70 17.95 -29.39
C ILE A 303 33.94 19.44 -29.59
N SER A 304 33.88 19.91 -30.84
CA SER A 304 34.06 21.32 -31.15
C SER A 304 32.88 22.17 -30.69
N THR A 305 31.89 21.59 -30.01
CA THR A 305 30.81 22.37 -29.43
C THR A 305 30.75 22.16 -27.92
N VAL A 306 31.91 22.06 -27.28
CA VAL A 306 32.01 21.99 -25.83
C VAL A 306 32.76 23.23 -25.34
N THR A 307 32.56 23.56 -24.07
CA THR A 307 33.14 24.75 -23.48
C THR A 307 33.87 24.37 -22.20
N THR A 308 34.80 25.23 -21.78
CA THR A 308 35.55 25.03 -20.56
C THR A 308 35.24 26.04 -19.47
N VAL A 309 34.46 27.08 -19.77
CA VAL A 309 34.09 28.09 -18.78
C VAL A 309 32.83 27.61 -18.07
N VAL A 310 32.72 27.93 -16.77
CA VAL A 310 31.55 27.53 -16.01
C VAL A 310 30.45 28.57 -16.18
N ARG A 311 29.27 28.11 -16.57
CA ARG A 311 28.11 28.96 -16.77
C ARG A 311 27.58 29.40 -15.41
N GLY A 312 27.62 30.71 -15.15
CA GLY A 312 27.22 31.25 -13.87
C GLY A 312 28.34 31.53 -12.90
N VAL A 313 29.56 31.09 -13.19
CA VAL A 313 30.70 31.35 -12.32
C VAL A 313 31.74 32.12 -13.12
N GLY A 314 31.75 31.92 -14.43
CA GLY A 314 32.72 32.62 -15.27
C GLY A 314 33.88 31.71 -15.62
N ASP A 315 35.10 32.20 -15.41
CA ASP A 315 36.32 31.46 -15.71
C ASP A 315 36.95 30.97 -14.41
N ILE A 316 37.21 29.66 -14.35
CA ILE A 316 37.85 29.06 -13.18
C ILE A 316 39.34 28.90 -13.43
N GLY A 317 40.12 28.78 -12.37
CA GLY A 317 41.55 28.57 -12.45
C GLY A 317 41.94 27.11 -12.29
N ASP A 318 43.21 26.92 -11.98
CA ASP A 318 43.73 25.57 -11.78
C ASP A 318 43.15 24.98 -10.50
N VAL A 319 43.22 23.65 -10.39
CA VAL A 319 42.70 22.94 -9.24
C VAL A 319 43.45 23.38 -7.99
N LYS A 320 42.76 23.34 -6.84
CA LYS A 320 43.35 23.73 -5.56
C LYS A 320 43.44 22.49 -4.68
N VAL A 321 44.67 22.07 -4.39
CA VAL A 321 44.88 20.91 -3.53
C VAL A 321 44.65 21.30 -2.08
N ILE A 322 44.21 20.35 -1.28
CA ILE A 322 43.95 20.57 0.14
C ILE A 322 45.11 19.94 0.91
N ASP A 323 45.91 20.79 1.57
CA ASP A 323 47.07 20.35 2.34
C ASP A 323 46.64 20.07 3.77
N LEU A 324 47.10 18.94 4.31
CA LEU A 324 46.74 18.49 5.66
C LEU A 324 47.53 19.20 6.75
N GLN A 325 48.59 19.93 6.39
CA GLN A 325 49.41 20.62 7.39
C GLN A 325 49.50 22.11 7.06
N CYS A 326 48.36 22.72 6.75
CA CYS A 326 48.27 24.14 6.44
C CYS A 326 47.47 24.83 7.52
N PRO A 327 47.44 26.17 7.56
CA PRO A 327 46.58 26.86 8.54
C PRO A 327 45.13 26.44 8.40
N LEU A 328 44.46 26.32 9.55
CA LEU A 328 43.11 25.77 9.61
C LEU A 328 42.06 26.64 8.96
N ASN A 329 42.31 27.95 8.84
CA ASN A 329 41.33 28.88 8.29
C ASN A 329 41.43 28.99 6.76
N SER A 330 42.17 28.07 6.13
CA SER A 330 42.34 28.06 4.69
C SER A 330 41.34 27.16 3.99
N LEU A 331 40.73 26.21 4.71
CA LEU A 331 39.71 25.34 4.11
C LEU A 331 38.37 25.50 4.81
N ILE A 332 38.38 25.38 6.14
CA ILE A 332 37.14 25.42 6.92
C ILE A 332 36.76 26.86 7.21
N GLY A 333 35.52 27.23 6.87
CA GLY A 333 35.03 28.55 7.14
C GLY A 333 35.04 29.47 5.93
N ARG A 334 35.43 28.93 4.77
CA ARG A 334 35.49 29.70 3.55
C ARG A 334 34.19 29.59 2.76
N GLN A 335 34.11 30.36 1.68
CA GLN A 335 32.90 30.46 0.88
C GLN A 335 33.05 29.62 -0.38
N VAL A 336 32.07 28.77 -0.64
CA VAL A 336 32.09 27.89 -1.81
C VAL A 336 30.84 28.12 -2.65
N CYS A 337 30.87 27.65 -3.89
CA CYS A 337 29.74 27.79 -4.80
C CYS A 337 29.53 26.47 -5.53
N LYS A 338 28.47 26.40 -6.32
CA LYS A 338 28.13 25.19 -7.06
C LYS A 338 27.20 25.56 -8.22
N VAL A 339 27.32 24.83 -9.32
CA VAL A 339 26.42 24.97 -10.47
C VAL A 339 25.84 23.59 -10.72
N GLY A 340 24.53 23.43 -10.50
CA GLY A 340 23.86 22.17 -10.66
C GLY A 340 22.77 22.23 -11.74
N ARG A 341 22.41 21.04 -12.21
CA ARG A 341 21.39 20.93 -13.25
C ARG A 341 19.99 21.14 -12.68
N SER A 342 19.79 20.82 -11.41
CA SER A 342 18.45 20.90 -10.84
C SER A 342 18.25 22.19 -10.04
N SER A 343 19.29 22.65 -9.36
CA SER A 343 19.19 23.82 -8.50
C SER A 343 19.92 25.04 -9.05
N GLY A 344 20.72 24.90 -10.09
CA GLY A 344 21.44 26.03 -10.63
C GLY A 344 22.55 26.50 -9.71
N HIS A 345 22.86 27.79 -9.84
CA HIS A 345 23.91 28.38 -9.03
C HIS A 345 23.45 28.55 -7.59
N THR A 346 24.20 27.96 -6.66
CA THR A 346 23.92 28.06 -5.23
C THR A 346 25.22 28.30 -4.48
N THR A 347 25.12 29.00 -3.36
CA THR A 347 26.28 29.34 -2.54
C THR A 347 26.19 28.64 -1.20
N GLY A 348 27.36 28.43 -0.58
CA GLY A 348 27.43 27.76 0.69
C GLY A 348 28.77 27.96 1.35
N THR A 349 28.96 27.29 2.48
CA THR A 349 30.18 27.41 3.26
C THR A 349 30.61 26.04 3.76
N VAL A 350 31.90 25.92 4.06
CA VAL A 350 32.48 24.66 4.54
C VAL A 350 32.37 24.66 6.06
N MET A 351 31.85 23.57 6.62
CA MET A 351 31.62 23.48 8.06
C MET A 351 32.56 22.51 8.75
N ALA A 352 32.85 21.37 8.13
CA ALA A 352 33.65 20.35 8.78
C ALA A 352 34.41 19.55 7.73
N TYR A 353 35.42 18.81 8.19
CA TYR A 353 36.25 17.98 7.34
C TYR A 353 36.37 16.59 7.94
N ALA A 354 36.54 15.60 7.07
CA ALA A 354 36.77 14.21 7.46
C ALA A 354 35.63 13.66 8.31
N LEU A 355 34.43 13.63 7.71
CA LEU A 355 33.27 13.07 8.37
C LEU A 355 33.31 11.54 8.31
N GLU A 356 32.95 10.91 9.42
CA GLU A 356 33.03 9.45 9.55
C GLU A 356 31.69 8.93 10.06
N TYR A 357 31.30 7.73 9.60
CA TYR A 357 29.94 7.23 9.83
C TYR A 357 29.87 5.97 10.66
N ASN A 358 30.78 5.01 10.47
CA ASN A 358 30.84 3.78 11.27
C ASN A 358 29.55 2.96 11.21
N ASP A 359 29.24 2.38 10.05
CA ASP A 359 28.04 1.56 9.92
C ASP A 359 28.05 0.39 10.90
N GLU A 360 26.89 -0.28 11.00
CA GLU A 360 26.74 -1.34 11.99
C GLU A 360 27.60 -2.56 11.68
N LYS A 361 27.83 -2.84 10.39
CA LYS A 361 28.55 -4.05 10.02
C LYS A 361 30.02 -4.02 10.43
N GLY A 362 30.55 -2.86 10.83
CA GLY A 362 31.91 -2.76 11.31
C GLY A 362 32.86 -2.00 10.41
N ILE A 363 32.46 -1.60 9.20
CA ILE A 363 33.34 -0.84 8.32
C ILE A 363 33.21 0.65 8.61
N CYS A 364 34.34 1.34 8.61
CA CYS A 364 34.38 2.78 8.86
C CYS A 364 34.52 3.51 7.54
N PHE A 365 33.57 4.40 7.25
CA PHE A 365 33.55 5.15 6.00
C PHE A 365 33.81 6.62 6.31
N PHE A 366 34.75 7.22 5.58
CA PHE A 366 35.06 8.62 5.75
C PHE A 366 34.44 9.45 4.63
N THR A 367 33.94 10.62 5.01
CA THR A 367 33.41 11.59 4.05
C THR A 367 34.26 12.85 4.14
N ASP A 368 34.63 13.39 2.97
CA ASP A 368 35.67 14.40 2.91
C ASP A 368 35.23 15.76 3.45
N ILE A 369 34.23 16.37 2.81
CA ILE A 369 33.86 17.74 3.13
C ILE A 369 32.41 17.79 3.58
N LEU A 370 32.08 18.82 4.35
CA LEU A 370 30.72 19.08 4.84
C LEU A 370 30.35 20.51 4.47
N VAL A 371 29.33 20.67 3.63
CA VAL A 371 28.92 21.97 3.12
C VAL A 371 27.46 22.20 3.51
N VAL A 372 27.18 23.38 4.09
CA VAL A 372 25.84 23.80 4.44
C VAL A 372 25.53 25.09 3.71
N GLY A 373 24.31 25.21 3.20
CA GLY A 373 23.92 26.36 2.41
C GLY A 373 23.88 27.64 3.22
N GLU A 374 23.87 28.75 2.49
CA GLU A 374 23.87 30.08 3.07
C GLU A 374 22.46 30.64 3.15
N ASN A 375 22.24 31.53 4.12
CA ASN A 375 20.95 32.18 4.35
C ASN A 375 19.85 31.15 4.57
N ARG A 376 20.20 30.08 5.29
CA ARG A 376 19.29 28.98 5.63
C ARG A 376 18.66 28.34 4.40
N GLN A 377 19.31 28.42 3.26
CA GLN A 377 18.84 27.75 2.05
C GLN A 377 19.52 26.38 1.96
N THR A 378 19.19 25.61 0.92
CA THR A 378 19.81 24.31 0.70
C THR A 378 20.93 24.48 -0.31
N PHE A 379 22.07 23.85 -0.04
CA PHE A 379 23.20 23.94 -0.95
C PHE A 379 22.98 23.16 -2.24
N ASP A 380 22.31 22.00 -2.17
CA ASP A 380 22.06 21.21 -3.36
C ASP A 380 20.81 20.35 -3.22
N LEU A 381 20.18 20.04 -4.35
CA LEU A 381 19.06 19.09 -4.36
C LEU A 381 19.59 17.68 -4.59
N GLU A 382 18.69 16.74 -4.86
CA GLU A 382 19.10 15.40 -5.27
C GLU A 382 19.06 15.41 -6.80
N GLY A 383 20.14 14.97 -7.42
CA GLY A 383 20.26 15.06 -8.86
C GLY A 383 21.43 15.94 -9.27
N ASP A 384 22.01 16.65 -8.31
CA ASP A 384 23.18 17.49 -8.54
C ASP A 384 24.48 16.74 -8.32
N SER A 385 24.42 15.43 -8.10
CA SER A 385 25.62 14.62 -7.87
C SER A 385 26.55 14.72 -9.07
N GLY A 386 27.75 15.25 -8.84
CA GLY A 386 28.73 15.39 -9.90
C GLY A 386 29.14 16.83 -10.13
N SER A 387 28.33 17.77 -9.67
CA SER A 387 28.59 19.18 -9.87
C SER A 387 29.88 19.60 -9.16
N LEU A 388 30.61 20.52 -9.78
CA LEU A 388 31.87 20.99 -9.25
C LEU A 388 31.63 21.87 -8.02
N ILE A 389 32.50 21.75 -7.03
CA ILE A 389 32.49 22.62 -5.85
C ILE A 389 33.69 23.55 -5.97
N ILE A 390 33.43 24.85 -6.03
CA ILE A 390 34.45 25.85 -6.30
C ILE A 390 34.42 26.89 -5.19
N LEU A 391 35.61 27.21 -4.66
CA LEU A 391 35.73 28.28 -3.66
C LEU A 391 35.37 29.62 -4.30
N THR A 392 34.63 30.44 -3.56
CA THR A 392 34.33 31.79 -4.02
C THR A 392 35.61 32.61 -4.11
N SER A 393 35.75 33.36 -5.19
CA SER A 393 36.97 34.11 -5.45
C SER A 393 37.22 35.12 -4.32
N GLN A 394 38.45 35.16 -3.85
CA GLN A 394 38.87 36.08 -2.80
C GLN A 394 39.87 37.08 -3.36
N ASP A 395 39.82 38.31 -2.86
CA ASP A 395 40.66 39.44 -3.26
C ASP A 395 40.75 39.56 -4.79
N GLY A 396 39.65 39.19 -5.43
CA GLY A 396 39.50 39.31 -6.87
C GLY A 396 40.42 38.42 -7.69
N GLU A 397 40.62 37.18 -7.25
CA GLU A 397 41.39 36.23 -8.03
C GLU A 397 40.46 35.32 -8.83
N LYS A 398 41.02 34.30 -9.47
CA LYS A 398 40.24 33.33 -10.23
C LYS A 398 39.75 32.23 -9.31
N PRO A 399 38.44 31.96 -9.31
CA PRO A 399 37.92 30.87 -8.48
C PRO A 399 38.56 29.53 -8.84
N ARG A 400 38.78 28.70 -7.82
CA ARG A 400 39.50 27.45 -8.00
C ARG A 400 38.64 26.29 -7.49
N PRO A 401 38.30 25.33 -8.36
CA PRO A 401 37.56 24.14 -7.89
C PRO A 401 38.33 23.36 -6.84
N ILE A 402 37.62 22.81 -5.85
CA ILE A 402 38.27 22.11 -4.75
C ILE A 402 37.64 20.74 -4.55
N GLY A 403 36.60 20.42 -5.30
CA GLY A 403 35.97 19.12 -5.15
C GLY A 403 34.67 19.06 -5.92
N ILE A 404 34.00 17.91 -5.78
CA ILE A 404 32.74 17.63 -6.44
C ILE A 404 31.75 17.10 -5.40
N ILE A 405 30.47 17.19 -5.72
CA ILE A 405 29.40 16.77 -4.81
C ILE A 405 29.25 15.26 -4.88
N TRP A 406 29.19 14.62 -3.71
CA TRP A 406 28.95 13.19 -3.65
C TRP A 406 27.58 12.81 -4.20
N GLY A 407 26.53 13.45 -3.69
CA GLY A 407 25.17 13.12 -4.12
C GLY A 407 24.08 13.62 -3.21
N GLY A 408 23.11 12.76 -2.89
CA GLY A 408 21.98 13.15 -2.09
C GLY A 408 22.19 12.96 -0.61
N THR A 409 22.20 14.06 0.15
CA THR A 409 22.38 14.02 1.59
C THR A 409 21.09 14.20 2.37
N ALA A 410 19.97 14.49 1.69
CA ALA A 410 18.70 14.67 2.38
C ALA A 410 18.22 13.38 3.04
N ASN A 411 18.38 12.24 2.37
CA ASN A 411 17.97 10.97 2.96
C ASN A 411 18.79 10.65 4.21
N ARG A 412 20.08 10.96 4.18
CA ARG A 412 20.92 10.69 5.34
C ARG A 412 20.51 11.53 6.55
N GLY A 413 20.15 12.79 6.34
CA GLY A 413 19.64 13.61 7.42
C GLY A 413 20.12 15.04 7.29
N ARG A 414 19.94 15.80 8.37
CA ARG A 414 20.28 17.21 8.43
C ARG A 414 21.13 17.48 9.66
N LEU A 415 21.34 18.76 9.95
CA LEU A 415 22.01 19.17 11.17
C LEU A 415 21.35 20.43 11.70
N LYS A 416 21.43 20.61 13.01
CA LYS A 416 20.86 21.79 13.68
C LYS A 416 22.01 22.61 14.26
N LEU A 417 22.20 23.82 13.72
CA LEU A 417 23.07 24.80 14.35
C LEU A 417 22.30 25.47 15.47
N THR A 418 22.96 25.67 16.62
CA THR A 418 22.30 26.23 17.80
C THR A 418 21.58 27.52 17.46
N SER A 419 20.25 27.51 17.54
CA SER A 419 19.43 28.65 17.16
C SER A 419 17.99 28.46 17.59
N ASP A 420 17.11 29.36 17.14
CA ASP A 420 15.67 29.22 17.39
C ASP A 420 14.96 28.93 16.08
N HIS A 421 15.65 28.28 15.15
CA HIS A 421 15.10 28.00 13.83
C HIS A 421 15.15 26.50 13.58
N GLY A 422 14.52 26.08 12.48
CA GLY A 422 14.46 24.69 12.12
C GLY A 422 15.79 24.15 11.61
N PRO A 423 15.92 22.82 11.59
CA PRO A 423 17.17 22.22 11.11
C PRO A 423 17.37 22.46 9.62
N GLU A 424 18.64 22.50 9.20
CA GLU A 424 19.01 22.70 7.82
C GLU A 424 19.91 21.56 7.36
N ASN A 425 19.67 21.09 6.14
CA ASN A 425 20.42 19.96 5.60
C ASN A 425 21.82 20.38 5.18
N TRP A 426 22.68 19.38 4.99
CA TRP A 426 24.07 19.59 4.62
C TRP A 426 24.37 18.94 3.27
N THR A 427 25.62 19.08 2.83
CA THR A 427 26.07 18.54 1.56
C THR A 427 27.48 18.00 1.74
N SER A 428 27.73 16.80 1.21
CA SER A 428 29.00 16.11 1.36
C SER A 428 29.76 16.14 0.04
N GLY A 429 31.06 16.44 0.10
CA GLY A 429 31.91 16.51 -1.06
C GLY A 429 33.09 15.55 -0.99
N VAL A 430 33.86 15.57 -2.07
CA VAL A 430 35.04 14.72 -2.23
C VAL A 430 36.19 15.59 -2.72
N ASP A 431 37.39 15.38 -2.16
CA ASP A 431 38.56 16.12 -2.59
C ASP A 431 38.84 15.89 -4.08
N LEU A 432 39.08 16.99 -4.80
CA LEU A 432 39.37 16.90 -6.23
C LEU A 432 40.78 16.44 -6.48
N GLY A 433 41.73 16.84 -5.64
CA GLY A 433 43.13 16.51 -5.85
C GLY A 433 43.45 15.04 -5.86
N ARG A 434 42.97 14.31 -4.85
CA ARG A 434 43.27 12.88 -4.73
C ARG A 434 42.24 12.02 -5.44
N LEU A 435 41.37 12.68 -6.21
CA LEU A 435 40.44 11.98 -7.09
C LEU A 435 40.91 12.18 -8.53
N LEU A 436 41.72 13.21 -8.75
CA LEU A 436 42.43 13.40 -9.99
C LEU A 436 43.78 12.69 -10.01
N ASP A 437 44.41 12.51 -8.84
CA ASP A 437 45.64 11.74 -8.73
C ASP A 437 45.38 10.25 -8.85
N ARG A 438 44.28 9.76 -8.27
CA ARG A 438 43.95 8.34 -8.30
C ARG A 438 43.54 7.90 -9.71
N LEU A 439 43.02 8.84 -10.51
CA LEU A 439 42.70 8.56 -11.90
C LEU A 439 43.69 9.19 -12.86
N GLU A 440 44.70 9.89 -12.37
CA GLU A 440 45.74 10.52 -13.18
C GLU A 440 45.11 11.43 -14.24
N LEU A 441 44.27 12.35 -13.76
CA LEU A 441 43.52 13.25 -14.63
C LEU A 441 43.97 14.69 -14.43
N ASP A 442 43.86 15.47 -15.50
CA ASP A 442 44.31 16.87 -15.52
C ASP A 442 43.12 17.76 -15.85
N ILE A 443 42.98 18.86 -15.11
CA ILE A 443 41.89 19.82 -15.29
C ILE A 443 42.17 20.71 -16.49
N ILE A 444 41.17 20.88 -17.36
CA ILE A 444 41.26 21.77 -18.51
C ILE A 444 40.45 23.02 -18.21
N ILE A 445 41.13 24.17 -18.15
CA ILE A 445 40.47 25.42 -17.80
C ILE A 445 40.13 26.28 -19.02
N THR A 446 40.85 26.11 -20.13
CA THR A 446 40.69 26.98 -21.30
C THR A 446 40.80 26.14 -22.56
N ASN A 447 40.33 26.71 -23.68
CA ASN A 447 40.33 26.02 -24.95
C ASN A 447 41.72 25.83 -25.55
N GLU A 448 42.71 26.61 -25.10
CA GLU A 448 44.08 26.41 -25.58
C GLU A 448 44.63 25.05 -25.19
N SER A 449 44.33 24.60 -23.97
CA SER A 449 44.69 23.25 -23.53
C SER A 449 43.76 22.19 -24.08
N LEU A 450 42.63 22.59 -24.67
CA LEU A 450 41.70 21.63 -25.26
C LEU A 450 42.01 21.38 -26.73
N GLN A 451 42.23 22.47 -27.49
CA GLN A 451 42.53 22.32 -28.91
C GLN A 451 43.86 21.62 -29.14
N ASP A 452 44.88 21.98 -28.35
CA ASP A 452 46.22 21.43 -28.52
C ASP A 452 46.32 19.97 -28.09
N ALA A 453 45.47 19.52 -27.16
CA ALA A 453 45.55 18.18 -26.63
C ALA A 453 44.47 17.25 -27.17
N VAL A 454 43.77 17.64 -28.22
CA VAL A 454 42.74 16.80 -28.82
C VAL A 454 43.38 16.00 -29.95
N GLN A 455 44.67 16.23 -30.19
CA GLN A 455 45.40 15.55 -31.24
C GLN A 455 45.63 14.08 -30.88
N LYS B 87 -42.74 34.72 27.45
CA LYS B 87 -43.41 35.40 28.56
C LYS B 87 -42.72 35.11 29.89
N GLY B 88 -41.76 34.19 29.87
CA GLY B 88 -41.02 33.78 31.04
C GLY B 88 -39.66 34.44 31.11
N GLN B 89 -38.71 33.72 31.72
CA GLN B 89 -37.35 34.22 31.90
C GLN B 89 -36.44 33.64 30.82
N GLN B 90 -35.36 34.35 30.52
CA GLN B 90 -34.41 33.94 29.49
C GLN B 90 -33.21 33.27 30.16
N ALA B 91 -32.50 32.44 29.39
CA ALA B 91 -31.30 31.77 29.88
C ALA B 91 -30.26 32.79 30.32
N ASN B 92 -29.67 32.56 31.51
CA ASN B 92 -28.70 33.51 32.03
C ASN B 92 -27.50 32.84 32.68
N SER B 93 -27.37 31.51 32.61
CA SER B 93 -26.23 30.83 33.21
C SER B 93 -26.05 29.48 32.54
N LEU B 94 -25.04 28.74 33.00
CA LEU B 94 -24.71 27.45 32.39
C LEU B 94 -25.68 26.37 32.83
N LEU B 95 -25.77 26.12 34.14
CA LEU B 95 -26.60 25.03 34.65
C LEU B 95 -28.05 25.49 34.72
N ASP B 96 -28.97 24.52 34.62
CA ASP B 96 -30.42 24.75 34.61
C ASP B 96 -30.88 25.43 33.32
N LEU B 97 -29.94 25.78 32.45
CA LEU B 97 -30.24 26.18 31.08
C LEU B 97 -29.51 25.28 30.10
N MET B 98 -28.66 24.38 30.63
CA MET B 98 -28.15 23.26 29.87
C MET B 98 -29.08 22.05 29.95
N THR B 99 -29.91 21.94 30.99
CA THR B 99 -30.96 20.94 31.05
C THR B 99 -32.06 21.17 30.01
N ILE B 100 -32.13 22.37 29.44
CA ILE B 100 -33.01 22.61 28.30
C ILE B 100 -32.66 21.72 27.12
N ARG B 101 -31.37 21.54 26.83
CA ARG B 101 -30.92 20.53 25.89
C ARG B 101 -31.26 19.11 26.36
N ALA B 102 -31.11 18.83 27.66
CA ALA B 102 -31.52 17.54 28.20
C ALA B 102 -33.02 17.34 28.04
N PHE B 103 -33.80 18.40 28.22
CA PHE B 103 -35.24 18.30 28.02
C PHE B 103 -35.59 18.06 26.56
N HIS B 104 -34.79 18.60 25.64
CA HIS B 104 -35.07 18.50 24.21
C HIS B 104 -33.98 17.72 23.46
N SER B 105 -33.49 16.63 24.02
CA SER B 105 -32.46 15.81 23.38
C SER B 105 -33.05 14.78 22.43
N LYS B 106 -34.31 14.97 22.01
CA LYS B 106 -34.97 14.05 21.09
C LYS B 106 -34.91 14.53 19.66
N ILE B 107 -35.14 15.83 19.42
CA ILE B 107 -35.13 16.38 18.07
C ILE B 107 -33.81 17.03 17.70
N LEU B 108 -32.91 17.26 18.66
CA LEU B 108 -31.66 17.96 18.36
C LEU B 108 -30.69 17.07 17.60
N ARG B 109 -30.56 15.80 18.03
CA ARG B 109 -29.54 14.94 17.45
C ARG B 109 -30.06 14.10 16.28
N ARG B 110 -31.28 14.33 15.81
CA ARG B 110 -31.78 13.58 14.66
C ARG B 110 -30.94 13.87 13.41
N PHE B 111 -30.59 15.13 13.19
CA PHE B 111 -29.76 15.53 12.04
C PHE B 111 -28.59 16.40 12.47
N SER B 112 -27.88 16.00 13.51
CA SER B 112 -26.74 16.78 13.99
C SER B 112 -25.66 15.83 14.49
N LEU B 113 -24.42 16.32 14.46
CA LEU B 113 -23.26 15.54 14.91
C LEU B 113 -22.89 15.85 16.36
N GLY B 114 -23.62 16.74 17.03
CA GLY B 114 -23.30 17.08 18.40
C GLY B 114 -24.04 18.33 18.81
N THR B 115 -23.91 18.66 20.10
CA THR B 115 -24.60 19.81 20.67
C THR B 115 -23.85 20.35 21.89
N ALA B 116 -23.73 21.67 21.98
CA ALA B 116 -23.08 22.32 23.11
C ALA B 116 -23.93 23.51 23.54
N VAL B 117 -23.49 24.20 24.59
CA VAL B 117 -24.19 25.37 25.11
C VAL B 117 -23.20 26.51 25.24
N GLY B 118 -23.61 27.70 24.80
CA GLY B 118 -22.75 28.86 24.86
C GLY B 118 -23.43 30.12 24.38
N PHE B 119 -22.72 30.95 23.61
CA PHE B 119 -23.26 32.18 23.06
C PHE B 119 -23.51 32.01 21.57
N ARG B 120 -24.60 32.61 21.10
CA ARG B 120 -24.99 32.49 19.70
C ARG B 120 -23.96 33.15 18.80
N ILE B 121 -23.59 32.47 17.71
CA ILE B 121 -22.65 33.00 16.74
C ILE B 121 -23.42 33.40 15.49
N ARG B 122 -23.33 34.67 15.13
CA ARG B 122 -24.06 35.21 13.97
C ARG B 122 -23.10 36.06 13.16
N LYS B 123 -23.06 35.82 11.85
CA LYS B 123 -22.22 36.58 10.92
C LYS B 123 -20.74 36.46 11.26
N GLY B 124 -20.35 35.38 11.93
CA GLY B 124 -18.97 35.08 12.19
C GLY B 124 -18.42 35.61 13.50
N ASP B 125 -19.17 36.43 14.22
CA ASP B 125 -18.72 37.00 15.49
C ASP B 125 -19.54 36.44 16.64
N LEU B 126 -18.94 36.39 17.82
CA LEU B 126 -19.63 35.87 18.98
C LEU B 126 -20.50 36.95 19.62
N THR B 127 -21.80 36.67 19.71
CA THR B 127 -22.75 37.62 20.28
C THR B 127 -22.90 37.40 21.78
N ASP B 128 -23.82 38.15 22.40
CA ASP B 128 -24.02 37.98 23.85
C ASP B 128 -25.35 37.32 24.19
N ILE B 129 -26.08 36.76 23.22
CA ILE B 129 -27.36 36.12 23.46
C ILE B 129 -27.10 34.65 23.80
N PRO B 130 -27.48 34.18 24.98
CA PRO B 130 -27.33 32.76 25.28
C PRO B 130 -28.12 31.91 24.29
N ALA B 131 -27.53 30.78 23.89
CA ALA B 131 -28.14 29.92 22.89
C ALA B 131 -27.61 28.50 23.06
N ILE B 132 -28.10 27.60 22.22
CA ILE B 132 -27.62 26.22 22.20
C ILE B 132 -27.08 25.93 20.80
N LEU B 133 -25.77 25.74 20.70
CA LEU B 133 -25.14 25.51 19.40
C LEU B 133 -25.43 24.10 18.92
N VAL B 134 -25.86 23.98 17.66
CA VAL B 134 -26.11 22.69 17.05
C VAL B 134 -25.11 22.46 15.93
N PHE B 135 -24.33 21.39 16.04
CA PHE B 135 -23.25 21.12 15.09
C PHE B 135 -23.69 20.20 13.97
N VAL B 136 -23.88 20.75 12.77
CA VAL B 136 -24.23 19.98 11.59
C VAL B 136 -23.04 19.90 10.66
N ALA B 137 -23.02 18.88 9.80
CA ALA B 137 -21.93 18.69 8.85
C ALA B 137 -22.10 19.51 7.58
N ARG B 138 -23.27 20.10 7.36
CA ARG B 138 -23.51 20.89 6.15
C ARG B 138 -24.64 21.86 6.42
N LYS B 139 -24.32 23.15 6.38
CA LYS B 139 -25.29 24.22 6.67
C LYS B 139 -25.80 24.79 5.35
N VAL B 140 -26.94 24.29 4.89
CA VAL B 140 -27.55 24.76 3.65
C VAL B 140 -28.55 25.86 3.98
N HIS B 141 -28.91 26.67 2.97
CA HIS B 141 -29.88 27.74 3.12
C HIS B 141 -31.26 27.12 3.22
N LYS B 142 -32.17 27.80 3.91
CA LYS B 142 -33.50 27.24 4.14
C LYS B 142 -34.31 27.50 2.86
N LYS B 143 -33.99 26.75 1.81
CA LYS B 143 -34.87 26.63 0.65
C LYS B 143 -34.83 25.19 0.14
N TRP B 144 -33.82 24.44 0.58
CA TRP B 144 -33.58 23.07 0.12
C TRP B 144 -33.79 22.07 1.26
N LEU B 145 -34.65 22.41 2.21
CA LEU B 145 -34.88 21.58 3.38
C LEU B 145 -36.36 21.27 3.50
N ASN B 146 -36.68 19.98 3.65
CA ASN B 146 -38.08 19.79 4.03
C ASN B 146 -38.27 20.17 5.50
N PRO B 147 -39.47 20.58 5.90
CA PRO B 147 -39.67 21.12 7.26
C PRO B 147 -39.32 20.14 8.37
N ALA B 148 -39.15 18.86 8.05
CA ALA B 148 -38.90 17.84 9.06
C ALA B 148 -37.58 18.09 9.79
N GLN B 149 -36.52 18.44 9.05
CA GLN B 149 -35.19 18.59 9.64
C GLN B 149 -34.79 20.05 9.88
N CYS B 150 -35.76 20.95 9.96
CA CYS B 150 -35.50 22.36 10.25
C CYS B 150 -35.69 22.58 11.74
N LEU B 151 -34.58 22.68 12.45
CA LEU B 151 -34.59 22.87 13.90
C LEU B 151 -35.19 24.23 14.25
N PRO B 152 -36.05 24.30 15.26
CA PRO B 152 -36.60 25.60 15.66
C PRO B 152 -35.53 26.48 16.29
N ALA B 153 -35.80 27.78 16.29
CA ALA B 153 -34.87 28.76 16.86
C ALA B 153 -35.12 29.03 18.34
N ILE B 154 -36.16 28.47 18.92
CA ILE B 154 -36.49 28.70 20.33
C ILE B 154 -36.87 27.37 20.96
N LEU B 155 -36.31 27.11 22.15
CA LEU B 155 -36.64 25.92 22.91
C LEU B 155 -37.10 26.33 24.30
N GLU B 156 -37.86 25.43 24.94
CA GLU B 156 -38.42 25.66 26.25
C GLU B 156 -37.88 24.63 27.24
N GLY B 157 -37.90 25.00 28.52
CA GLY B 157 -37.45 24.12 29.58
C GLY B 157 -38.36 24.17 30.79
N PRO B 158 -37.87 23.69 31.93
CA PRO B 158 -38.69 23.69 33.14
C PRO B 158 -38.81 25.07 33.77
N GLY B 159 -40.03 25.44 34.15
CA GLY B 159 -40.27 26.73 34.76
C GLY B 159 -40.39 27.89 33.81
N GLY B 160 -40.55 27.64 32.52
CA GLY B 160 -40.68 28.72 31.55
C GLY B 160 -39.38 29.45 31.28
N VAL B 161 -38.38 28.73 30.79
CA VAL B 161 -37.09 29.30 30.44
C VAL B 161 -36.84 29.02 28.96
N TRP B 162 -36.46 30.05 28.21
CA TRP B 162 -36.25 29.94 26.78
C TRP B 162 -34.84 30.38 26.41
N CYS B 163 -34.36 29.86 25.29
CA CYS B 163 -33.04 30.18 24.77
C CYS B 163 -33.04 29.99 23.27
N ASP B 164 -32.05 30.57 22.61
CA ASP B 164 -31.92 30.51 21.16
C ASP B 164 -31.22 29.21 20.74
N VAL B 165 -31.30 28.93 19.44
CA VAL B 165 -30.66 27.75 18.85
C VAL B 165 -29.78 28.24 17.72
N ASP B 166 -28.54 27.77 17.69
CA ASP B 166 -27.55 28.18 16.70
C ASP B 166 -27.17 27.00 15.83
N VAL B 167 -27.10 27.21 14.52
CA VAL B 167 -26.64 26.19 13.59
C VAL B 167 -25.24 26.55 13.11
N VAL B 168 -24.29 25.63 13.34
CA VAL B 168 -22.88 25.87 13.06
C VAL B 168 -22.34 24.71 12.24
N GLU B 169 -21.65 25.05 11.15
CA GLU B 169 -20.92 24.07 10.36
C GLU B 169 -19.77 23.53 11.19
N PHE B 170 -19.66 22.20 11.23
CA PHE B 170 -18.79 21.55 12.21
C PHE B 170 -18.35 20.21 11.67
N SER B 171 -17.03 19.99 11.59
CA SER B 171 -16.48 18.70 11.19
C SER B 171 -15.91 17.99 12.41
N TYR B 172 -15.64 16.70 12.27
CA TYR B 172 -15.11 15.91 13.37
C TYR B 172 -13.95 15.04 12.90
N GLU B 182 5.54 18.46 12.87
CA GLU B 182 5.19 19.80 12.39
C GLU B 182 5.13 20.78 13.55
N GLN B 183 6.01 20.58 14.53
CA GLN B 183 6.04 21.43 15.71
C GLN B 183 6.69 22.78 15.39
N MET B 184 6.48 23.74 16.27
CA MET B 184 7.09 25.05 16.14
C MET B 184 8.59 24.98 16.38
N PHE B 185 9.30 25.98 15.87
CA PHE B 185 10.75 26.09 16.01
C PHE B 185 11.06 27.46 16.61
N SER B 186 11.24 27.49 17.93
CA SER B 186 11.55 28.73 18.64
C SER B 186 12.49 28.38 19.78
N GLU B 187 12.73 29.34 20.67
CA GLU B 187 13.60 29.14 21.82
C GLU B 187 12.91 28.45 22.99
N LEU B 188 11.63 28.76 23.23
CA LEU B 188 10.87 28.11 24.30
C LEU B 188 10.70 26.62 24.03
N VAL B 189 10.45 26.25 22.78
CA VAL B 189 10.27 24.86 22.38
C VAL B 189 11.54 24.09 22.73
N ASP B 190 12.69 24.69 22.48
CA ASP B 190 13.97 24.08 22.85
C ASP B 190 14.13 23.94 24.36
N LYS B 191 13.69 24.93 25.14
CA LYS B 191 13.84 24.90 26.59
C LYS B 191 12.88 23.93 27.27
N LEU B 192 11.77 23.58 26.62
CA LEU B 192 10.81 22.65 27.20
C LEU B 192 11.06 21.20 26.81
N CYS B 193 12.16 20.91 26.11
CA CYS B 193 12.48 19.56 25.68
C CYS B 193 13.82 19.08 26.21
N GLY B 194 14.37 19.76 27.21
CA GLY B 194 15.58 19.31 27.86
C GLY B 194 16.79 20.21 27.74
N SER B 195 16.64 21.41 27.19
CA SER B 195 17.75 22.36 27.08
C SER B 195 17.79 23.33 28.27
N ASP B 196 16.97 23.08 29.29
CA ASP B 196 16.90 23.92 30.48
C ASP B 196 17.46 23.15 31.67
N GLU B 197 17.60 23.85 32.79
CA GLU B 197 18.09 23.27 34.03
C GLU B 197 16.98 23.11 35.06
N CYS B 198 15.73 23.16 34.61
CA CYS B 198 14.59 23.03 35.50
C CYS B 198 13.45 22.36 34.76
N ILE B 199 12.52 21.78 35.54
CA ILE B 199 11.34 21.13 35.00
C ILE B 199 10.11 21.77 35.63
N GLY B 200 9.00 21.76 34.91
CA GLY B 200 7.78 22.36 35.41
C GLY B 200 6.66 22.18 34.42
N SER B 201 5.63 23.01 34.58
CA SER B 201 4.50 23.01 33.66
C SER B 201 4.97 23.36 32.25
N GLY B 202 4.51 22.59 31.27
CA GLY B 202 4.90 22.76 29.89
C GLY B 202 6.09 21.92 29.47
N SER B 203 6.77 21.29 30.41
CA SER B 203 7.91 20.44 30.07
C SER B 203 7.45 19.16 29.38
N GLN B 204 8.36 18.56 28.63
CA GLN B 204 8.06 17.33 27.89
C GLN B 204 8.24 16.13 28.80
N VAL B 205 7.21 15.30 28.88
CA VAL B 205 7.23 14.06 29.65
C VAL B 205 6.92 12.92 28.70
N ALA B 206 7.72 11.85 28.78
CA ALA B 206 7.64 10.77 27.81
C ALA B 206 7.56 9.43 28.52
N SER B 207 6.81 8.51 27.91
CA SER B 207 6.77 7.12 28.29
C SER B 207 7.51 6.30 27.22
N HIS B 208 7.52 4.98 27.38
CA HIS B 208 8.26 4.13 26.45
C HIS B 208 7.72 4.21 25.04
N GLU B 209 6.44 4.58 24.87
CA GLU B 209 5.82 4.65 23.55
C GLU B 209 5.44 6.07 23.20
N THR B 210 4.68 6.76 24.05
CA THR B 210 4.03 8.01 23.67
C THR B 210 4.82 9.26 24.06
N PHE B 211 4.27 10.42 23.73
CA PHE B 211 4.86 11.71 24.07
C PHE B 211 3.76 12.59 24.66
N GLY B 212 4.17 13.51 25.54
CA GLY B 212 3.20 14.37 26.20
C GLY B 212 3.78 15.63 26.80
N THR B 213 2.98 16.33 27.60
CA THR B 213 3.37 17.58 28.21
C THR B 213 3.01 17.56 29.69
N LEU B 214 3.86 18.19 30.50
CA LEU B 214 3.65 18.23 31.94
C LEU B 214 2.56 19.24 32.28
N GLY B 215 1.58 18.82 33.08
CA GLY B 215 0.50 19.69 33.46
C GLY B 215 0.90 20.77 34.45
N ALA B 216 1.23 20.38 35.68
CA ALA B 216 1.64 21.29 36.73
C ALA B 216 2.32 20.50 37.84
N ILE B 217 2.72 21.23 38.89
CA ILE B 217 3.36 20.63 40.07
C ILE B 217 2.31 20.66 41.18
N VAL B 218 2.07 19.51 41.79
CA VAL B 218 0.90 19.34 42.66
C VAL B 218 1.24 18.61 43.95
N LYS B 219 0.31 18.64 44.91
CA LYS B 219 0.39 17.85 46.12
C LYS B 219 -0.94 17.14 46.33
N ARG B 220 -0.88 15.92 46.86
CA ARG B 220 -2.09 15.24 47.31
C ARG B 220 -2.49 15.80 48.67
N ARG B 221 -3.80 15.97 48.85
CA ARG B 221 -4.33 16.67 50.01
C ARG B 221 -4.47 15.79 51.25
N THR B 222 -4.17 14.50 51.15
CA THR B 222 -4.25 13.61 52.30
C THR B 222 -3.07 12.64 52.23
N GLY B 223 -2.89 11.86 53.29
CA GLY B 223 -1.87 10.83 53.33
C GLY B 223 -0.43 11.31 53.27
N ASN B 224 0.32 10.78 52.32
CA ASN B 224 1.76 11.00 52.21
C ASN B 224 2.09 12.47 51.95
N LYS B 225 1.24 13.15 51.17
CA LYS B 225 1.42 14.55 50.81
C LYS B 225 2.72 14.77 50.04
N GLN B 226 3.12 13.78 49.25
CA GLN B 226 4.32 13.91 48.43
C GLN B 226 4.03 14.78 47.21
N VAL B 227 5.02 15.57 46.80
CA VAL B 227 4.87 16.49 45.68
C VAL B 227 5.12 15.77 44.36
N GLY B 228 4.07 15.61 43.56
CA GLY B 228 4.21 14.99 42.25
C GLY B 228 3.84 15.91 41.11
N PHE B 229 3.25 15.35 40.06
CA PHE B 229 2.78 16.13 38.91
C PHE B 229 1.62 15.37 38.29
N LEU B 230 0.88 16.04 37.41
CA LEU B 230 -0.32 15.49 36.82
C LEU B 230 -0.30 15.66 35.31
N THR B 231 -0.86 14.69 34.59
CA THR B 231 -1.00 14.76 33.14
C THR B 231 -2.22 13.96 32.70
N ASN B 232 -2.35 13.70 31.40
CA ASN B 232 -3.46 12.93 30.87
C ASN B 232 -3.04 11.47 30.76
N HIS B 233 -3.96 10.54 30.77
CA HIS B 233 -3.53 9.17 30.72
C HIS B 233 -3.23 8.60 29.40
N HIS B 234 -3.64 9.22 28.33
CA HIS B 234 -3.35 8.71 27.04
C HIS B 234 -1.89 8.77 26.83
N VAL B 235 -1.20 9.44 27.76
CA VAL B 235 0.25 9.38 27.70
C VAL B 235 0.81 8.57 28.88
N ALA B 236 0.10 8.58 30.00
CA ALA B 236 0.62 7.97 31.22
C ALA B 236 0.38 6.47 31.24
N VAL B 237 -0.88 6.04 31.21
CA VAL B 237 -1.23 4.66 31.53
C VAL B 237 -1.15 3.77 30.30
N ASP B 238 -0.90 2.48 30.52
CA ASP B 238 -1.01 1.46 29.50
C ASP B 238 -1.42 0.14 30.17
N LEU B 239 -2.41 -0.53 29.63
CA LEU B 239 -2.85 -1.71 30.29
C LEU B 239 -2.27 -2.90 29.59
N ASP B 240 -1.18 -2.71 28.91
CA ASP B 240 -0.49 -3.81 28.27
C ASP B 240 0.90 -3.81 28.85
N TYR B 241 1.03 -3.34 30.08
CA TYR B 241 2.30 -3.32 30.75
C TYR B 241 1.94 -3.12 32.21
N PRO B 242 2.63 -3.81 33.11
CA PRO B 242 2.37 -3.71 34.55
C PRO B 242 2.82 -2.39 35.15
N ASN B 243 3.97 -1.89 34.68
CA ASN B 243 4.49 -0.61 35.12
C ASN B 243 4.79 0.26 33.90
N GLN B 244 4.33 1.51 33.95
CA GLN B 244 4.65 2.52 32.94
C GLN B 244 5.30 3.69 33.65
N LYS B 245 6.55 3.95 33.32
CA LYS B 245 7.34 4.95 34.02
C LYS B 245 7.55 6.18 33.15
N MET B 246 7.81 7.31 33.80
CA MET B 246 7.98 8.59 33.14
C MET B 246 9.44 9.04 33.18
N PHE B 247 9.93 9.48 32.03
CA PHE B 247 11.30 9.96 31.86
C PHE B 247 11.28 11.33 31.20
N HIS B 248 12.32 12.11 31.50
CA HIS B 248 12.43 13.44 30.92
C HIS B 248 13.86 13.68 30.44
N PRO B 249 14.05 14.03 29.16
CA PRO B 249 13.04 14.21 28.12
C PRO B 249 12.62 12.91 27.44
N LEU B 250 13.49 11.89 27.43
CA LEU B 250 13.24 10.68 26.65
C LEU B 250 13.50 9.47 27.55
N PRO B 251 12.87 8.34 27.24
CA PRO B 251 13.15 7.13 28.01
C PRO B 251 14.56 6.62 27.70
N PRO B 252 15.12 5.78 28.58
CA PRO B 252 16.50 5.31 28.35
C PRO B 252 16.67 4.47 27.09
N ASN B 253 15.58 3.93 26.52
CA ASN B 253 15.64 3.15 25.31
C ASN B 253 15.49 4.02 24.06
N LEU B 254 15.36 5.34 24.23
CA LEU B 254 15.20 6.23 23.09
C LEU B 254 16.22 7.37 23.14
N GLY B 255 16.81 7.59 24.31
CA GLY B 255 17.79 8.64 24.47
C GLY B 255 18.08 8.96 25.92
N PRO B 256 18.90 9.99 26.15
CA PRO B 256 19.22 10.39 27.53
C PRO B 256 17.98 10.95 28.24
N GLY B 257 17.93 10.72 29.55
CA GLY B 257 16.82 11.21 30.35
C GLY B 257 17.01 10.87 31.80
N VAL B 258 16.08 11.35 32.63
CA VAL B 258 16.06 11.10 34.06
C VAL B 258 14.72 10.45 34.40
N TYR B 259 14.73 9.60 35.44
CA TYR B 259 13.53 8.87 35.81
C TYR B 259 12.67 9.71 36.76
N LEU B 260 11.42 9.95 36.36
CA LEU B 260 10.51 10.79 37.14
C LEU B 260 9.69 9.97 38.13
N GLY B 261 8.91 9.02 37.63
CA GLY B 261 8.07 8.22 38.50
C GLY B 261 7.19 7.28 37.71
N ALA B 262 6.14 6.80 38.38
CA ALA B 262 5.19 5.87 37.79
C ALA B 262 3.79 6.36 38.09
N VAL B 263 2.80 5.79 37.40
CA VAL B 263 1.42 6.20 37.57
C VAL B 263 0.86 5.63 38.88
N GLU B 264 0.15 6.48 39.63
CA GLU B 264 -0.48 6.05 40.88
C GLU B 264 -1.99 6.08 40.76
N ARG B 265 -2.56 7.22 40.35
CA ARG B 265 -4.02 7.28 40.22
C ARG B 265 -4.41 7.79 38.83
N ALA B 266 -5.36 7.09 38.19
CA ALA B 266 -5.89 7.57 36.91
C ALA B 266 -7.33 7.10 36.76
N THR B 267 -8.28 7.99 37.05
CA THR B 267 -9.70 7.69 36.90
C THR B 267 -10.08 7.83 35.43
N SER B 268 -10.68 6.76 34.90
CA SER B 268 -11.12 6.67 33.52
C SER B 268 -12.42 7.44 33.32
N PHE B 269 -13.11 7.22 32.20
CA PHE B 269 -14.38 7.89 31.96
C PHE B 269 -15.28 7.79 33.17
N ILE B 270 -15.86 8.93 33.55
CA ILE B 270 -16.64 9.06 34.78
C ILE B 270 -18.03 9.56 34.43
N THR B 271 -19.03 9.13 35.21
CA THR B 271 -20.42 9.47 34.96
C THR B 271 -20.67 10.95 35.23
N ASP B 272 -21.82 11.43 34.75
CA ASP B 272 -22.12 12.86 34.81
C ASP B 272 -22.64 13.28 36.18
N ASP B 273 -23.25 12.36 36.94
CA ASP B 273 -23.89 12.73 38.19
C ASP B 273 -22.89 13.28 39.20
N VAL B 274 -21.74 12.63 39.37
CA VAL B 274 -20.74 13.12 40.31
C VAL B 274 -19.94 14.29 39.72
N TRP B 275 -19.79 14.34 38.39
CA TRP B 275 -18.99 15.37 37.76
C TRP B 275 -19.70 16.72 37.76
N TYR B 276 -20.88 16.78 37.12
CA TYR B 276 -21.62 18.04 37.07
C TYR B 276 -22.53 18.18 38.28
N GLY B 277 -23.36 17.18 38.53
CA GLY B 277 -24.33 17.24 39.60
C GLY B 277 -25.75 17.07 39.10
N ILE B 278 -26.02 17.59 37.90
CA ILE B 278 -27.34 17.49 37.28
C ILE B 278 -27.40 16.20 36.47
N TYR B 279 -28.63 15.71 36.19
CA TYR B 279 -28.85 14.57 35.30
C TYR B 279 -28.92 15.13 33.88
N ALA B 280 -27.76 15.40 33.30
CA ALA B 280 -27.67 16.05 31.99
C ALA B 280 -27.75 15.01 30.87
N GLY B 281 -28.97 14.59 30.58
CA GLY B 281 -29.25 13.66 29.51
C GLY B 281 -30.23 12.60 29.95
N THR B 282 -30.96 12.07 28.98
CA THR B 282 -31.93 10.99 29.21
C THR B 282 -31.34 9.64 28.79
N ASN B 283 -30.04 9.48 28.96
CA ASN B 283 -29.33 8.26 28.60
C ASN B 283 -28.87 7.55 29.85
N PRO B 284 -29.22 6.26 30.02
CA PRO B 284 -28.80 5.56 31.25
C PRO B 284 -27.29 5.52 31.44
N GLU B 285 -26.53 5.43 30.36
CA GLU B 285 -25.07 5.39 30.41
C GLU B 285 -24.53 6.66 29.76
N THR B 286 -24.31 7.69 30.59
CA THR B 286 -23.74 8.95 30.15
C THR B 286 -22.43 9.16 30.91
N PHE B 287 -21.34 9.36 30.18
CA PHE B 287 -20.02 9.52 30.76
C PHE B 287 -19.36 10.80 30.25
N VAL B 288 -18.42 11.31 31.03
CA VAL B 288 -17.56 12.41 30.60
C VAL B 288 -16.12 11.93 30.70
N ARG B 289 -15.33 12.18 29.65
CA ARG B 289 -13.95 11.70 29.61
C ARG B 289 -13.03 12.64 30.39
N ALA B 290 -12.89 12.40 31.69
CA ALA B 290 -12.02 13.20 32.54
C ALA B 290 -10.67 12.48 32.70
N ASP B 291 -9.92 12.41 31.60
CA ASP B 291 -8.62 11.77 31.66
C ASP B 291 -7.64 12.58 32.49
N GLY B 292 -6.94 11.89 33.37
CA GLY B 292 -5.95 12.50 34.24
C GLY B 292 -5.19 11.42 34.98
N ALA B 293 -4.00 11.79 35.44
CA ALA B 293 -3.13 10.81 36.10
C ALA B 293 -2.18 11.54 37.04
N PHE B 294 -2.19 11.18 38.32
CA PHE B 294 -1.22 11.68 39.28
C PHE B 294 0.01 10.78 39.30
N ILE B 295 1.16 11.37 39.02
CA ILE B 295 2.40 10.61 38.91
C ILE B 295 3.37 11.08 39.99
N PRO B 296 3.59 10.28 41.04
CA PRO B 296 4.54 10.67 42.08
C PRO B 296 5.97 10.78 41.55
N PHE B 297 6.73 11.70 42.13
CA PHE B 297 8.14 11.83 41.81
C PHE B 297 8.94 10.70 42.44
N ALA B 298 10.09 10.37 41.85
CA ALA B 298 10.94 9.30 42.35
C ALA B 298 11.50 9.62 43.74
N ASP B 299 11.84 8.59 44.50
CA ASP B 299 12.41 8.76 45.82
C ASP B 299 13.76 9.48 45.76
N ASP B 300 14.55 9.17 44.73
CA ASP B 300 15.88 9.73 44.58
C ASP B 300 15.91 10.76 43.45
N PHE B 301 14.78 11.44 43.22
CA PHE B 301 14.70 12.48 42.21
C PHE B 301 15.07 13.83 42.82
N ASP B 302 15.91 14.58 42.11
CA ASP B 302 16.35 15.88 42.56
C ASP B 302 15.19 16.88 42.44
N ILE B 303 14.61 17.24 43.58
CA ILE B 303 13.49 18.18 43.63
C ILE B 303 14.01 19.59 43.42
N SER B 304 15.28 19.82 43.77
CA SER B 304 15.89 21.13 43.75
C SER B 304 16.09 21.69 42.34
N THR B 305 15.63 20.97 41.31
CA THR B 305 15.73 21.44 39.93
C THR B 305 14.37 21.39 39.25
N VAL B 306 13.31 21.68 40.01
CA VAL B 306 11.98 21.85 39.46
C VAL B 306 11.45 23.20 39.92
N THR B 307 10.54 23.76 39.14
CA THR B 307 10.06 25.12 39.37
C THR B 307 8.55 25.19 39.17
N THR B 308 7.96 26.27 39.66
CA THR B 308 6.54 26.54 39.49
C THR B 308 6.25 27.60 38.44
N VAL B 309 7.28 28.26 37.89
CA VAL B 309 7.07 29.26 36.86
C VAL B 309 6.65 28.57 35.57
N VAL B 310 5.64 29.12 34.91
CA VAL B 310 5.00 28.49 33.76
C VAL B 310 5.93 28.62 32.55
N ARG B 311 6.95 29.48 32.67
CA ARG B 311 7.94 29.69 31.62
C ARG B 311 7.30 30.22 30.35
N GLY B 312 6.70 31.41 30.43
CA GLY B 312 6.04 32.03 29.30
C GLY B 312 4.73 32.70 29.62
N VAL B 313 4.17 32.47 30.80
CA VAL B 313 2.93 33.12 31.22
C VAL B 313 3.25 33.98 32.45
N GLY B 314 4.36 33.67 33.10
CA GLY B 314 4.75 34.41 34.30
C GLY B 314 4.43 33.61 35.54
N ASP B 315 3.71 34.23 36.47
CA ASP B 315 3.31 33.59 37.72
C ASP B 315 1.79 33.42 37.71
N ILE B 316 1.34 32.18 37.91
CA ILE B 316 -0.09 31.89 37.94
C ILE B 316 -0.58 31.95 39.38
N GLY B 317 -1.87 32.22 39.55
CA GLY B 317 -2.50 32.25 40.85
C GLY B 317 -3.13 30.91 41.21
N ASP B 318 -4.01 30.96 42.21
CA ASP B 318 -4.73 29.78 42.63
C ASP B 318 -5.65 29.30 41.51
N VAL B 319 -6.01 28.01 41.56
CA VAL B 319 -6.86 27.43 40.54
C VAL B 319 -8.22 28.13 40.55
N LYS B 320 -8.73 28.42 39.35
CA LYS B 320 -10.04 29.05 39.18
C LYS B 320 -11.04 27.96 38.79
N VAL B 321 -11.93 27.61 39.72
CA VAL B 321 -12.95 26.61 39.45
C VAL B 321 -14.02 27.24 38.58
N ILE B 322 -14.62 26.44 37.71
CA ILE B 322 -15.70 26.87 36.83
C ILE B 322 -17.00 26.74 37.62
N ASP B 323 -17.39 27.80 38.30
CA ASP B 323 -18.63 27.81 39.08
C ASP B 323 -19.82 27.83 38.12
N LEU B 324 -20.71 26.85 38.30
CA LEU B 324 -21.86 26.68 37.40
C LEU B 324 -23.08 27.47 37.85
N GLN B 325 -22.89 28.51 38.66
CA GLN B 325 -24.01 29.38 39.02
C GLN B 325 -23.73 30.85 38.71
N CYS B 326 -22.64 31.14 37.99
CA CYS B 326 -22.26 32.50 37.63
C CYS B 326 -22.86 32.87 36.27
N PRO B 327 -22.88 34.15 35.91
CA PRO B 327 -23.37 34.53 34.58
C PRO B 327 -22.56 33.91 33.46
N LEU B 328 -23.21 33.75 32.31
CA LEU B 328 -22.61 33.05 31.18
C LEU B 328 -21.39 33.77 30.62
N ASN B 329 -21.20 35.05 30.92
CA ASN B 329 -20.08 35.83 30.41
C ASN B 329 -18.84 35.66 31.27
N SER B 330 -18.81 34.66 32.14
CA SER B 330 -17.65 34.39 32.99
C SER B 330 -16.74 33.33 32.42
N LEU B 331 -17.23 32.47 31.53
CA LEU B 331 -16.38 31.47 30.89
C LEU B 331 -16.37 31.65 29.38
N ILE B 332 -17.54 31.83 28.79
CA ILE B 332 -17.68 31.95 27.34
C ILE B 332 -17.21 33.32 26.88
N GLY B 333 -16.31 33.34 25.90
CA GLY B 333 -15.82 34.58 25.32
C GLY B 333 -14.55 35.13 25.94
N ARG B 334 -14.01 34.53 26.99
CA ARG B 334 -12.79 35.03 27.61
C ARG B 334 -11.55 34.50 26.89
N GLN B 335 -10.43 35.17 27.15
CA GLN B 335 -9.17 34.85 26.49
C GLN B 335 -8.41 33.80 27.31
N VAL B 336 -7.93 32.75 26.64
CA VAL B 336 -7.15 31.71 27.29
C VAL B 336 -5.79 31.60 26.62
N CYS B 337 -4.87 30.86 27.24
CA CYS B 337 -3.54 30.65 26.69
C CYS B 337 -3.02 29.31 27.18
N LYS B 338 -1.88 28.89 26.62
CA LYS B 338 -1.31 27.60 26.98
C LYS B 338 0.19 27.64 26.71
N VAL B 339 0.89 26.66 27.28
CA VAL B 339 2.30 26.43 27.01
C VAL B 339 2.47 24.96 26.63
N GLY B 340 2.98 24.71 25.43
CA GLY B 340 3.10 23.36 24.93
C GLY B 340 4.52 23.06 24.49
N ARG B 341 4.87 21.78 24.50
CA ARG B 341 6.20 21.36 24.11
C ARG B 341 6.41 21.50 22.61
N SER B 342 5.34 21.34 21.82
CA SER B 342 5.48 21.39 20.37
C SER B 342 5.12 22.77 19.81
N SER B 343 3.95 23.30 20.18
CA SER B 343 3.50 24.57 19.65
C SER B 343 3.99 25.76 20.45
N GLY B 344 4.72 25.54 21.54
CA GLY B 344 5.21 26.66 22.34
C GLY B 344 4.08 27.31 23.12
N HIS B 345 4.05 28.64 23.08
CA HIS B 345 3.04 29.43 23.78
C HIS B 345 2.08 30.02 22.75
N THR B 346 0.80 29.74 22.92
CA THR B 346 -0.25 30.23 22.04
C THR B 346 -1.40 30.79 22.86
N THR B 347 -2.36 31.41 22.17
CA THR B 347 -3.51 32.03 22.81
C THR B 347 -4.78 31.64 22.05
N GLY B 348 -5.90 31.73 22.74
CA GLY B 348 -7.17 31.38 22.14
C GLY B 348 -8.33 31.91 22.95
N THR B 349 -9.54 31.50 22.54
CA THR B 349 -10.76 31.92 23.21
C THR B 349 -11.68 30.72 23.38
N VAL B 350 -12.55 30.81 24.38
CA VAL B 350 -13.51 29.74 24.67
C VAL B 350 -14.80 30.04 23.91
N MET B 351 -15.29 29.04 23.18
CA MET B 351 -16.48 29.22 22.36
C MET B 351 -17.71 28.48 22.91
N ALA B 352 -17.53 27.33 23.52
CA ALA B 352 -18.66 26.54 23.98
C ALA B 352 -18.26 25.73 25.20
N TYR B 353 -19.27 25.28 25.94
CA TYR B 353 -19.09 24.46 27.13
C TYR B 353 -19.97 23.21 27.04
N ALA B 354 -19.46 22.11 27.60
CA ALA B 354 -20.19 20.85 27.71
C ALA B 354 -20.68 20.36 26.35
N LEU B 355 -19.72 20.11 25.47
CA LEU B 355 -20.00 19.56 24.15
C LEU B 355 -20.27 18.06 24.30
N GLU B 356 -21.38 17.60 23.74
CA GLU B 356 -21.80 16.21 23.87
C GLU B 356 -21.64 15.48 22.54
N TYR B 357 -21.08 14.28 22.61
CA TYR B 357 -20.90 13.43 21.44
C TYR B 357 -21.46 12.05 21.73
N ASN B 358 -22.23 11.52 20.78
CA ASN B 358 -22.85 10.21 20.90
C ASN B 358 -22.31 9.30 19.80
N ASP B 359 -21.83 8.13 20.19
CA ASP B 359 -21.30 7.17 19.23
C ASP B 359 -22.39 6.18 18.79
N GLU B 360 -22.03 5.34 17.82
CA GLU B 360 -22.98 4.36 17.30
C GLU B 360 -23.38 3.33 18.36
N LYS B 361 -22.43 2.94 19.20
CA LYS B 361 -22.69 1.91 20.20
C LYS B 361 -23.71 2.34 21.25
N GLY B 362 -23.90 3.65 21.45
CA GLY B 362 -24.94 4.11 22.35
C GLY B 362 -24.46 5.03 23.45
N ILE B 363 -23.20 4.88 23.88
CA ILE B 363 -22.66 5.66 24.98
C ILE B 363 -22.58 7.13 24.59
N CYS B 364 -23.10 8.00 25.44
CA CYS B 364 -23.05 9.44 25.21
C CYS B 364 -21.88 10.02 25.98
N PHE B 365 -21.03 10.78 25.29
CA PHE B 365 -19.78 11.30 25.85
C PHE B 365 -19.83 12.82 25.84
N PHE B 366 -19.56 13.43 26.98
CA PHE B 366 -19.48 14.87 27.06
C PHE B 366 -18.02 15.34 27.04
N THR B 367 -17.79 16.43 26.32
CA THR B 367 -16.51 17.12 26.33
C THR B 367 -16.74 18.52 26.86
N ASP B 368 -15.83 18.98 27.73
CA ASP B 368 -16.13 20.11 28.59
C ASP B 368 -15.89 21.46 27.91
N ILE B 369 -14.70 21.68 27.36
CA ILE B 369 -14.28 23.03 26.96
C ILE B 369 -13.94 23.02 25.48
N LEU B 370 -14.44 24.02 24.76
CA LEU B 370 -14.15 24.22 23.35
C LEU B 370 -13.31 25.49 23.20
N VAL B 371 -12.14 25.36 22.58
CA VAL B 371 -11.22 26.48 22.37
C VAL B 371 -10.80 26.51 20.92
N VAL B 372 -10.88 27.69 20.30
CA VAL B 372 -10.41 27.91 18.94
C VAL B 372 -9.31 28.97 19.00
N GLY B 373 -8.44 28.97 17.99
CA GLY B 373 -7.33 29.90 17.95
C GLY B 373 -7.72 31.30 17.55
N GLU B 374 -6.79 32.25 17.71
CA GLU B 374 -7.01 33.64 17.35
C GLU B 374 -6.28 33.95 16.04
N ASN B 375 -6.88 34.85 15.26
CA ASN B 375 -6.34 35.25 13.95
C ASN B 375 -6.14 34.03 13.04
N ARG B 376 -7.09 33.11 13.12
CA ARG B 376 -7.11 31.88 12.31
C ARG B 376 -5.87 31.01 12.55
N GLN B 377 -5.16 31.24 13.65
CA GLN B 377 -4.04 30.40 14.00
C GLN B 377 -4.52 29.18 14.81
N THR B 378 -3.68 28.17 14.88
CA THR B 378 -3.99 26.98 15.68
C THR B 378 -3.72 27.26 17.15
N PHE B 379 -4.42 26.52 18.02
CA PHE B 379 -4.25 26.65 19.45
C PHE B 379 -3.32 25.61 20.05
N ASP B 380 -3.27 24.41 19.47
CA ASP B 380 -2.37 23.37 19.94
C ASP B 380 -2.07 22.41 18.80
N LEU B 381 -0.85 21.84 18.81
CA LEU B 381 -0.46 20.83 17.83
C LEU B 381 -0.77 19.44 18.36
N GLU B 382 -0.27 18.40 17.68
CA GLU B 382 -0.42 17.03 18.16
C GLU B 382 0.80 16.77 19.04
N GLY B 383 0.54 16.39 20.29
CA GLY B 383 1.60 16.20 21.25
C GLY B 383 1.54 17.21 22.38
N ASP B 384 0.53 18.09 22.32
CA ASP B 384 0.32 19.10 23.35
C ASP B 384 -0.69 18.67 24.40
N SER B 385 -1.19 17.44 24.35
CA SER B 385 -2.16 16.96 25.31
C SER B 385 -1.56 16.95 26.70
N GLY B 386 -2.27 17.57 27.65
CA GLY B 386 -1.78 17.65 29.01
C GLY B 386 -1.27 19.02 29.39
N SER B 387 -1.31 19.95 28.45
CA SER B 387 -0.85 21.32 28.68
C SER B 387 -1.91 22.11 29.44
N LEU B 388 -1.44 22.95 30.36
CA LEU B 388 -2.33 23.75 31.18
C LEU B 388 -3.06 24.80 30.35
N ILE B 389 -4.35 24.96 30.61
CA ILE B 389 -5.16 26.01 29.98
C ILE B 389 -5.41 27.08 31.03
N ILE B 390 -4.92 28.29 30.77
CA ILE B 390 -4.95 29.38 31.73
C ILE B 390 -5.68 30.56 31.10
N LEU B 391 -6.66 31.11 31.82
CA LEU B 391 -7.34 32.32 31.38
C LEU B 391 -6.36 33.50 31.35
N THR B 392 -6.39 34.26 30.26
CA THR B 392 -5.58 35.47 30.19
C THR B 392 -6.12 36.51 31.16
N SER B 393 -5.24 37.03 32.01
CA SER B 393 -5.66 37.90 33.10
C SER B 393 -5.95 39.30 32.59
N GLN B 394 -7.12 39.82 32.94
CA GLN B 394 -7.50 41.20 32.66
C GLN B 394 -7.53 41.99 33.97
N ASP B 395 -7.52 43.31 33.83
CA ASP B 395 -7.51 44.24 34.97
C ASP B 395 -6.28 44.02 35.86
N GLY B 396 -5.24 43.48 35.23
CA GLY B 396 -3.94 43.34 35.87
C GLY B 396 -3.85 42.48 37.11
N GLU B 397 -4.58 41.36 37.15
CA GLU B 397 -4.38 40.39 38.23
C GLU B 397 -3.53 39.22 37.74
N LYS B 398 -3.39 38.19 38.56
CA LYS B 398 -2.57 37.03 38.25
C LYS B 398 -3.38 36.05 37.40
N PRO B 399 -2.76 35.48 36.37
CA PRO B 399 -3.47 34.48 35.54
C PRO B 399 -3.86 33.26 36.36
N ARG B 400 -4.98 32.65 36.01
CA ARG B 400 -5.54 31.54 36.77
C ARG B 400 -5.74 30.33 35.87
N PRO B 401 -5.10 29.20 36.15
CA PRO B 401 -5.35 27.98 35.38
C PRO B 401 -6.76 27.46 35.62
N ILE B 402 -7.41 26.99 34.56
CA ILE B 402 -8.80 26.58 34.64
C ILE B 402 -8.99 25.19 34.04
N GLY B 403 -7.97 24.66 33.38
CA GLY B 403 -8.11 23.36 32.74
C GLY B 403 -6.84 22.91 32.07
N ILE B 404 -6.90 21.70 31.52
CA ILE B 404 -5.79 21.10 30.78
C ILE B 404 -6.31 20.64 29.43
N ILE B 405 -5.41 20.51 28.47
CA ILE B 405 -5.77 20.10 27.12
C ILE B 405 -5.98 18.59 27.10
N TRP B 406 -7.08 18.15 26.48
CA TRP B 406 -7.40 16.73 26.44
C TRP B 406 -6.51 15.97 25.48
N GLY B 407 -6.55 16.32 24.19
CA GLY B 407 -5.78 15.62 23.19
C GLY B 407 -5.25 16.55 22.10
N GLY B 408 -4.21 16.09 21.41
CA GLY B 408 -3.67 16.81 20.28
C GLY B 408 -4.55 16.63 19.07
N THR B 409 -5.09 17.73 18.54
CA THR B 409 -6.12 17.68 17.52
C THR B 409 -5.52 17.96 16.14
N ALA B 410 -5.65 16.97 15.25
CA ALA B 410 -5.43 17.17 13.82
C ALA B 410 -6.54 16.48 13.06
N ASN B 411 -7.16 15.48 13.70
CA ASN B 411 -8.23 14.72 13.06
C ASN B 411 -9.58 15.06 13.66
N ARG B 412 -9.61 15.45 14.94
CA ARG B 412 -10.84 15.72 15.67
C ARG B 412 -11.04 17.22 15.75
N GLY B 413 -11.70 17.78 14.74
CA GLY B 413 -12.14 19.16 14.84
C GLY B 413 -11.88 20.04 13.63
N ARG B 414 -12.96 20.62 13.11
CA ARG B 414 -12.91 21.68 12.11
C ARG B 414 -14.28 22.35 12.04
N LEU B 415 -14.32 23.67 12.23
CA LEU B 415 -15.59 24.39 12.21
C LEU B 415 -15.41 25.68 11.42
N LYS B 416 -16.43 26.03 10.64
CA LYS B 416 -16.41 27.25 9.84
C LYS B 416 -17.17 28.34 10.59
N LEU B 417 -16.48 29.45 10.89
CA LEU B 417 -17.11 30.60 11.53
C LEU B 417 -17.52 31.69 10.56
N THR B 418 -16.70 31.96 9.54
CA THR B 418 -16.98 33.02 8.58
C THR B 418 -17.05 32.41 7.18
N SER B 419 -17.67 33.12 6.26
CA SER B 419 -17.88 32.62 4.90
C SER B 419 -16.90 33.28 3.93
N ASP B 420 -15.72 33.60 4.45
CA ASP B 420 -14.66 34.15 3.62
C ASP B 420 -13.32 33.52 3.97
N HIS B 421 -13.33 32.53 4.87
CA HIS B 421 -12.13 31.78 5.23
C HIS B 421 -12.51 30.33 5.44
N GLY B 422 -11.50 29.45 5.37
CA GLY B 422 -11.71 28.03 5.52
C GLY B 422 -11.94 27.62 6.95
N PRO B 423 -12.33 26.36 7.15
CA PRO B 423 -12.59 25.88 8.52
C PRO B 423 -11.34 25.89 9.38
N GLU B 424 -11.53 26.13 10.67
CA GLU B 424 -10.44 26.16 11.64
C GLU B 424 -10.70 25.14 12.74
N ASN B 425 -9.65 24.42 13.13
CA ASN B 425 -9.75 23.38 14.13
C ASN B 425 -9.97 23.97 15.52
N TRP B 426 -10.52 23.14 16.41
CA TRP B 426 -10.76 23.51 17.79
C TRP B 426 -10.05 22.55 18.72
N THR B 427 -9.85 23.00 19.97
CA THR B 427 -9.15 22.21 20.97
C THR B 427 -10.07 21.97 22.15
N SER B 428 -10.07 20.74 22.66
CA SER B 428 -10.95 20.32 23.75
C SER B 428 -10.15 20.22 25.04
N GLY B 429 -10.77 20.64 26.15
CA GLY B 429 -10.13 20.62 27.44
C GLY B 429 -10.99 19.97 28.52
N VAL B 430 -10.39 19.82 29.69
CA VAL B 430 -11.04 19.21 30.85
C VAL B 430 -10.93 20.18 32.02
N ASP B 431 -12.00 20.29 32.81
CA ASP B 431 -12.03 21.18 33.96
C ASP B 431 -10.94 20.83 34.98
N LEU B 432 -10.20 21.84 35.45
CA LEU B 432 -9.23 21.67 36.51
C LEU B 432 -9.83 22.22 37.80
N GLY B 433 -10.18 21.30 38.69
CA GLY B 433 -10.91 21.65 39.90
C GLY B 433 -11.95 20.60 40.24
N ARG B 434 -12.43 19.88 39.23
CA ARG B 434 -13.20 18.67 39.45
C ARG B 434 -12.40 17.46 39.00
N LEU B 435 -11.27 17.73 38.33
CA LEU B 435 -10.29 16.69 38.02
C LEU B 435 -9.25 16.73 39.13
N LEU B 436 -9.22 17.84 39.87
CA LEU B 436 -8.43 17.97 41.09
C LEU B 436 -9.16 17.40 42.29
N ASP B 437 -10.42 17.00 42.14
CA ASP B 437 -11.21 16.42 43.23
C ASP B 437 -11.25 14.90 43.14
N ARG B 438 -11.55 14.37 41.94
CA ARG B 438 -11.51 12.92 41.76
C ARG B 438 -10.09 12.37 41.82
N LEU B 439 -9.10 13.25 41.74
CA LEU B 439 -7.69 12.87 41.85
C LEU B 439 -7.07 13.62 43.02
N GLU B 440 -7.76 13.68 44.16
CA GLU B 440 -7.66 14.78 45.11
C GLU B 440 -6.26 15.39 45.22
N LEU B 441 -6.15 16.69 44.95
CA LEU B 441 -4.88 17.37 44.73
C LEU B 441 -4.84 18.77 45.34
N ASP B 442 -3.70 19.46 45.16
CA ASP B 442 -3.57 20.86 45.56
C ASP B 442 -2.47 21.45 44.68
N ILE B 443 -2.80 22.50 43.92
CA ILE B 443 -1.86 23.08 42.98
C ILE B 443 -0.86 23.95 43.73
N ILE B 444 0.42 23.76 43.43
CA ILE B 444 1.48 24.60 43.98
C ILE B 444 1.71 25.77 43.03
N ILE B 445 1.61 27.00 43.56
CA ILE B 445 1.75 28.19 42.75
C ILE B 445 2.98 29.02 43.10
N THR B 446 3.54 28.85 44.29
CA THR B 446 4.73 29.57 44.71
C THR B 446 5.88 28.59 44.94
N ASN B 447 7.10 29.14 45.05
CA ASN B 447 8.27 28.31 45.26
C ASN B 447 8.46 27.89 46.72
N GLU B 448 7.77 28.54 47.65
CA GLU B 448 7.87 28.21 49.07
C GLU B 448 6.86 27.16 49.51
N SER B 449 5.95 26.77 48.63
CA SER B 449 5.10 25.60 48.84
C SER B 449 5.81 24.33 48.38
N LEU B 450 6.96 24.46 47.73
CA LEU B 450 7.79 23.33 47.34
C LEU B 450 8.73 22.89 48.44
N GLN B 451 8.84 23.64 49.52
CA GLN B 451 9.76 23.31 50.61
C GLN B 451 9.00 22.87 51.85
N ASP B 452 7.79 22.36 51.66
CA ASP B 452 6.97 21.90 52.77
C ASP B 452 6.45 20.48 52.55
N GLY C 88 1.29 31.94 -53.71
CA GLY C 88 0.13 31.53 -52.92
C GLY C 88 -0.10 32.41 -51.71
N GLN C 89 -1.30 32.33 -51.15
CA GLN C 89 -1.66 33.12 -49.98
C GLN C 89 -1.40 32.34 -48.70
N GLN C 90 -1.28 33.06 -47.61
CA GLN C 90 -1.03 32.47 -46.30
C GLN C 90 -2.34 32.27 -45.56
N ALA C 91 -2.44 31.18 -44.80
CA ALA C 91 -3.66 30.84 -44.09
C ALA C 91 -4.11 31.97 -43.17
N ASN C 92 -5.41 32.26 -43.21
CA ASN C 92 -5.97 33.36 -42.43
C ASN C 92 -7.26 32.97 -41.71
N SER C 93 -7.55 31.68 -41.58
CA SER C 93 -8.76 31.23 -40.92
C SER C 93 -8.51 29.83 -40.37
N LEU C 94 -9.39 29.40 -39.47
CA LEU C 94 -9.28 28.08 -38.88
C LEU C 94 -9.47 26.95 -39.90
N LEU C 95 -10.38 27.13 -40.85
CA LEU C 95 -10.57 26.12 -41.90
C LEU C 95 -9.31 25.95 -42.73
N ASP C 96 -8.59 27.05 -42.99
CA ASP C 96 -7.31 26.95 -43.70
C ASP C 96 -6.23 26.30 -42.86
N LEU C 97 -6.45 26.16 -41.55
CA LEU C 97 -5.48 25.53 -40.66
C LEU C 97 -5.75 24.04 -40.44
N MET C 98 -7.01 23.62 -40.35
CA MET C 98 -7.34 22.20 -40.30
C MET C 98 -6.93 21.45 -41.55
N THR C 99 -7.15 22.03 -42.73
CA THR C 99 -6.85 21.37 -43.99
C THR C 99 -5.35 21.10 -44.14
N ILE C 100 -4.50 22.05 -43.77
CA ILE C 100 -3.06 21.85 -43.87
C ILE C 100 -2.59 20.75 -42.94
N ARG C 101 -3.04 20.74 -41.68
CA ARG C 101 -2.62 19.69 -40.76
C ARG C 101 -3.14 18.32 -41.18
N ALA C 102 -4.38 18.25 -41.67
CA ALA C 102 -4.91 16.99 -42.15
C ALA C 102 -4.09 16.49 -43.35
N PHE C 103 -3.66 17.40 -44.21
CA PHE C 103 -2.82 17.04 -45.34
C PHE C 103 -1.45 16.56 -44.89
N HIS C 104 -0.97 17.04 -43.75
CA HIS C 104 0.38 16.74 -43.28
C HIS C 104 0.40 16.00 -41.95
N SER C 105 -0.62 15.19 -41.67
CA SER C 105 -0.66 14.43 -40.42
C SER C 105 0.01 13.07 -40.58
N LYS C 106 1.25 13.07 -41.08
CA LYS C 106 2.04 11.85 -41.17
C LYS C 106 3.43 12.02 -40.56
N ILE C 107 4.06 13.19 -40.76
CA ILE C 107 5.37 13.46 -40.17
C ILE C 107 5.28 14.22 -38.86
N LEU C 108 4.09 14.66 -38.45
CA LEU C 108 3.93 15.39 -37.20
C LEU C 108 3.69 14.43 -36.03
N ARG C 109 2.95 13.36 -36.27
CA ARG C 109 2.57 12.42 -35.23
C ARG C 109 3.75 11.60 -34.74
N ARG C 110 4.83 11.53 -35.54
CA ARG C 110 5.94 10.64 -35.22
C ARG C 110 6.61 11.02 -33.90
N PHE C 111 6.88 12.30 -33.69
CA PHE C 111 7.59 12.74 -32.48
C PHE C 111 6.82 13.84 -31.73
N SER C 112 5.50 13.76 -31.70
CA SER C 112 4.71 14.74 -30.95
C SER C 112 3.59 14.00 -30.21
N LEU C 113 3.18 14.60 -29.10
CA LEU C 113 2.09 14.05 -28.28
C LEU C 113 0.73 14.62 -28.66
N GLY C 114 0.68 15.48 -29.68
CA GLY C 114 -0.56 16.09 -30.10
C GLY C 114 -0.28 17.29 -30.98
N THR C 115 -1.36 17.81 -31.56
CA THR C 115 -1.26 18.96 -32.46
C THR C 115 -2.50 19.82 -32.30
N ALA C 116 -2.35 21.10 -32.62
CA ALA C 116 -3.43 22.06 -32.55
C ALA C 116 -3.15 23.18 -33.54
N VAL C 117 -4.11 24.08 -33.70
CA VAL C 117 -4.00 25.21 -34.62
C VAL C 117 -4.28 26.49 -33.86
N GLY C 118 -3.48 27.52 -34.12
CA GLY C 118 -3.63 28.80 -33.45
C GLY C 118 -2.59 29.82 -33.87
N PHE C 119 -2.01 30.52 -32.89
CA PHE C 119 -1.00 31.53 -33.14
C PHE C 119 0.34 31.07 -32.60
N ARG C 120 1.40 31.36 -33.34
CA ARG C 120 2.75 30.97 -32.91
C ARG C 120 3.13 31.66 -31.61
N ILE C 121 3.65 30.88 -30.67
CA ILE C 121 4.09 31.39 -29.37
C ILE C 121 5.60 31.50 -29.39
N ARG C 122 6.11 32.72 -29.25
CA ARG C 122 7.55 32.97 -29.31
C ARG C 122 7.95 33.85 -28.15
N LYS C 123 9.01 33.45 -27.44
CA LYS C 123 9.56 34.21 -26.30
C LYS C 123 8.51 34.47 -25.24
N GLY C 124 7.67 33.47 -24.97
CA GLY C 124 6.73 33.52 -23.86
C GLY C 124 5.35 34.05 -24.18
N ASP C 125 5.16 34.69 -25.32
CA ASP C 125 3.86 35.26 -25.68
C ASP C 125 3.53 34.92 -27.11
N LEU C 126 2.22 34.81 -27.38
CA LEU C 126 1.76 34.47 -28.73
C LEU C 126 2.00 35.63 -29.69
N THR C 127 2.32 35.29 -30.94
CA THR C 127 2.48 36.27 -31.99
C THR C 127 1.18 36.43 -32.78
N ASP C 128 1.22 37.20 -33.85
CA ASP C 128 0.05 37.37 -34.71
C ASP C 128 0.22 36.61 -36.01
N ILE C 129 1.14 35.66 -36.03
CA ILE C 129 1.43 34.83 -37.20
C ILE C 129 0.72 33.49 -37.03
N PRO C 130 -0.23 33.15 -37.90
CA PRO C 130 -0.86 31.83 -37.79
C PRO C 130 0.15 30.71 -37.94
N ALA C 131 -0.04 29.64 -37.16
CA ALA C 131 0.90 28.53 -37.16
C ALA C 131 0.18 27.28 -36.67
N ILE C 132 0.84 26.15 -36.88
CA ILE C 132 0.34 24.85 -36.42
C ILE C 132 1.21 24.46 -35.23
N LEU C 133 0.60 24.35 -34.06
CA LEU C 133 1.36 24.04 -32.84
C LEU C 133 1.43 22.54 -32.64
N VAL C 134 2.66 22.01 -32.58
CA VAL C 134 2.90 20.60 -32.28
C VAL C 134 3.34 20.53 -30.83
N PHE C 135 2.95 19.44 -30.16
CA PHE C 135 3.17 19.30 -28.72
C PHE C 135 4.14 18.14 -28.45
N VAL C 136 5.40 18.50 -28.25
CA VAL C 136 6.42 17.50 -27.93
C VAL C 136 6.55 17.36 -26.42
N ALA C 137 7.13 16.24 -25.99
CA ALA C 137 7.37 15.99 -24.57
C ALA C 137 8.55 16.77 -24.01
N ARG C 138 9.57 17.04 -24.83
CA ARG C 138 10.76 17.74 -24.36
C ARG C 138 11.33 18.55 -25.52
N LYS C 139 11.56 19.84 -25.28
CA LYS C 139 12.06 20.75 -26.32
C LYS C 139 13.55 20.98 -26.07
N VAL C 140 14.37 20.54 -27.02
CA VAL C 140 15.82 20.68 -26.92
C VAL C 140 16.35 21.43 -28.15
N HIS C 141 17.63 21.76 -28.14
CA HIS C 141 18.26 22.46 -29.24
C HIS C 141 18.42 21.53 -30.44
N LYS C 142 18.61 22.12 -31.61
CA LYS C 142 18.75 21.39 -32.86
C LYS C 142 20.20 21.00 -33.09
N LYS C 143 20.83 20.54 -32.01
CA LYS C 143 22.21 20.07 -32.08
C LYS C 143 22.32 18.69 -31.46
N TRP C 144 21.32 18.31 -30.67
CA TRP C 144 21.23 16.98 -30.07
C TRP C 144 20.14 16.17 -30.74
N LEU C 145 19.79 16.57 -31.97
CA LEU C 145 18.70 15.96 -32.72
C LEU C 145 19.22 15.48 -34.07
N ASN C 146 18.83 14.28 -34.46
CA ASN C 146 19.14 13.87 -35.82
C ASN C 146 18.23 14.63 -36.80
N PRO C 147 18.65 14.76 -38.08
CA PRO C 147 17.87 15.54 -39.03
C PRO C 147 16.45 15.04 -39.22
N ALA C 148 16.22 13.74 -38.97
CA ALA C 148 14.87 13.19 -39.12
C ALA C 148 13.93 13.74 -38.06
N GLN C 149 14.46 14.11 -36.89
CA GLN C 149 13.65 14.58 -35.78
C GLN C 149 13.41 16.09 -35.81
N CYS C 150 14.02 16.80 -36.76
CA CYS C 150 13.88 18.26 -36.86
C CYS C 150 12.65 18.55 -37.72
N LEU C 151 11.56 18.92 -37.06
CA LEU C 151 10.31 19.25 -37.74
C LEU C 151 10.48 20.52 -38.57
N PRO C 152 10.00 20.53 -39.80
CA PRO C 152 10.10 21.75 -40.61
C PRO C 152 9.26 22.88 -40.04
N ALA C 153 9.69 24.11 -40.29
CA ALA C 153 8.99 25.28 -39.78
C ALA C 153 7.94 25.81 -40.75
N ILE C 154 7.87 25.28 -41.96
CA ILE C 154 6.92 25.75 -42.97
C ILE C 154 6.25 24.54 -43.61
N LEU C 155 4.92 24.58 -43.69
CA LEU C 155 4.14 23.54 -44.35
C LEU C 155 3.16 24.20 -45.31
N GLU C 156 2.88 23.51 -46.42
CA GLU C 156 2.00 24.03 -47.46
C GLU C 156 0.81 23.11 -47.65
N GLY C 157 -0.30 23.69 -48.11
CA GLY C 157 -1.53 22.96 -48.28
C GLY C 157 -1.91 22.76 -49.74
N PRO C 158 -3.18 22.42 -49.99
CA PRO C 158 -3.63 22.14 -51.36
C PRO C 158 -3.54 23.34 -52.29
N GLY C 159 -4.21 24.43 -51.93
CA GLY C 159 -4.29 25.60 -52.79
C GLY C 159 -3.15 26.57 -52.58
N GLY C 160 -1.94 26.05 -52.43
CA GLY C 160 -0.77 26.90 -52.23
C GLY C 160 -0.85 27.74 -50.97
N VAL C 161 -1.38 27.18 -49.90
CA VAL C 161 -1.56 27.88 -48.63
C VAL C 161 -0.48 27.40 -47.68
N TRP C 162 0.33 28.33 -47.17
CA TRP C 162 1.44 28.01 -46.30
C TRP C 162 1.20 28.57 -44.90
N CYS C 163 1.85 27.96 -43.92
CA CYS C 163 1.71 28.36 -42.52
C CYS C 163 2.96 27.97 -41.78
N ASP C 164 3.12 28.53 -40.59
CA ASP C 164 4.29 28.28 -39.75
C ASP C 164 4.03 27.07 -38.84
N VAL C 165 5.11 26.58 -38.25
CA VAL C 165 5.06 25.44 -37.33
C VAL C 165 5.73 25.87 -36.03
N ASP C 166 5.04 25.65 -34.91
CA ASP C 166 5.56 26.00 -33.60
C ASP C 166 5.68 24.75 -32.75
N VAL C 167 6.69 24.73 -31.88
CA VAL C 167 7.00 23.57 -31.05
C VAL C 167 6.73 23.96 -29.60
N VAL C 168 5.62 23.48 -29.05
CA VAL C 168 5.28 23.70 -27.65
C VAL C 168 5.56 22.42 -26.88
N GLU C 169 5.88 22.53 -25.59
CA GLU C 169 6.21 21.38 -24.75
C GLU C 169 4.97 21.08 -23.90
N PHE C 170 4.41 19.89 -24.10
CA PHE C 170 3.13 19.53 -23.50
C PHE C 170 3.32 18.58 -22.32
N SER C 171 2.20 18.12 -21.75
CA SER C 171 2.16 17.17 -20.66
C SER C 171 0.70 16.77 -20.44
N TYR C 172 0.51 15.68 -19.72
CA TYR C 172 -0.83 15.20 -19.38
C TYR C 172 -0.90 14.77 -17.93
N GLN C 183 -10.12 23.62 -2.21
CA GLN C 183 -10.80 24.56 -3.11
C GLN C 183 -10.63 26.00 -2.62
N MET C 184 -11.18 26.93 -3.38
CA MET C 184 -11.16 28.34 -2.98
C MET C 184 -12.16 28.58 -1.85
N PHE C 185 -11.88 29.62 -1.06
CA PHE C 185 -12.73 29.98 0.08
C PHE C 185 -13.10 31.47 -0.05
N SER C 186 -14.17 31.73 -0.78
CA SER C 186 -14.71 33.08 -0.96
C SER C 186 -16.20 33.07 -0.61
N GLU C 187 -16.86 34.22 -0.75
CA GLU C 187 -18.27 34.35 -0.45
C GLU C 187 -19.16 33.89 -1.59
N LEU C 188 -18.61 33.74 -2.80
CA LEU C 188 -19.38 33.24 -3.93
C LEU C 188 -19.36 31.72 -3.99
N VAL C 189 -18.25 31.09 -3.59
CA VAL C 189 -18.17 29.65 -3.51
C VAL C 189 -19.19 29.07 -2.56
N ASP C 190 -19.38 29.68 -1.39
CA ASP C 190 -20.40 29.24 -0.45
C ASP C 190 -21.81 29.36 -1.02
N LYS C 191 -22.12 30.46 -1.71
CA LYS C 191 -23.42 30.63 -2.34
C LYS C 191 -23.66 29.63 -3.46
N LEU C 192 -22.64 29.26 -4.23
CA LEU C 192 -22.77 28.26 -5.28
C LEU C 192 -22.85 26.84 -4.75
N CYS C 193 -22.63 26.64 -3.45
CA CYS C 193 -22.64 25.30 -2.85
C CYS C 193 -23.92 25.03 -2.07
N GLY C 194 -24.94 25.87 -2.23
CA GLY C 194 -26.22 25.65 -1.59
C GLY C 194 -26.57 26.61 -0.47
N SER C 195 -25.80 27.68 -0.27
CA SER C 195 -26.10 28.67 0.75
C SER C 195 -26.94 29.82 0.21
N ASP C 196 -27.34 29.75 -1.05
CA ASP C 196 -28.14 30.80 -1.68
C ASP C 196 -29.62 30.40 -1.66
N GLU C 197 -30.46 31.38 -1.99
CA GLU C 197 -31.91 31.19 -2.05
C GLU C 197 -32.40 30.86 -3.46
N CYS C 198 -31.47 30.69 -4.40
CA CYS C 198 -31.83 30.40 -5.78
C CYS C 198 -30.71 29.61 -6.43
N ILE C 199 -31.03 28.94 -7.53
CA ILE C 199 -30.07 28.15 -8.29
C ILE C 199 -29.94 28.77 -9.68
N GLY C 200 -28.82 28.47 -10.33
CA GLY C 200 -28.56 29.01 -11.64
C GLY C 200 -27.24 28.53 -12.18
N SER C 201 -26.70 29.29 -13.13
CA SER C 201 -25.41 28.97 -13.71
C SER C 201 -24.31 29.05 -12.65
N GLY C 202 -23.45 28.04 -12.63
CA GLY C 202 -22.36 27.95 -11.69
C GLY C 202 -22.71 27.23 -10.39
N SER C 203 -23.98 26.88 -10.21
CA SER C 203 -24.40 26.18 -9.00
C SER C 203 -23.87 24.75 -9.01
N GLN C 204 -23.94 24.11 -7.83
CA GLN C 204 -23.46 22.75 -7.68
C GLN C 204 -24.59 21.76 -7.94
N VAL C 205 -24.36 20.84 -8.87
CA VAL C 205 -25.29 19.76 -9.17
C VAL C 205 -24.59 18.44 -8.88
N ALA C 206 -25.25 17.58 -8.14
CA ALA C 206 -24.65 16.35 -7.64
C ALA C 206 -25.48 15.14 -8.02
N SER C 207 -24.78 14.04 -8.27
CA SER C 207 -25.37 12.72 -8.47
C SER C 207 -25.00 11.84 -7.28
N HIS C 208 -25.42 10.57 -7.33
CA HIS C 208 -25.20 9.67 -6.20
C HIS C 208 -23.72 9.47 -5.91
N GLU C 209 -22.86 9.63 -6.91
CA GLU C 209 -21.43 9.37 -6.71
C GLU C 209 -20.58 10.63 -6.84
N THR C 210 -20.71 11.33 -7.96
CA THR C 210 -19.80 12.45 -8.23
C THR C 210 -20.50 13.79 -8.06
N PHE C 211 -19.69 14.83 -7.89
CA PHE C 211 -20.13 16.22 -7.83
C PHE C 211 -19.94 16.86 -9.20
N GLY C 212 -20.40 18.10 -9.32
CA GLY C 212 -20.28 18.80 -10.59
C GLY C 212 -20.70 20.25 -10.53
N THR C 213 -20.78 20.90 -11.70
CA THR C 213 -21.11 22.30 -11.79
C THR C 213 -22.29 22.46 -12.74
N LEU C 214 -23.31 23.18 -12.29
CA LEU C 214 -24.42 23.53 -13.18
C LEU C 214 -23.92 24.45 -14.27
N GLY C 215 -24.27 24.15 -15.52
CA GLY C 215 -23.76 24.92 -16.63
C GLY C 215 -24.68 26.04 -17.03
N ALA C 216 -25.36 25.88 -18.16
CA ALA C 216 -26.32 26.86 -18.64
C ALA C 216 -27.74 26.42 -18.34
N ILE C 217 -28.66 27.37 -18.35
CA ILE C 217 -30.09 27.11 -18.24
C ILE C 217 -30.61 27.06 -19.67
N VAL C 218 -31.00 25.87 -20.12
CA VAL C 218 -31.26 25.66 -21.54
C VAL C 218 -32.75 25.42 -21.77
N LYS C 219 -33.14 25.32 -23.04
CA LYS C 219 -34.54 25.30 -23.43
C LYS C 219 -34.67 24.53 -24.73
N ARG C 220 -35.32 23.37 -24.65
CA ARG C 220 -35.56 22.54 -25.83
C ARG C 220 -36.33 23.31 -26.88
N ARG C 221 -35.90 23.18 -28.13
CA ARG C 221 -36.51 23.90 -29.24
C ARG C 221 -37.65 23.15 -29.90
N THR C 222 -37.67 21.83 -29.81
CA THR C 222 -38.71 21.03 -30.43
C THR C 222 -39.53 20.30 -29.37
N GLY C 223 -40.69 19.77 -29.78
CA GLY C 223 -41.51 18.96 -28.91
C GLY C 223 -42.09 19.66 -27.69
N ASN C 224 -41.82 19.09 -26.51
CA ASN C 224 -42.49 19.55 -25.29
C ASN C 224 -41.99 20.93 -24.86
N LYS C 225 -40.78 21.30 -25.30
CA LYS C 225 -40.19 22.59 -24.95
C LYS C 225 -40.06 22.76 -23.44
N GLN C 226 -39.58 21.73 -22.76
CA GLN C 226 -39.39 21.80 -21.31
C GLN C 226 -38.17 22.65 -20.96
N VAL C 227 -38.11 23.09 -19.71
CA VAL C 227 -37.04 23.94 -19.22
C VAL C 227 -36.15 23.15 -18.26
N GLY C 228 -34.84 23.29 -18.41
CA GLY C 228 -33.90 22.59 -17.55
C GLY C 228 -32.49 23.15 -17.59
N PHE C 229 -31.50 22.28 -17.50
CA PHE C 229 -30.10 22.69 -17.50
C PHE C 229 -29.27 21.61 -18.20
N LEU C 230 -28.03 21.97 -18.54
CA LEU C 230 -27.15 21.09 -19.28
C LEU C 230 -25.83 20.92 -18.53
N THR C 231 -25.25 19.73 -18.63
CA THR C 231 -23.97 19.43 -17.99
C THR C 231 -23.20 18.39 -18.81
N ASN C 232 -22.18 17.78 -18.20
CA ASN C 232 -21.32 16.83 -18.90
C ASN C 232 -21.62 15.42 -18.41
N HIS C 233 -21.56 14.40 -19.19
CA HIS C 233 -22.01 13.22 -18.55
C HIS C 233 -21.16 12.66 -17.51
N HIS C 234 -19.92 13.04 -17.42
CA HIS C 234 -19.08 12.48 -16.43
C HIS C 234 -19.50 12.73 -14.99
N VAL C 235 -20.46 13.65 -14.84
CA VAL C 235 -21.16 14.05 -13.61
C VAL C 235 -22.60 13.58 -13.63
N ALA C 236 -23.24 13.58 -14.80
CA ALA C 236 -24.68 13.38 -14.88
C ALA C 236 -25.07 11.90 -14.76
N VAL C 237 -24.62 11.09 -15.70
CA VAL C 237 -25.14 9.73 -15.87
C VAL C 237 -24.12 8.75 -15.29
N ASP C 238 -24.58 7.69 -14.63
CA ASP C 238 -23.72 6.63 -14.05
C ASP C 238 -23.52 5.50 -15.02
N LEU C 239 -23.72 5.79 -16.28
CA LEU C 239 -23.45 4.79 -17.30
C LEU C 239 -24.24 3.53 -17.14
N ASP C 240 -23.86 2.68 -16.19
CA ASP C 240 -24.54 1.42 -16.03
C ASP C 240 -25.82 1.74 -15.27
N TYR C 241 -26.70 2.56 -15.88
CA TYR C 241 -28.02 2.93 -15.31
C TYR C 241 -28.60 4.01 -16.26
N PRO C 242 -29.40 3.67 -17.34
CA PRO C 242 -29.99 4.46 -18.43
C PRO C 242 -30.09 5.94 -18.10
N ASN C 243 -30.78 6.28 -17.01
CA ASN C 243 -30.99 7.66 -16.60
C ASN C 243 -30.70 7.79 -15.11
N GLN C 244 -30.26 8.98 -14.69
CA GLN C 244 -29.95 9.28 -13.30
C GLN C 244 -30.98 10.23 -12.72
N LYS C 245 -30.75 10.60 -11.46
CA LYS C 245 -31.50 11.65 -10.78
C LYS C 245 -30.52 12.73 -10.34
N MET C 246 -30.93 13.99 -10.48
CA MET C 246 -30.09 15.13 -10.17
C MET C 246 -30.58 15.80 -8.90
N PHE C 247 -29.66 16.13 -8.00
CA PHE C 247 -29.96 16.77 -6.74
C PHE C 247 -29.05 17.96 -6.52
N HIS C 248 -29.56 18.93 -5.75
CA HIS C 248 -28.81 20.14 -5.42
C HIS C 248 -29.06 20.46 -3.95
N PRO C 249 -28.02 20.64 -3.13
CA PRO C 249 -26.59 20.52 -3.46
C PRO C 249 -26.08 19.09 -3.31
N LEU C 250 -26.76 18.25 -2.53
CA LEU C 250 -26.29 16.92 -2.22
C LEU C 250 -27.43 15.92 -2.42
N PRO C 251 -27.11 14.66 -2.70
CA PRO C 251 -28.15 13.63 -2.79
C PRO C 251 -28.74 13.34 -1.43
N PRO C 252 -29.94 12.74 -1.37
CA PRO C 252 -30.57 12.47 -0.07
C PRO C 252 -29.79 11.48 0.79
N ASN C 253 -28.88 10.71 0.20
CA ASN C 253 -28.05 9.76 0.95
C ASN C 253 -26.74 10.38 1.42
N LEU C 254 -26.53 11.68 1.15
CA LEU C 254 -25.30 12.35 1.53
C LEU C 254 -25.60 13.62 2.31
N GLY C 255 -26.82 14.13 2.20
CA GLY C 255 -27.22 15.32 2.90
C GLY C 255 -28.51 15.91 2.37
N PRO C 256 -28.90 17.07 2.90
CA PRO C 256 -30.12 17.73 2.42
C PRO C 256 -29.98 18.23 0.99
N GLY C 257 -31.10 18.17 0.25
CA GLY C 257 -31.11 18.63 -1.12
C GLY C 257 -32.50 18.53 -1.71
N VAL C 258 -32.62 19.00 -2.95
CA VAL C 258 -33.87 18.95 -3.69
C VAL C 258 -33.61 18.24 -5.01
N TYR C 259 -34.50 17.29 -5.34
CA TYR C 259 -34.37 16.53 -6.57
C TYR C 259 -34.71 17.42 -7.77
N LEU C 260 -33.76 17.53 -8.70
CA LEU C 260 -33.92 18.41 -9.85
C LEU C 260 -34.63 17.71 -11.01
N GLY C 261 -34.10 16.58 -11.46
CA GLY C 261 -34.71 15.88 -12.56
C GLY C 261 -33.87 14.70 -13.00
N ALA C 262 -34.10 14.29 -14.25
CA ALA C 262 -33.41 13.14 -14.82
C ALA C 262 -32.84 13.53 -16.17
N VAL C 263 -31.78 12.83 -16.58
CA VAL C 263 -31.19 13.07 -17.89
C VAL C 263 -32.11 12.51 -18.97
N GLU C 264 -32.46 13.35 -19.95
CA GLU C 264 -33.32 12.92 -21.05
C GLU C 264 -32.47 12.57 -22.27
N ARG C 265 -31.68 13.53 -22.73
CA ARG C 265 -30.81 13.30 -23.88
C ARG C 265 -29.36 13.51 -23.49
N ALA C 266 -28.49 12.60 -23.96
CA ALA C 266 -27.07 12.66 -23.61
C ALA C 266 -26.29 12.00 -24.75
N THR C 267 -25.65 12.80 -25.58
CA THR C 267 -24.84 12.28 -26.65
C THR C 267 -23.41 12.05 -26.16
N SER C 268 -22.57 11.56 -27.07
CA SER C 268 -21.23 11.12 -26.73
C SER C 268 -20.31 11.42 -27.90
N PHE C 269 -19.14 10.80 -27.97
CA PHE C 269 -18.21 11.04 -29.08
C PHE C 269 -18.91 10.80 -30.42
N ILE C 270 -18.88 11.82 -31.28
CA ILE C 270 -19.42 11.74 -32.63
C ILE C 270 -18.30 12.05 -33.61
N THR C 271 -18.51 11.68 -34.88
CA THR C 271 -17.52 11.82 -35.92
C THR C 271 -17.24 13.29 -36.21
N ASP C 272 -16.03 13.54 -36.73
CA ASP C 272 -15.64 14.92 -37.04
C ASP C 272 -16.41 15.44 -38.25
N ASP C 273 -16.88 14.53 -39.11
CA ASP C 273 -17.64 14.93 -40.28
C ASP C 273 -18.95 15.62 -39.89
N VAL C 274 -19.63 15.08 -38.88
CA VAL C 274 -20.90 15.65 -38.45
C VAL C 274 -20.67 16.87 -37.58
N TRP C 275 -19.50 16.97 -36.95
CA TRP C 275 -19.22 18.06 -36.00
C TRP C 275 -18.69 19.30 -36.72
N TYR C 276 -17.54 19.16 -37.39
CA TYR C 276 -16.91 20.33 -38.01
C TYR C 276 -17.45 20.55 -39.42
N GLY C 277 -17.65 19.48 -40.18
CA GLY C 277 -18.07 19.60 -41.56
C GLY C 277 -16.94 19.25 -42.52
N ILE C 278 -15.71 19.58 -42.12
CA ILE C 278 -14.53 19.26 -42.90
C ILE C 278 -14.00 17.89 -42.47
N TYR C 279 -13.33 17.19 -43.37
CA TYR C 279 -12.74 15.88 -43.10
C TYR C 279 -11.36 16.06 -42.46
N ALA C 280 -11.34 16.59 -41.25
CA ALA C 280 -10.08 16.91 -40.57
C ALA C 280 -9.42 15.66 -40.02
N GLY C 281 -8.78 14.88 -40.90
CA GLY C 281 -8.08 13.69 -40.46
C GLY C 281 -8.09 12.58 -41.49
N THR C 282 -7.00 11.83 -41.58
CA THR C 282 -6.89 10.69 -42.48
C THR C 282 -7.23 9.37 -41.77
N ASN C 283 -7.89 9.46 -40.63
CA ASN C 283 -8.27 8.30 -39.84
C ASN C 283 -9.75 8.00 -40.01
N PRO C 284 -10.12 6.84 -40.55
CA PRO C 284 -11.55 6.52 -40.66
C PRO C 284 -12.27 6.48 -39.32
N GLU C 285 -11.57 6.09 -38.25
CA GLU C 285 -12.15 6.04 -36.92
C GLU C 285 -11.78 7.33 -36.19
N THR C 286 -12.62 8.34 -36.34
CA THR C 286 -12.43 9.64 -35.70
C THR C 286 -13.70 10.03 -34.96
N PHE C 287 -13.55 10.40 -33.69
CA PHE C 287 -14.65 10.85 -32.85
C PHE C 287 -14.16 12.03 -32.04
N VAL C 288 -15.02 13.04 -31.86
CA VAL C 288 -14.60 14.23 -31.13
C VAL C 288 -15.53 14.56 -29.96
N ARG C 289 -15.23 13.96 -28.80
CA ARG C 289 -15.44 14.52 -27.47
C ARG C 289 -16.66 15.44 -27.35
N ALA C 290 -17.84 14.94 -27.68
CA ALA C 290 -19.04 15.78 -27.75
C ALA C 290 -19.84 15.71 -26.47
N ASP C 291 -19.15 15.61 -25.33
CA ASP C 291 -19.76 15.50 -24.01
C ASP C 291 -20.86 16.54 -23.77
N GLY C 292 -22.02 16.09 -23.32
CA GLY C 292 -23.14 16.97 -23.03
C GLY C 292 -24.38 16.20 -22.64
N ALA C 293 -25.22 16.77 -21.78
CA ALA C 293 -26.40 16.06 -21.28
C ALA C 293 -27.46 17.09 -20.88
N PHE C 294 -28.68 16.92 -21.40
CA PHE C 294 -29.79 17.79 -21.05
C PHE C 294 -30.59 17.16 -19.92
N ILE C 295 -30.97 17.99 -18.95
CA ILE C 295 -31.76 17.52 -17.81
C ILE C 295 -32.97 18.43 -17.63
N PRO C 296 -34.17 17.97 -17.98
CA PRO C 296 -35.38 18.76 -17.71
C PRO C 296 -35.65 18.86 -16.21
N PHE C 297 -36.31 19.95 -15.84
CA PHE C 297 -36.70 20.19 -14.45
C PHE C 297 -37.91 19.33 -14.11
N ALA C 298 -37.97 18.87 -12.87
CA ALA C 298 -39.07 18.02 -12.40
C ALA C 298 -40.39 18.78 -12.42
N ASP C 299 -41.50 18.05 -12.54
CA ASP C 299 -42.81 18.69 -12.58
C ASP C 299 -43.14 19.37 -11.26
N ASP C 300 -42.67 18.83 -10.14
CA ASP C 300 -42.94 19.39 -8.83
C ASP C 300 -41.87 20.37 -8.38
N PHE C 301 -40.88 20.65 -9.23
CA PHE C 301 -39.86 21.63 -8.89
C PHE C 301 -40.46 23.04 -8.84
N ASP C 302 -39.98 23.85 -7.90
CA ASP C 302 -40.54 25.18 -7.70
C ASP C 302 -40.33 26.09 -8.91
N ILE C 303 -39.18 25.99 -9.57
CA ILE C 303 -38.84 26.80 -10.75
C ILE C 303 -38.85 28.30 -10.46
N SER C 304 -39.56 28.72 -9.40
CA SER C 304 -39.63 30.12 -9.01
C SER C 304 -38.38 30.56 -8.27
N THR C 305 -37.48 29.63 -7.98
CA THR C 305 -36.21 29.94 -7.33
C THR C 305 -35.07 29.65 -8.33
N VAL C 306 -35.33 29.89 -9.61
CA VAL C 306 -34.35 29.68 -10.66
C VAL C 306 -34.06 31.02 -11.31
N THR C 307 -32.77 31.36 -11.41
CA THR C 307 -32.33 32.63 -11.95
C THR C 307 -31.60 32.38 -13.27
N THR C 308 -31.49 33.44 -14.07
CA THR C 308 -30.76 33.38 -15.33
C THR C 308 -29.55 34.28 -15.36
N VAL C 309 -29.35 35.13 -14.36
CA VAL C 309 -28.18 36.00 -14.30
C VAL C 309 -27.00 35.19 -13.78
N VAL C 310 -25.79 35.56 -14.21
CA VAL C 310 -24.59 34.85 -13.76
C VAL C 310 -24.00 35.58 -12.57
N ARG C 311 -23.84 34.86 -11.46
CA ARG C 311 -23.29 35.43 -10.24
C ARG C 311 -21.78 35.59 -10.41
N GLY C 312 -21.34 36.84 -10.48
CA GLY C 312 -19.95 37.17 -10.68
C GLY C 312 -19.56 37.59 -12.09
N VAL C 313 -20.45 37.48 -13.06
CA VAL C 313 -20.16 37.88 -14.43
C VAL C 313 -21.20 38.91 -14.87
N GLY C 314 -22.38 38.84 -14.28
CA GLY C 314 -23.47 39.74 -14.64
C GLY C 314 -24.44 39.14 -15.62
N ASP C 315 -24.85 39.92 -16.63
CA ASP C 315 -25.81 39.49 -17.62
C ASP C 315 -25.10 39.04 -18.88
N ILE C 316 -25.34 37.80 -19.28
CA ILE C 316 -24.71 37.24 -20.48
C ILE C 316 -25.66 37.39 -21.67
N GLY C 317 -25.11 37.33 -22.88
CA GLY C 317 -25.87 37.42 -24.10
C GLY C 317 -26.11 36.08 -24.75
N ASP C 318 -26.48 36.13 -26.03
CA ASP C 318 -26.74 34.92 -26.79
C ASP C 318 -25.45 34.18 -27.10
N VAL C 319 -25.57 32.91 -27.47
CA VAL C 319 -24.42 32.07 -27.77
C VAL C 319 -23.67 32.63 -28.97
N LYS C 320 -22.37 32.82 -28.81
CA LYS C 320 -21.50 33.25 -29.91
C LYS C 320 -20.99 32.00 -30.62
N VAL C 321 -21.56 31.73 -31.81
CA VAL C 321 -21.14 30.56 -32.57
C VAL C 321 -19.76 30.80 -33.17
N ILE C 322 -18.90 29.80 -33.06
CA ILE C 322 -17.54 29.87 -33.59
C ILE C 322 -17.59 29.45 -35.05
N ASP C 323 -17.45 30.41 -35.95
CA ASP C 323 -17.41 30.14 -37.38
C ASP C 323 -15.97 29.90 -37.80
N LEU C 324 -15.75 28.89 -38.63
CA LEU C 324 -14.40 28.46 -38.99
C LEU C 324 -13.88 29.17 -40.23
N GLN C 325 -14.56 30.24 -40.63
CA GLN C 325 -14.15 31.00 -41.80
C GLN C 325 -14.02 32.48 -41.47
N CYS C 326 -13.83 32.79 -40.18
CA CYS C 326 -13.64 34.16 -39.72
C CYS C 326 -12.16 34.44 -39.52
N PRO C 327 -11.75 35.70 -39.37
CA PRO C 327 -10.34 35.98 -39.07
C PRO C 327 -9.88 35.32 -37.80
N LEU C 328 -8.61 34.90 -37.80
CA LEU C 328 -8.06 34.10 -36.72
C LEU C 328 -7.95 34.87 -35.40
N ASN C 329 -8.08 36.20 -35.43
CA ASN C 329 -7.98 37.03 -34.24
C ASN C 329 -9.34 37.27 -33.59
N SER C 330 -10.30 36.37 -33.83
CA SER C 330 -11.62 36.48 -33.23
C SER C 330 -11.85 35.45 -32.12
N LEU C 331 -11.14 34.33 -32.14
CA LEU C 331 -11.26 33.32 -31.10
C LEU C 331 -9.92 33.13 -30.38
N ILE C 332 -8.84 33.00 -31.15
CA ILE C 332 -7.51 32.81 -30.60
C ILE C 332 -7.01 34.13 -30.03
N GLY C 333 -6.54 34.10 -28.78
CA GLY C 333 -6.04 35.28 -28.12
C GLY C 333 -7.07 36.07 -27.35
N ARG C 334 -8.35 35.70 -27.40
CA ARG C 334 -9.38 36.45 -26.70
C ARG C 334 -9.35 36.13 -25.20
N GLN C 335 -10.07 36.95 -24.44
CA GLN C 335 -10.09 36.87 -22.98
C GLN C 335 -11.40 36.23 -22.54
N VAL C 336 -11.30 35.15 -21.77
CA VAL C 336 -12.45 34.37 -21.35
C VAL C 336 -12.50 34.32 -19.82
N CYS C 337 -13.65 33.90 -19.30
CA CYS C 337 -13.86 33.81 -17.86
C CYS C 337 -14.88 32.71 -17.59
N LYS C 338 -15.00 32.33 -16.31
CA LYS C 338 -15.91 31.26 -15.92
C LYS C 338 -16.28 31.43 -14.46
N VAL C 339 -17.32 30.70 -14.04
CA VAL C 339 -17.74 30.64 -12.65
C VAL C 339 -17.91 29.18 -12.27
N GLY C 340 -17.18 28.75 -11.24
CA GLY C 340 -17.22 27.37 -10.81
C GLY C 340 -17.52 27.26 -9.33
N ARG C 341 -17.99 26.07 -8.93
CA ARG C 341 -18.33 25.84 -7.53
C ARG C 341 -17.08 25.70 -6.66
N SER C 342 -15.98 25.25 -7.24
CA SER C 342 -14.77 25.02 -6.44
C SER C 342 -13.79 26.19 -6.55
N SER C 343 -13.60 26.74 -7.74
CA SER C 343 -12.64 27.81 -7.95
C SER C 343 -13.26 29.19 -8.00
N GLY C 344 -14.59 29.29 -8.07
CA GLY C 344 -15.21 30.60 -8.12
C GLY C 344 -15.05 31.24 -9.49
N HIS C 345 -14.83 32.55 -9.48
CA HIS C 345 -14.63 33.31 -10.71
C HIS C 345 -13.15 33.38 -11.06
N THR C 346 -12.82 32.97 -12.28
CA THR C 346 -11.43 32.95 -12.75
C THR C 346 -11.39 33.46 -14.19
N THR C 347 -10.18 33.80 -14.64
CA THR C 347 -9.97 34.36 -15.96
C THR C 347 -8.90 33.58 -16.68
N GLY C 348 -8.97 33.57 -18.01
CA GLY C 348 -8.00 32.85 -18.81
C GLY C 348 -7.97 33.40 -20.23
N THR C 349 -7.07 32.83 -21.02
CA THR C 349 -6.86 33.24 -22.40
C THR C 349 -6.79 32.02 -23.30
N VAL C 350 -7.51 32.08 -24.42
CA VAL C 350 -7.54 31.00 -25.39
C VAL C 350 -6.21 30.98 -26.14
N MET C 351 -5.54 29.82 -26.13
CA MET C 351 -4.26 29.67 -26.81
C MET C 351 -4.38 28.98 -28.16
N ALA C 352 -5.08 27.86 -28.22
CA ALA C 352 -5.16 27.08 -29.44
C ALA C 352 -6.61 26.67 -29.67
N TYR C 353 -6.82 25.85 -30.71
CA TYR C 353 -8.15 25.38 -31.05
C TYR C 353 -8.02 24.02 -31.72
N ALA C 354 -9.01 23.15 -31.48
CA ALA C 354 -9.10 21.84 -32.08
C ALA C 354 -7.84 21.01 -31.80
N LEU C 355 -7.57 20.80 -30.52
CA LEU C 355 -6.46 19.95 -30.10
C LEU C 355 -6.80 18.49 -30.40
N GLU C 356 -5.86 17.79 -31.02
CA GLU C 356 -6.06 16.40 -31.44
C GLU C 356 -5.14 15.49 -30.64
N TYR C 357 -5.73 14.40 -30.13
CA TYR C 357 -4.99 13.40 -29.35
C TYR C 357 -5.25 12.02 -29.94
N ASN C 358 -4.20 11.22 -30.06
CA ASN C 358 -4.29 9.86 -30.57
C ASN C 358 -3.86 8.89 -29.47
N ASP C 359 -4.68 7.88 -29.23
CA ASP C 359 -4.39 6.89 -28.20
C ASP C 359 -3.71 5.65 -28.79
N GLU C 360 -3.40 4.70 -27.92
CA GLU C 360 -2.71 3.49 -28.34
C GLU C 360 -3.55 2.64 -29.27
N LYS C 361 -4.86 2.53 -28.97
CA LYS C 361 -5.73 1.64 -29.73
C LYS C 361 -5.99 2.15 -31.15
N GLY C 362 -5.72 3.42 -31.43
CA GLY C 362 -5.84 3.91 -32.79
C GLY C 362 -6.85 5.02 -33.00
N ILE C 363 -7.85 5.10 -32.12
CA ILE C 363 -8.91 6.10 -32.25
C ILE C 363 -8.31 7.49 -32.06
N CYS C 364 -8.65 8.40 -32.96
CA CYS C 364 -8.17 9.77 -32.92
C CYS C 364 -9.22 10.65 -32.26
N PHE C 365 -8.81 11.45 -31.28
CA PHE C 365 -9.71 12.25 -30.45
C PHE C 365 -9.35 13.72 -30.59
N PHE C 366 -10.37 14.56 -30.68
CA PHE C 366 -10.20 16.00 -30.75
C PHE C 366 -10.77 16.69 -29.52
N THR C 367 -10.17 17.82 -29.18
CA THR C 367 -10.66 18.68 -28.11
C THR C 367 -10.82 20.10 -28.65
N ASP C 368 -11.93 20.75 -28.27
CA ASP C 368 -12.33 21.97 -28.95
C ASP C 368 -11.51 23.18 -28.53
N ILE C 369 -11.43 23.46 -27.23
CA ILE C 369 -10.92 24.74 -26.75
C ILE C 369 -9.79 24.47 -25.77
N LEU C 370 -8.72 25.26 -25.88
CA LEU C 370 -7.57 25.21 -24.98
C LEU C 370 -7.44 26.56 -24.29
N VAL C 371 -7.51 26.55 -22.96
CA VAL C 371 -7.47 27.76 -22.14
C VAL C 371 -6.49 27.55 -21.00
N VAL C 372 -5.64 28.55 -20.75
CA VAL C 372 -4.71 28.57 -19.62
C VAL C 372 -5.01 29.80 -18.79
N GLY C 373 -4.95 29.66 -17.47
CA GLY C 373 -5.25 30.76 -16.57
C GLY C 373 -4.29 31.94 -16.70
N GLU C 374 -4.74 33.11 -16.26
CA GLU C 374 -3.97 34.34 -16.39
C GLU C 374 -3.10 34.57 -15.17
N ASN C 375 -2.02 35.33 -15.36
CA ASN C 375 -1.09 35.69 -14.29
C ASN C 375 -0.51 34.45 -13.62
N ARG C 376 -0.22 33.43 -14.42
CA ARG C 376 0.39 32.18 -13.97
C ARG C 376 -0.45 31.45 -12.93
N GLN C 377 -1.75 31.75 -12.87
CA GLN C 377 -2.65 31.04 -11.97
C GLN C 377 -3.29 29.87 -12.72
N THR C 378 -4.28 29.23 -12.09
CA THR C 378 -5.00 28.12 -12.69
C THR C 378 -6.41 28.57 -13.06
N PHE C 379 -6.84 28.20 -14.26
CA PHE C 379 -8.15 28.58 -14.77
C PHE C 379 -9.29 27.83 -14.11
N ASP C 380 -9.09 26.56 -13.76
CA ASP C 380 -10.15 25.78 -13.13
C ASP C 380 -9.53 24.71 -12.23
N LEU C 381 -10.24 24.38 -11.16
CA LEU C 381 -9.83 23.28 -10.27
C LEU C 381 -10.51 21.99 -10.69
N GLU C 382 -10.41 20.95 -9.86
CA GLU C 382 -11.11 19.70 -10.12
C GLU C 382 -12.46 19.81 -9.40
N GLY C 383 -13.53 19.75 -10.18
CA GLY C 383 -14.87 19.91 -9.63
C GLY C 383 -15.66 20.97 -10.36
N ASP C 384 -15.00 21.68 -11.28
CA ASP C 384 -15.64 22.72 -12.07
C ASP C 384 -16.16 22.21 -13.41
N SER C 385 -16.17 20.89 -13.62
CA SER C 385 -16.63 20.31 -14.87
C SER C 385 -18.07 20.70 -15.17
N GLY C 386 -18.27 21.45 -16.25
CA GLY C 386 -19.61 21.86 -16.64
C GLY C 386 -19.80 23.37 -16.64
N SER C 387 -18.86 24.10 -16.05
CA SER C 387 -18.99 25.55 -15.94
C SER C 387 -18.97 26.20 -17.31
N LEU C 388 -19.74 27.29 -17.43
CA LEU C 388 -19.81 28.02 -18.69
C LEU C 388 -18.50 28.76 -18.95
N ILE C 389 -18.06 28.75 -20.19
CA ILE C 389 -16.90 29.53 -20.62
C ILE C 389 -17.44 30.70 -21.43
N ILE C 390 -17.25 31.92 -20.93
CA ILE C 390 -17.86 33.12 -21.49
C ILE C 390 -16.75 34.10 -21.85
N LEU C 391 -16.82 34.63 -23.08
CA LEU C 391 -15.89 35.67 -23.50
C LEU C 391 -16.06 36.92 -22.63
N THR C 392 -14.94 37.48 -22.18
CA THR C 392 -14.99 38.71 -21.40
C THR C 392 -15.48 39.86 -22.27
N SER C 393 -16.37 40.69 -21.71
CA SER C 393 -16.96 41.80 -22.42
C SER C 393 -15.89 42.72 -23.00
N GLN C 394 -15.84 42.81 -24.33
CA GLN C 394 -14.88 43.65 -25.03
C GLN C 394 -15.59 44.86 -25.61
N ASP C 395 -15.10 46.05 -25.29
CA ASP C 395 -15.64 47.30 -25.82
C ASP C 395 -17.12 47.49 -25.51
N GLY C 396 -17.55 47.08 -24.32
CA GLY C 396 -18.83 47.52 -23.79
C GLY C 396 -20.08 46.71 -24.07
N GLU C 397 -20.01 45.67 -24.90
CA GLU C 397 -21.19 44.87 -25.14
C GLU C 397 -21.36 43.79 -24.07
N LYS C 398 -22.34 42.91 -24.24
CA LYS C 398 -22.67 41.89 -23.26
C LYS C 398 -21.77 40.68 -23.42
N PRO C 399 -21.24 40.13 -22.34
CA PRO C 399 -20.44 38.89 -22.45
C PRO C 399 -21.27 37.77 -23.06
N ARG C 400 -20.61 36.93 -23.86
CA ARG C 400 -21.30 35.91 -24.63
C ARG C 400 -20.68 34.55 -24.36
N PRO C 401 -21.43 33.57 -23.84
CA PRO C 401 -20.90 32.22 -23.67
C PRO C 401 -20.43 31.60 -24.97
N ILE C 402 -19.34 30.83 -24.92
CA ILE C 402 -18.78 30.23 -26.14
C ILE C 402 -18.51 28.75 -25.94
N GLY C 403 -18.65 28.26 -24.71
CA GLY C 403 -18.39 26.86 -24.46
C GLY C 403 -18.54 26.54 -22.98
N ILE C 404 -18.33 25.26 -22.68
CA ILE C 404 -18.39 24.74 -21.32
C ILE C 404 -17.13 23.92 -21.05
N ILE C 405 -16.81 23.75 -19.77
CA ILE C 405 -15.64 22.97 -19.39
C ILE C 405 -15.94 21.49 -19.52
N TRP C 406 -15.01 20.75 -20.13
CA TRP C 406 -15.22 19.32 -20.35
C TRP C 406 -15.16 18.53 -19.06
N GLY C 407 -14.07 18.64 -18.31
CA GLY C 407 -13.93 17.87 -17.09
C GLY C 407 -12.73 18.25 -16.26
N GLY C 408 -12.05 17.26 -15.69
CA GLY C 408 -10.91 17.51 -14.83
C GLY C 408 -9.65 17.77 -15.61
N THR C 409 -9.23 19.04 -15.66
CA THR C 409 -8.07 19.46 -16.45
C THR C 409 -6.82 19.62 -15.59
N ALA C 410 -6.90 19.28 -14.31
CA ALA C 410 -5.74 19.31 -13.44
C ALA C 410 -4.85 18.08 -13.58
N ASN C 411 -5.46 16.90 -13.75
CA ASN C 411 -4.70 15.69 -13.99
C ASN C 411 -4.17 15.60 -15.41
N ARG C 412 -4.74 16.39 -16.34
CA ARG C 412 -4.25 16.46 -17.72
C ARG C 412 -3.96 17.94 -18.00
N GLY C 413 -2.74 18.37 -17.70
CA GLY C 413 -2.37 19.75 -17.90
C GLY C 413 -0.88 20.00 -17.91
N ARG C 414 -0.48 21.17 -17.40
CA ARG C 414 0.90 21.58 -17.30
C ARG C 414 1.63 21.57 -18.63
N LEU C 415 1.17 22.38 -19.59
CA LEU C 415 1.93 22.63 -20.82
C LEU C 415 3.08 23.56 -20.42
N LYS C 416 4.26 22.98 -20.27
CA LYS C 416 5.38 23.74 -19.71
C LYS C 416 5.90 24.75 -20.73
N LEU C 417 6.19 25.94 -20.23
CA LEU C 417 6.89 26.96 -20.99
C LEU C 417 8.39 26.88 -20.69
N THR C 418 9.19 27.27 -21.68
CA THR C 418 10.64 27.09 -21.61
C THR C 418 11.39 28.40 -21.38
N SER C 419 10.70 29.47 -20.98
CA SER C 419 11.39 30.74 -20.83
C SER C 419 12.07 30.85 -19.48
N ASP C 420 11.29 30.97 -18.39
CA ASP C 420 11.94 31.02 -17.07
C ASP C 420 11.09 30.34 -16.01
N HIS C 421 9.86 29.91 -16.33
CA HIS C 421 8.91 29.54 -15.29
C HIS C 421 8.53 28.07 -15.42
N GLY C 422 7.91 27.56 -14.37
CA GLY C 422 7.49 26.18 -14.33
C GLY C 422 6.20 25.96 -15.08
N PRO C 423 5.82 24.69 -15.18
CA PRO C 423 4.61 24.34 -15.94
C PRO C 423 3.37 25.00 -15.35
N GLU C 424 2.45 25.40 -16.23
CA GLU C 424 1.15 25.92 -15.85
C GLU C 424 0.06 25.10 -16.51
N ASN C 425 -0.94 24.72 -15.74
CA ASN C 425 -1.98 23.84 -16.21
C ASN C 425 -2.87 24.55 -17.23
N TRP C 426 -3.45 23.76 -18.14
CA TRP C 426 -4.38 24.25 -19.14
C TRP C 426 -5.75 23.64 -18.91
N THR C 427 -6.77 24.30 -19.44
CA THR C 427 -8.15 23.84 -19.32
C THR C 427 -8.71 23.60 -20.71
N SER C 428 -9.28 22.41 -20.91
CA SER C 428 -9.88 22.04 -22.18
C SER C 428 -11.40 22.12 -22.06
N GLY C 429 -12.01 22.85 -23.00
CA GLY C 429 -13.45 23.04 -23.03
C GLY C 429 -14.10 22.39 -24.24
N VAL C 430 -15.42 22.46 -24.25
CA VAL C 430 -16.24 21.94 -25.33
C VAL C 430 -17.03 23.11 -25.93
N ASP C 431 -16.98 23.24 -27.26
CA ASP C 431 -17.71 24.29 -27.96
C ASP C 431 -19.19 24.26 -27.61
N LEU C 432 -19.71 25.38 -27.10
CA LEU C 432 -21.15 25.50 -26.91
C LEU C 432 -21.82 25.35 -28.28
N GLY C 433 -21.61 26.34 -29.15
CA GLY C 433 -21.60 26.13 -30.58
C GLY C 433 -22.60 25.15 -31.14
N ARG C 434 -22.07 24.03 -31.63
CA ARG C 434 -22.86 22.96 -32.25
C ARG C 434 -23.14 21.85 -31.24
N LEU C 435 -23.08 22.21 -29.96
CA LEU C 435 -23.47 21.29 -28.89
C LEU C 435 -24.89 21.61 -28.46
N LEU C 436 -25.32 22.85 -28.72
CA LEU C 436 -26.70 23.24 -28.54
C LEU C 436 -27.59 22.77 -29.68
N ASP C 437 -27.02 22.16 -30.71
CA ASP C 437 -27.78 21.63 -31.85
C ASP C 437 -27.94 20.12 -31.79
N ARG C 438 -26.92 19.39 -31.32
CA ARG C 438 -26.99 17.94 -31.25
C ARG C 438 -27.79 17.46 -30.03
N LEU C 439 -28.06 18.36 -29.08
CA LEU C 439 -29.01 18.07 -28.02
C LEU C 439 -30.11 19.12 -28.08
N GLU C 440 -30.56 19.46 -29.30
CA GLU C 440 -31.00 20.80 -29.66
C GLU C 440 -31.75 21.55 -28.56
N LEU C 441 -31.23 22.72 -28.21
CA LEU C 441 -31.77 23.54 -27.13
C LEU C 441 -31.74 25.00 -27.57
N ASP C 442 -31.97 25.91 -26.62
CA ASP C 442 -31.87 27.35 -26.89
C ASP C 442 -31.51 28.02 -25.56
N ILE C 443 -30.53 28.92 -25.60
CA ILE C 443 -30.05 29.56 -24.38
C ILE C 443 -31.07 30.60 -23.91
N ILE C 444 -31.36 30.59 -22.61
CA ILE C 444 -32.22 31.57 -21.97
C ILE C 444 -31.31 32.58 -21.29
N ILE C 445 -31.38 33.84 -21.72
CA ILE C 445 -30.49 34.88 -21.21
C ILE C 445 -31.16 35.79 -20.19
N THR C 446 -32.48 35.95 -20.25
CA THR C 446 -33.20 36.89 -19.38
C THR C 446 -34.33 36.17 -18.66
N ASN C 447 -34.90 36.86 -17.67
CA ASN C 447 -35.97 36.27 -16.87
C ASN C 447 -37.27 36.17 -17.66
N GLU C 448 -37.47 37.04 -18.65
CA GLU C 448 -38.70 37.06 -19.44
C GLU C 448 -38.77 35.92 -20.45
N SER C 449 -37.67 35.22 -20.70
CA SER C 449 -37.68 34.05 -21.59
C SER C 449 -38.08 32.77 -20.86
N LEU C 450 -38.28 32.85 -19.54
CA LEU C 450 -38.72 31.67 -18.79
C LEU C 450 -40.23 31.47 -18.92
N GLN C 451 -41.00 32.54 -18.76
CA GLN C 451 -42.45 32.45 -18.85
C GLN C 451 -42.89 32.08 -20.27
N ASP C 452 -42.11 32.49 -21.27
CA ASP C 452 -42.46 32.27 -22.68
C ASP C 452 -42.51 30.81 -23.07
N ALA C 453 -41.93 29.88 -22.31
CA ALA C 453 -41.99 28.47 -22.70
C ALA C 453 -42.24 27.57 -21.49
N VAL C 454 -42.59 28.17 -20.36
CA VAL C 454 -43.00 27.40 -19.19
C VAL C 454 -44.46 27.03 -19.35
N GLN C 455 -45.10 27.62 -20.35
CA GLN C 455 -46.46 27.26 -20.77
C GLN C 455 -46.48 26.36 -21.99
N GLN C 456 -45.61 26.60 -22.97
CA GLN C 456 -45.55 25.81 -24.18
C GLN C 456 -44.72 24.54 -23.97
N GLY D 88 -58.34 -21.57 1.53
CA GLY D 88 -57.21 -22.18 2.21
C GLY D 88 -56.49 -23.21 1.36
N GLN D 89 -55.78 -22.72 0.35
CA GLN D 89 -55.03 -23.58 -0.57
C GLN D 89 -53.55 -23.28 -0.45
N GLN D 90 -52.72 -24.27 -0.78
CA GLN D 90 -51.27 -24.13 -0.72
C GLN D 90 -50.75 -23.75 -2.11
N ALA D 91 -49.81 -22.81 -2.15
CA ALA D 91 -49.21 -22.36 -3.41
C ALA D 91 -48.55 -23.52 -4.13
N ASN D 92 -48.76 -23.59 -5.44
CA ASN D 92 -48.24 -24.69 -6.24
C ASN D 92 -47.59 -24.22 -7.55
N SER D 93 -47.17 -22.95 -7.62
CA SER D 93 -46.54 -22.42 -8.82
C SER D 93 -45.66 -21.24 -8.40
N LEU D 94 -44.77 -20.84 -9.32
CA LEU D 94 -43.90 -19.70 -9.04
C LEU D 94 -44.68 -18.41 -8.87
N LEU D 95 -45.68 -18.15 -9.73
CA LEU D 95 -46.48 -16.94 -9.61
C LEU D 95 -47.25 -16.92 -8.30
N ASP D 96 -47.73 -18.07 -7.84
CA ASP D 96 -48.38 -18.15 -6.54
C ASP D 96 -47.41 -17.81 -5.40
N LEU D 97 -46.09 -17.92 -5.64
CA LEU D 97 -45.11 -17.62 -4.63
C LEU D 97 -44.58 -16.20 -4.67
N MET D 98 -44.43 -15.59 -5.85
CA MET D 98 -44.02 -14.19 -5.90
C MET D 98 -45.07 -13.26 -5.34
N THR D 99 -46.36 -13.55 -5.58
CA THR D 99 -47.44 -12.71 -5.07
C THR D 99 -47.48 -12.70 -3.54
N ILE D 100 -47.31 -13.87 -2.91
CA ILE D 100 -47.29 -13.92 -1.46
C ILE D 100 -46.11 -13.12 -0.89
N ARG D 101 -44.92 -13.25 -1.50
CA ARG D 101 -43.78 -12.46 -1.07
C ARG D 101 -44.03 -10.96 -1.25
N ALA D 102 -44.61 -10.57 -2.39
CA ALA D 102 -44.90 -9.15 -2.62
C ALA D 102 -45.89 -8.62 -1.60
N PHE D 103 -46.85 -9.45 -1.20
CA PHE D 103 -47.82 -9.02 -0.19
C PHE D 103 -47.14 -8.77 1.15
N HIS D 104 -46.05 -9.49 1.44
CA HIS D 104 -45.32 -9.35 2.70
C HIS D 104 -43.89 -8.87 2.48
N SER D 105 -43.66 -8.04 1.47
CA SER D 105 -42.31 -7.65 1.03
C SER D 105 -41.70 -6.53 1.85
N LYS D 106 -42.19 -6.19 3.05
CA LYS D 106 -41.57 -5.15 3.85
C LYS D 106 -41.42 -5.52 5.32
N ILE D 107 -41.85 -6.71 5.73
CA ILE D 107 -41.62 -7.20 7.08
C ILE D 107 -40.45 -8.19 7.16
N LEU D 108 -40.12 -8.86 6.06
CA LEU D 108 -38.94 -9.73 6.03
C LEU D 108 -37.65 -8.91 5.90
N ARG D 109 -37.73 -7.77 5.22
CA ARG D 109 -36.53 -7.00 4.91
C ARG D 109 -35.85 -6.41 6.13
N ARG D 110 -36.54 -6.35 7.27
CA ARG D 110 -35.99 -5.69 8.44
C ARG D 110 -34.73 -6.39 8.93
N PHE D 111 -34.73 -7.73 8.96
CA PHE D 111 -33.58 -8.50 9.43
C PHE D 111 -33.08 -9.48 8.39
N SER D 112 -33.32 -9.21 7.11
CA SER D 112 -32.85 -10.07 6.03
C SER D 112 -32.20 -9.22 4.95
N LEU D 113 -31.25 -9.84 4.25
CA LEU D 113 -30.50 -9.19 3.18
C LEU D 113 -30.80 -9.80 1.82
N GLY D 114 -31.93 -10.47 1.68
CA GLY D 114 -32.31 -11.07 0.42
C GLY D 114 -33.44 -12.07 0.63
N THR D 115 -34.19 -12.28 -0.44
CA THR D 115 -35.33 -13.20 -0.41
C THR D 115 -35.63 -13.74 -1.79
N ALA D 116 -35.86 -15.05 -1.90
CA ALA D 116 -36.18 -15.70 -3.16
C ALA D 116 -37.31 -16.69 -2.91
N VAL D 117 -37.75 -17.37 -3.97
CA VAL D 117 -38.82 -18.34 -3.90
C VAL D 117 -38.34 -19.66 -4.48
N GLY D 118 -38.74 -20.76 -3.86
CA GLY D 118 -38.33 -22.08 -4.31
C GLY D 118 -38.87 -23.20 -3.45
N PHE D 119 -38.02 -24.17 -3.12
CA PHE D 119 -38.37 -25.29 -2.29
C PHE D 119 -37.66 -25.18 -0.94
N ARG D 120 -38.36 -25.57 0.12
CA ARG D 120 -37.79 -25.50 1.47
C ARG D 120 -36.59 -26.43 1.59
N ILE D 121 -35.51 -25.94 2.19
CA ILE D 121 -34.30 -26.72 2.41
C ILE D 121 -34.17 -26.97 3.91
N ARG D 122 -34.10 -28.25 4.29
CA ARG D 122 -34.01 -28.63 5.69
C ARG D 122 -32.94 -29.70 5.82
N LYS D 123 -32.02 -29.51 6.76
CA LYS D 123 -30.92 -30.43 7.01
C LYS D 123 -30.07 -30.65 5.76
N GLY D 124 -29.88 -29.60 4.96
CA GLY D 124 -28.97 -29.65 3.85
C GLY D 124 -29.53 -30.14 2.54
N ASP D 125 -30.54 -31.01 2.58
CA ASP D 125 -31.12 -31.57 1.37
C ASP D 125 -32.40 -30.84 0.99
N LEU D 126 -32.63 -30.69 -0.31
CA LEU D 126 -33.80 -29.97 -0.79
C LEU D 126 -35.05 -30.83 -0.68
N THR D 127 -36.08 -30.29 -0.04
CA THR D 127 -37.35 -30.99 0.11
C THR D 127 -38.30 -30.64 -1.03
N ASP D 128 -39.56 -31.09 -0.92
CA ASP D 128 -40.52 -30.78 -1.98
C ASP D 128 -41.64 -29.86 -1.51
N ILE D 129 -41.52 -29.20 -0.37
CA ILE D 129 -42.56 -28.31 0.16
C ILE D 129 -42.29 -26.91 -0.38
N PRO D 130 -43.24 -26.30 -1.09
CA PRO D 130 -43.05 -24.91 -1.53
C PRO D 130 -42.82 -23.99 -0.34
N ALA D 131 -41.91 -23.04 -0.51
CA ALA D 131 -41.55 -22.12 0.56
C ALA D 131 -40.92 -20.88 -0.04
N ILE D 132 -40.73 -19.87 0.80
CA ILE D 132 -40.07 -18.62 0.40
C ILE D 132 -38.81 -18.47 1.25
N LEU D 133 -37.66 -18.73 0.65
CA LEU D 133 -36.40 -18.69 1.38
C LEU D 133 -36.07 -17.28 1.83
N VAL D 134 -35.63 -17.15 3.08
CA VAL D 134 -35.22 -15.88 3.66
C VAL D 134 -33.72 -15.97 3.90
N PHE D 135 -32.97 -15.03 3.32
CA PHE D 135 -31.51 -15.08 3.36
C PHE D 135 -30.95 -14.22 4.49
N VAL D 136 -30.75 -14.82 5.67
CA VAL D 136 -30.12 -14.10 6.77
C VAL D 136 -28.60 -14.33 6.71
N ALA D 137 -27.86 -13.45 7.37
CA ALA D 137 -26.41 -13.49 7.37
C ALA D 137 -25.83 -14.47 8.38
N ARG D 138 -26.65 -14.95 9.33
CA ARG D 138 -26.13 -15.83 10.38
C ARG D 138 -27.25 -16.62 11.04
N LYS D 139 -27.20 -17.95 10.93
CA LYS D 139 -28.18 -18.81 11.57
C LYS D 139 -27.94 -18.86 13.07
N VAL D 140 -29.02 -18.67 13.84
CA VAL D 140 -28.96 -18.63 15.30
C VAL D 140 -30.25 -19.23 15.85
N HIS D 141 -30.10 -20.06 16.87
CA HIS D 141 -31.23 -20.72 17.51
C HIS D 141 -32.15 -19.67 18.14
N LYS D 142 -33.30 -20.06 18.63
CA LYS D 142 -34.19 -19.08 19.11
C LYS D 142 -34.35 -19.10 20.57
N LYS D 143 -33.28 -18.87 21.27
CA LYS D 143 -33.28 -18.63 22.72
C LYS D 143 -32.57 -17.31 22.98
N TRP D 144 -31.84 -16.83 21.97
CA TRP D 144 -31.08 -15.59 22.04
C TRP D 144 -31.74 -14.51 21.19
N LEU D 145 -32.97 -14.75 20.76
CA LEU D 145 -33.66 -13.86 19.83
C LEU D 145 -34.87 -13.26 20.53
N ASN D 146 -34.93 -11.94 20.57
CA ASN D 146 -36.17 -11.34 21.05
C ASN D 146 -37.28 -11.53 20.01
N PRO D 147 -38.55 -11.53 20.43
CA PRO D 147 -39.65 -11.86 19.51
C PRO D 147 -39.74 -10.99 18.26
N ALA D 148 -38.91 -9.96 18.16
CA ALA D 148 -38.96 -9.08 16.97
C ALA D 148 -38.61 -9.86 15.70
N GLN D 149 -37.38 -10.37 15.62
CA GLN D 149 -36.97 -11.20 14.48
C GLN D 149 -37.13 -12.68 14.86
N CYS D 150 -38.38 -13.14 14.75
CA CYS D 150 -38.74 -14.53 14.98
C CYS D 150 -39.63 -15.01 13.83
N LEU D 151 -39.12 -14.84 12.59
CA LEU D 151 -39.83 -15.05 11.34
C LEU D 151 -40.71 -16.29 11.38
N PRO D 152 -41.98 -16.18 10.97
CA PRO D 152 -42.90 -17.32 11.08
C PRO D 152 -42.59 -18.43 10.09
N ALA D 153 -43.42 -19.48 10.10
CA ALA D 153 -43.23 -20.59 9.18
C ALA D 153 -44.38 -20.66 8.18
N ILE D 154 -45.40 -19.83 8.37
CA ILE D 154 -46.56 -19.77 7.50
C ILE D 154 -46.85 -18.33 7.13
N LEU D 155 -47.01 -18.07 5.84
CA LEU D 155 -47.40 -16.76 5.34
C LEU D 155 -48.55 -16.92 4.35
N GLU D 156 -49.48 -15.98 4.39
CA GLU D 156 -50.68 -16.03 3.58
C GLU D 156 -50.78 -14.78 2.70
N GLY D 157 -51.45 -14.94 1.56
CA GLY D 157 -51.64 -13.86 0.62
C GLY D 157 -53.08 -13.72 0.16
N PRO D 158 -53.27 -13.15 -1.03
CA PRO D 158 -54.64 -12.93 -1.54
C PRO D 158 -55.32 -14.23 -1.96
N GLY D 159 -56.61 -14.33 -1.69
CA GLY D 159 -57.38 -15.51 -2.05
C GLY D 159 -57.18 -16.71 -1.16
N GLY D 160 -56.51 -16.55 -0.01
CA GLY D 160 -56.28 -17.64 0.90
C GLY D 160 -55.27 -18.65 0.40
N VAL D 161 -54.06 -18.19 0.11
CA VAL D 161 -52.95 -19.05 -0.31
C VAL D 161 -51.87 -18.96 0.75
N TRP D 162 -51.47 -20.10 1.29
CA TRP D 162 -50.46 -20.18 2.33
C TRP D 162 -49.21 -20.87 1.81
N CYS D 163 -48.06 -20.51 2.38
CA CYS D 163 -46.79 -21.06 1.98
C CYS D 163 -45.85 -21.06 3.18
N ASP D 164 -44.81 -21.88 3.08
CA ASP D 164 -43.83 -22.01 4.15
C ASP D 164 -42.75 -20.94 4.02
N VAL D 165 -42.01 -20.73 5.10
CA VAL D 165 -40.91 -19.76 5.15
C VAL D 165 -39.66 -20.53 5.55
N ASP D 166 -38.60 -20.37 4.76
CA ASP D 166 -37.31 -21.00 5.04
C ASP D 166 -36.28 -19.93 5.35
N VAL D 167 -35.43 -20.21 6.32
CA VAL D 167 -34.38 -19.28 6.75
C VAL D 167 -33.05 -19.93 6.38
N VAL D 168 -32.45 -19.45 5.29
CA VAL D 168 -31.15 -19.94 4.84
C VAL D 168 -30.07 -18.98 5.31
N GLU D 169 -28.88 -19.50 5.57
CA GLU D 169 -27.73 -18.67 5.98
C GLU D 169 -27.01 -18.26 4.70
N PHE D 170 -27.10 -16.97 4.36
CA PHE D 170 -26.69 -16.46 3.07
C PHE D 170 -25.97 -15.13 3.27
N SER D 171 -25.02 -14.83 2.39
CA SER D 171 -24.20 -13.64 2.58
C SER D 171 -23.80 -13.06 1.23
N TYR D 172 -23.50 -11.77 1.22
CA TYR D 172 -22.94 -11.08 0.08
C TYR D 172 -21.49 -10.66 0.30
N TYR D 173 -20.71 -11.48 0.99
CA TYR D 173 -19.30 -11.15 1.24
C TYR D 173 -18.41 -12.37 1.02
N GLU D 182 -7.82 -17.64 -11.51
CA GLU D 182 -7.42 -19.03 -11.72
C GLU D 182 -8.16 -19.64 -12.91
N GLN D 183 -7.76 -20.86 -13.28
CA GLN D 183 -8.37 -21.54 -14.42
C GLN D 183 -8.16 -23.04 -14.25
N MET D 184 -9.04 -23.81 -14.87
CA MET D 184 -8.89 -25.26 -14.97
C MET D 184 -8.11 -25.60 -16.23
N PHE D 185 -7.38 -26.73 -16.16
CA PHE D 185 -6.44 -27.13 -17.22
C PHE D 185 -6.91 -28.46 -17.80
N SER D 186 -7.66 -28.38 -18.90
CA SER D 186 -8.06 -29.55 -19.67
C SER D 186 -7.82 -29.28 -21.15
N GLU D 187 -8.18 -30.24 -22.00
CA GLU D 187 -8.00 -30.12 -23.43
C GLU D 187 -9.17 -29.38 -24.10
N LEU D 188 -10.27 -29.18 -23.38
CA LEU D 188 -11.41 -28.43 -23.89
C LEU D 188 -11.29 -26.93 -23.63
N VAL D 189 -10.75 -26.55 -22.47
CA VAL D 189 -10.47 -25.15 -22.19
C VAL D 189 -9.51 -24.55 -23.19
N ASP D 190 -8.47 -25.29 -23.60
CA ASP D 190 -7.56 -24.84 -24.64
C ASP D 190 -8.24 -24.63 -25.97
N LYS D 191 -9.12 -25.55 -26.38
CA LYS D 191 -9.90 -25.37 -27.61
C LYS D 191 -10.84 -24.18 -27.55
N LEU D 192 -11.47 -23.93 -26.40
CA LEU D 192 -12.33 -22.77 -26.24
C LEU D 192 -11.56 -21.47 -26.12
N CYS D 193 -10.23 -21.53 -25.99
CA CYS D 193 -9.41 -20.34 -25.82
C CYS D 193 -8.71 -19.91 -27.12
N GLY D 194 -9.04 -20.56 -28.23
CA GLY D 194 -8.48 -20.16 -29.51
C GLY D 194 -7.59 -21.19 -30.18
N SER D 195 -7.46 -22.37 -29.58
CA SER D 195 -6.67 -23.44 -30.16
C SER D 195 -7.47 -24.33 -31.09
N ASP D 196 -8.74 -24.02 -31.30
CA ASP D 196 -9.61 -24.79 -32.18
C ASP D 196 -9.64 -24.16 -33.57
N GLU D 197 -10.40 -24.79 -34.47
CA GLU D 197 -10.56 -24.31 -35.84
C GLU D 197 -11.97 -23.77 -36.07
N CYS D 198 -12.75 -23.64 -34.99
CA CYS D 198 -14.13 -23.19 -35.10
C CYS D 198 -14.48 -22.34 -33.89
N ILE D 199 -15.52 -21.52 -34.06
CA ILE D 199 -16.03 -20.64 -33.01
C ILE D 199 -17.48 -20.99 -32.78
N GLY D 200 -17.96 -20.77 -31.55
CA GLY D 200 -19.33 -21.09 -31.23
C GLY D 200 -19.61 -20.90 -29.76
N SER D 201 -20.63 -21.60 -29.28
CA SER D 201 -21.00 -21.54 -27.87
C SER D 201 -19.85 -22.05 -27.01
N GLY D 202 -19.54 -21.30 -25.95
CA GLY D 202 -18.48 -21.62 -25.04
C GLY D 202 -17.13 -21.04 -25.41
N SER D 203 -17.03 -20.44 -26.60
CA SER D 203 -15.77 -19.84 -27.02
C SER D 203 -15.49 -18.57 -26.23
N GLN D 204 -14.24 -18.10 -26.33
CA GLN D 204 -13.81 -16.90 -25.62
C GLN D 204 -13.89 -15.70 -26.55
N VAL D 205 -14.63 -14.68 -26.13
CA VAL D 205 -14.76 -13.42 -26.86
C VAL D 205 -14.17 -12.31 -25.99
N ALA D 206 -13.32 -11.48 -26.59
CA ALA D 206 -12.57 -10.49 -25.85
C ALA D 206 -12.77 -9.10 -26.45
N SER D 207 -12.81 -8.11 -25.56
CA SER D 207 -12.79 -6.70 -25.93
C SER D 207 -11.43 -6.11 -25.53
N HIS D 208 -11.26 -4.81 -25.77
CA HIS D 208 -9.98 -4.17 -25.55
C HIS D 208 -9.53 -4.27 -24.08
N GLU D 209 -10.47 -4.41 -23.16
CA GLU D 209 -10.12 -4.38 -21.74
C GLU D 209 -10.37 -5.70 -21.04
N THR D 210 -11.59 -6.24 -21.16
CA THR D 210 -11.96 -7.43 -20.41
C THR D 210 -12.17 -8.64 -21.32
N PHE D 211 -12.17 -9.81 -20.71
CA PHE D 211 -12.43 -11.07 -21.37
C PHE D 211 -13.87 -11.50 -21.12
N GLY D 212 -14.28 -12.59 -21.78
CA GLY D 212 -15.62 -13.10 -21.62
C GLY D 212 -15.85 -14.44 -22.27
N THR D 213 -17.11 -14.92 -22.24
CA THR D 213 -17.48 -16.20 -22.81
C THR D 213 -18.56 -15.99 -23.86
N LEU D 214 -18.31 -16.53 -25.06
CA LEU D 214 -19.32 -16.51 -26.11
C LEU D 214 -20.51 -17.34 -25.66
N GLY D 215 -21.71 -16.79 -25.82
CA GLY D 215 -22.91 -17.47 -25.36
C GLY D 215 -23.61 -18.24 -26.45
N ALA D 216 -24.73 -17.72 -26.92
CA ALA D 216 -25.54 -18.36 -27.93
C ALA D 216 -25.20 -17.80 -29.31
N ILE D 217 -25.57 -18.56 -30.34
CA ILE D 217 -25.44 -18.12 -31.74
C ILE D 217 -26.86 -17.80 -32.18
N VAL D 218 -27.14 -16.51 -32.35
CA VAL D 218 -28.53 -16.04 -32.51
C VAL D 218 -28.71 -15.34 -33.85
N LYS D 219 -29.97 -15.10 -34.21
CA LYS D 219 -30.33 -14.44 -35.46
C LYS D 219 -31.47 -13.49 -35.20
N ARG D 220 -31.36 -12.28 -35.75
CA ARG D 220 -32.40 -11.27 -35.60
C ARG D 220 -33.71 -11.77 -36.23
N ARG D 221 -34.81 -11.53 -35.52
CA ARG D 221 -36.11 -12.02 -35.94
C ARG D 221 -36.77 -11.17 -37.01
N THR D 222 -36.25 -9.98 -37.27
CA THR D 222 -36.83 -9.07 -38.26
C THR D 222 -35.70 -8.43 -39.05
N GLY D 223 -36.04 -7.48 -39.91
CA GLY D 223 -35.03 -6.81 -40.71
C GLY D 223 -34.37 -7.76 -41.69
N ASN D 224 -33.04 -7.73 -41.73
CA ASN D 224 -32.30 -8.58 -42.65
C ASN D 224 -32.05 -9.97 -42.07
N LYS D 225 -32.48 -10.21 -40.83
CA LYS D 225 -32.24 -11.47 -40.13
C LYS D 225 -30.74 -11.79 -40.10
N GLN D 226 -29.92 -10.79 -39.79
CA GLN D 226 -28.48 -10.99 -39.77
C GLN D 226 -28.09 -11.96 -38.67
N VAL D 227 -27.04 -12.74 -38.92
CA VAL D 227 -26.57 -13.73 -37.96
C VAL D 227 -25.54 -13.08 -37.04
N GLY D 228 -25.40 -13.61 -35.83
CA GLY D 228 -24.45 -13.10 -34.87
C GLY D 228 -24.39 -13.94 -33.62
N PHE D 229 -24.15 -13.30 -32.47
CA PHE D 229 -24.08 -14.00 -31.20
C PHE D 229 -24.50 -13.01 -30.11
N LEU D 230 -24.91 -13.54 -28.96
CA LEU D 230 -25.30 -12.74 -27.81
C LEU D 230 -24.44 -13.12 -26.63
N THR D 231 -24.07 -12.13 -25.83
CA THR D 231 -23.26 -12.34 -24.63
C THR D 231 -23.75 -11.39 -23.55
N ASN D 232 -22.99 -11.28 -22.46
CA ASN D 232 -23.29 -10.34 -21.39
C ASN D 232 -22.55 -9.04 -21.66
N HIS D 233 -23.20 -7.92 -21.39
CA HIS D 233 -22.65 -6.63 -21.81
C HIS D 233 -21.67 -6.04 -20.81
N HIS D 234 -21.50 -6.63 -19.62
CA HIS D 234 -20.44 -6.19 -18.72
C HIS D 234 -19.05 -6.45 -19.25
N VAL D 235 -18.92 -7.33 -20.25
CA VAL D 235 -17.65 -7.60 -20.91
C VAL D 235 -17.67 -7.24 -22.39
N ALA D 236 -18.83 -6.85 -22.93
CA ALA D 236 -18.97 -6.64 -24.37
C ALA D 236 -18.82 -5.18 -24.76
N VAL D 237 -19.51 -4.28 -24.06
CA VAL D 237 -19.56 -2.88 -24.44
C VAL D 237 -18.77 -2.09 -23.40
N ASP D 238 -17.87 -1.24 -23.89
CA ASP D 238 -17.25 -0.24 -23.04
C ASP D 238 -18.31 0.83 -22.78
N LEU D 239 -18.64 1.06 -21.51
CA LEU D 239 -19.75 1.93 -21.15
C LEU D 239 -19.57 3.35 -21.69
N ASP D 240 -18.31 3.80 -21.78
CA ASP D 240 -17.99 5.11 -22.33
C ASP D 240 -17.63 4.94 -23.80
N TYR D 241 -18.39 4.08 -24.49
CA TYR D 241 -18.20 3.77 -25.90
C TYR D 241 -19.50 3.24 -26.48
N PRO D 242 -20.31 4.09 -27.12
CA PRO D 242 -21.62 3.65 -27.66
C PRO D 242 -21.61 2.28 -28.32
N ASN D 243 -20.64 2.05 -29.22
CA ASN D 243 -20.44 0.76 -29.85
C ASN D 243 -18.99 0.36 -29.75
N GLN D 244 -18.76 -0.92 -29.42
CA GLN D 244 -17.42 -1.47 -29.29
C GLN D 244 -17.15 -2.50 -30.38
N LYS D 245 -15.99 -3.14 -30.28
CA LYS D 245 -15.57 -4.17 -31.21
C LYS D 245 -15.32 -5.48 -30.46
N MET D 246 -15.55 -6.59 -31.15
CA MET D 246 -15.36 -7.92 -30.58
C MET D 246 -14.27 -8.65 -31.34
N PHE D 247 -13.37 -9.31 -30.61
CA PHE D 247 -12.27 -10.05 -31.19
C PHE D 247 -12.18 -11.43 -30.55
N HIS D 248 -11.68 -12.38 -31.31
CA HIS D 248 -11.48 -13.76 -30.85
C HIS D 248 -10.13 -14.23 -31.34
N PRO D 249 -9.24 -14.72 -30.45
CA PRO D 249 -9.41 -14.80 -28.99
C PRO D 249 -8.96 -13.53 -28.27
N LEU D 250 -8.12 -12.71 -28.90
CA LEU D 250 -7.53 -11.55 -28.25
C LEU D 250 -7.65 -10.34 -29.16
N PRO D 251 -7.65 -9.14 -28.59
CA PRO D 251 -7.65 -7.92 -29.39
C PRO D 251 -6.34 -7.77 -30.14
N PRO D 252 -6.29 -6.92 -31.18
CA PRO D 252 -5.04 -6.76 -31.94
C PRO D 252 -3.94 -6.07 -31.15
N ASN D 253 -4.30 -5.51 -29.99
CA ASN D 253 -3.33 -4.87 -29.11
C ASN D 253 -2.87 -5.78 -27.98
N LEU D 254 -3.31 -7.03 -27.98
CA LEU D 254 -2.95 -7.97 -26.93
C LEU D 254 -2.43 -9.27 -27.52
N GLY D 255 -2.75 -9.54 -28.77
CA GLY D 255 -2.31 -10.75 -29.44
C GLY D 255 -3.04 -10.99 -30.74
N PRO D 256 -2.86 -12.18 -31.31
CA PRO D 256 -3.56 -12.52 -32.56
C PRO D 256 -5.05 -12.72 -32.35
N GLY D 257 -5.82 -12.30 -33.35
CA GLY D 257 -7.26 -12.45 -33.29
C GLY D 257 -7.91 -12.02 -34.58
N VAL D 258 -9.22 -12.27 -34.67
CA VAL D 258 -10.03 -11.89 -35.81
C VAL D 258 -11.18 -11.02 -35.31
N TYR D 259 -11.41 -9.91 -36.00
CA TYR D 259 -12.47 -8.98 -35.61
C TYR D 259 -13.83 -9.61 -35.93
N LEU D 260 -14.67 -9.76 -34.90
CA LEU D 260 -15.94 -10.44 -35.05
C LEU D 260 -17.06 -9.49 -35.48
N GLY D 261 -17.28 -8.43 -34.71
CA GLY D 261 -18.34 -7.51 -35.04
C GLY D 261 -18.44 -6.39 -34.03
N ALA D 262 -19.61 -5.75 -34.01
CA ALA D 262 -19.85 -4.61 -33.13
C ALA D 262 -21.18 -4.81 -32.42
N VAL D 263 -21.30 -4.19 -31.25
CA VAL D 263 -22.52 -4.30 -30.45
C VAL D 263 -23.62 -3.45 -31.08
N GLU D 264 -24.69 -4.12 -31.53
CA GLU D 264 -25.81 -3.42 -32.14
C GLU D 264 -26.84 -2.99 -31.11
N ARG D 265 -27.37 -3.95 -30.36
CA ARG D 265 -28.38 -3.67 -29.34
C ARG D 265 -27.99 -4.33 -28.03
N ALA D 266 -28.31 -3.64 -26.91
CA ALA D 266 -27.97 -4.15 -25.59
C ALA D 266 -28.94 -3.54 -24.57
N THR D 267 -29.91 -4.35 -24.15
CA THR D 267 -30.77 -3.96 -23.04
C THR D 267 -30.10 -4.29 -21.71
N SER D 268 -30.18 -3.35 -20.77
CA SER D 268 -29.51 -3.52 -19.49
C SER D 268 -30.51 -3.75 -18.36
N PHE D 269 -31.50 -2.87 -18.22
CA PHE D 269 -32.47 -2.95 -17.14
C PHE D 269 -33.89 -2.94 -17.72
N ILE D 270 -34.69 -3.92 -17.31
CA ILE D 270 -36.09 -4.03 -17.70
C ILE D 270 -36.93 -4.01 -16.45
N THR D 271 -38.05 -3.27 -16.49
CA THR D 271 -38.92 -3.16 -15.32
C THR D 271 -39.63 -4.48 -15.07
N ASP D 272 -40.14 -4.63 -13.83
CA ASP D 272 -40.72 -5.89 -13.41
C ASP D 272 -41.98 -6.23 -14.19
N ASP D 273 -42.83 -5.23 -14.45
CA ASP D 273 -44.07 -5.50 -15.17
C ASP D 273 -43.82 -5.98 -16.59
N VAL D 274 -42.83 -5.39 -17.27
CA VAL D 274 -42.51 -5.83 -18.63
C VAL D 274 -41.85 -7.20 -18.61
N TRP D 275 -41.09 -7.51 -17.56
CA TRP D 275 -40.28 -8.73 -17.53
C TRP D 275 -41.09 -9.94 -17.07
N TYR D 276 -41.64 -9.89 -15.87
CA TYR D 276 -42.41 -11.01 -15.35
C TYR D 276 -43.88 -10.91 -15.74
N GLY D 277 -44.46 -9.72 -15.58
CA GLY D 277 -45.87 -9.53 -15.85
C GLY D 277 -46.65 -9.15 -14.61
N ILE D 278 -46.21 -9.67 -13.46
CA ILE D 278 -46.83 -9.36 -12.18
C ILE D 278 -46.09 -8.20 -11.54
N TYR D 279 -46.78 -7.46 -10.67
CA TYR D 279 -46.19 -6.33 -9.93
C TYR D 279 -45.52 -6.91 -8.69
N ALA D 280 -44.36 -7.54 -8.87
CA ALA D 280 -43.65 -8.22 -7.79
C ALA D 280 -42.84 -7.22 -6.97
N GLY D 281 -43.55 -6.47 -6.14
CA GLY D 281 -42.92 -5.51 -5.26
C GLY D 281 -43.82 -4.32 -5.00
N THR D 282 -43.67 -3.75 -3.81
CA THR D 282 -44.42 -2.56 -3.40
C THR D 282 -43.50 -1.34 -3.44
N ASN D 283 -42.64 -1.27 -4.45
CA ASN D 283 -41.71 -0.17 -4.63
C ASN D 283 -41.86 0.44 -6.02
N PRO D 284 -41.80 1.77 -6.14
CA PRO D 284 -41.88 2.38 -7.48
C PRO D 284 -40.77 1.96 -8.41
N GLU D 285 -39.57 1.68 -7.89
CA GLU D 285 -38.39 1.41 -8.71
C GLU D 285 -37.89 0.00 -8.40
N THR D 286 -38.41 -0.98 -9.13
CA THR D 286 -37.93 -2.37 -9.07
C THR D 286 -37.54 -2.77 -10.48
N PHE D 287 -36.24 -2.74 -10.76
CA PHE D 287 -35.72 -3.10 -12.07
C PHE D 287 -35.25 -4.55 -12.09
N VAL D 288 -35.19 -5.12 -13.29
CA VAL D 288 -34.63 -6.46 -13.49
C VAL D 288 -33.39 -6.31 -14.36
N ARG D 289 -32.22 -6.62 -13.80
CA ARG D 289 -30.97 -6.45 -14.52
C ARG D 289 -30.78 -7.56 -15.54
N ALA D 290 -31.35 -7.39 -16.72
CA ALA D 290 -31.29 -8.38 -17.80
C ALA D 290 -30.11 -8.13 -18.72
N ASP D 291 -28.94 -8.66 -18.35
CA ASP D 291 -27.74 -8.48 -19.16
C ASP D 291 -27.89 -9.15 -20.52
N GLY D 292 -27.46 -8.45 -21.57
CA GLY D 292 -27.54 -9.01 -22.90
C GLY D 292 -27.06 -7.99 -23.92
N ALA D 293 -26.47 -8.51 -24.99
CA ALA D 293 -25.92 -7.65 -26.04
C ALA D 293 -25.80 -8.46 -27.32
N PHE D 294 -26.54 -8.05 -28.35
CA PHE D 294 -26.46 -8.71 -29.64
C PHE D 294 -25.32 -8.11 -30.47
N ILE D 295 -24.53 -8.99 -31.07
CA ILE D 295 -23.39 -8.57 -31.89
C ILE D 295 -23.43 -9.30 -33.22
N PRO D 296 -23.80 -8.62 -34.31
CA PRO D 296 -23.77 -9.25 -35.63
C PRO D 296 -22.34 -9.54 -36.08
N PHE D 297 -22.21 -10.54 -36.93
CA PHE D 297 -20.91 -10.92 -37.49
C PHE D 297 -20.53 -9.92 -38.57
N ALA D 298 -19.23 -9.63 -38.68
CA ALA D 298 -18.72 -8.65 -39.63
C ALA D 298 -19.01 -9.06 -41.08
N ASP D 299 -19.00 -8.08 -41.98
CA ASP D 299 -19.26 -8.32 -43.39
C ASP D 299 -18.23 -9.26 -44.00
N ASP D 300 -16.96 -9.06 -43.68
CA ASP D 300 -15.88 -9.86 -44.22
C ASP D 300 -15.60 -11.11 -43.40
N PHE D 301 -16.29 -11.29 -42.28
CA PHE D 301 -16.10 -12.48 -41.46
C PHE D 301 -16.77 -13.68 -42.14
N ASP D 302 -16.13 -14.84 -42.02
CA ASP D 302 -16.58 -16.05 -42.68
C ASP D 302 -17.53 -16.83 -41.78
N ILE D 303 -18.70 -17.19 -42.32
CA ILE D 303 -19.67 -18.00 -41.61
C ILE D 303 -19.30 -19.48 -41.61
N SER D 304 -18.56 -19.94 -42.63
CA SER D 304 -18.24 -21.35 -42.81
C SER D 304 -17.23 -21.86 -41.78
N THR D 305 -16.88 -21.04 -40.79
CA THR D 305 -16.00 -21.47 -39.71
C THR D 305 -16.73 -21.26 -38.37
N VAL D 306 -18.06 -21.36 -38.41
CA VAL D 306 -18.88 -21.18 -37.22
C VAL D 306 -19.73 -22.43 -37.05
N THR D 307 -19.71 -22.97 -35.83
CA THR D 307 -20.43 -24.20 -35.52
C THR D 307 -21.67 -23.87 -34.69
N THR D 308 -22.58 -24.84 -34.61
CA THR D 308 -23.77 -24.70 -33.79
C THR D 308 -23.85 -25.71 -32.66
N VAL D 309 -23.04 -26.76 -32.67
CA VAL D 309 -23.03 -27.74 -31.59
C VAL D 309 -22.20 -27.20 -30.43
N VAL D 310 -22.53 -27.65 -29.22
CA VAL D 310 -21.82 -27.22 -28.02
C VAL D 310 -20.73 -28.23 -27.70
N ARG D 311 -19.50 -27.74 -27.52
CA ARG D 311 -18.35 -28.58 -27.22
C ARG D 311 -18.47 -29.07 -25.78
N GLY D 312 -18.72 -30.38 -25.62
CA GLY D 312 -18.88 -30.97 -24.32
C GLY D 312 -20.30 -31.27 -23.90
N VAL D 313 -21.30 -30.80 -24.65
CA VAL D 313 -22.70 -31.05 -24.32
C VAL D 313 -23.34 -31.81 -25.48
N GLY D 314 -22.75 -31.67 -26.67
CA GLY D 314 -23.30 -32.32 -27.85
C GLY D 314 -24.23 -31.43 -28.63
N ASP D 315 -25.47 -31.88 -28.82
CA ASP D 315 -26.49 -31.14 -29.56
C ASP D 315 -27.56 -30.64 -28.59
N ILE D 316 -27.77 -29.33 -28.57
CA ILE D 316 -28.76 -28.72 -27.69
C ILE D 316 -30.06 -28.52 -28.46
N GLY D 317 -31.17 -28.39 -27.73
CA GLY D 317 -32.47 -28.15 -28.32
C GLY D 317 -32.85 -26.68 -28.35
N ASP D 318 -34.15 -26.45 -28.48
CA ASP D 318 -34.69 -25.11 -28.52
C ASP D 318 -34.82 -24.55 -27.10
N VAL D 319 -34.85 -23.23 -27.00
CA VAL D 319 -34.95 -22.54 -25.72
C VAL D 319 -36.22 -22.96 -24.99
N LYS D 320 -36.07 -23.39 -23.74
CA LYS D 320 -37.20 -23.78 -22.90
C LYS D 320 -37.63 -22.54 -22.11
N VAL D 321 -38.81 -22.02 -22.44
CA VAL D 321 -39.32 -20.84 -21.75
C VAL D 321 -39.76 -21.22 -20.34
N ILE D 322 -39.50 -20.32 -19.40
CA ILE D 322 -39.87 -20.52 -18.00
C ILE D 322 -41.23 -19.88 -17.78
N ASP D 323 -42.26 -20.71 -17.66
CA ASP D 323 -43.62 -20.26 -17.39
C ASP D 323 -43.84 -20.16 -15.89
N LEU D 324 -44.54 -19.10 -15.48
CA LEU D 324 -44.71 -18.77 -14.06
C LEU D 324 -45.87 -19.49 -13.41
N GLN D 325 -46.68 -20.22 -14.18
CA GLN D 325 -47.85 -20.91 -13.63
C GLN D 325 -47.80 -22.39 -13.93
N CYS D 326 -46.59 -22.95 -14.02
CA CYS D 326 -46.40 -24.39 -14.20
C CYS D 326 -46.09 -25.02 -12.84
N PRO D 327 -46.12 -26.35 -12.73
CA PRO D 327 -45.75 -26.98 -11.46
C PRO D 327 -44.35 -26.63 -11.03
N LEU D 328 -44.19 -26.48 -9.71
CA LEU D 328 -42.95 -25.97 -9.13
C LEU D 328 -41.77 -26.92 -9.33
N ASN D 329 -42.03 -28.18 -9.62
CA ASN D 329 -40.96 -29.18 -9.78
C ASN D 329 -40.49 -29.27 -11.23
N SER D 330 -40.64 -28.19 -12.00
CA SER D 330 -40.18 -28.14 -13.38
C SER D 330 -38.93 -27.27 -13.55
N LEU D 331 -38.70 -26.32 -12.64
CA LEU D 331 -37.52 -25.47 -12.72
C LEU D 331 -36.66 -25.64 -11.47
N ILE D 332 -37.29 -25.63 -10.30
CA ILE D 332 -36.58 -25.78 -9.03
C ILE D 332 -36.23 -27.25 -8.83
N GLY D 333 -34.96 -27.52 -8.54
CA GLY D 333 -34.48 -28.88 -8.29
C GLY D 333 -33.98 -29.59 -9.53
N ARG D 334 -34.08 -29.00 -10.71
CA ARG D 334 -33.59 -29.64 -11.92
C ARG D 334 -32.07 -29.55 -11.99
N GLN D 335 -31.50 -30.36 -12.88
CA GLN D 335 -30.05 -30.44 -13.07
C GLN D 335 -29.66 -29.64 -14.30
N VAL D 336 -28.71 -28.73 -14.14
CA VAL D 336 -28.26 -27.88 -15.22
C VAL D 336 -26.75 -28.07 -15.42
N CYS D 337 -26.24 -27.51 -16.51
CA CYS D 337 -24.82 -27.60 -16.84
C CYS D 337 -24.44 -26.39 -17.68
N LYS D 338 -23.13 -26.21 -17.88
CA LYS D 338 -22.64 -25.08 -18.67
C LYS D 338 -21.28 -25.44 -19.24
N VAL D 339 -20.85 -24.67 -20.23
CA VAL D 339 -19.51 -24.78 -20.81
C VAL D 339 -18.91 -23.38 -20.81
N GLY D 340 -17.75 -23.23 -20.15
CA GLY D 340 -17.11 -21.95 -20.03
C GLY D 340 -15.68 -21.98 -20.54
N ARG D 341 -15.16 -20.79 -20.86
CA ARG D 341 -13.82 -20.67 -21.39
C ARG D 341 -12.74 -20.86 -20.32
N SER D 342 -13.10 -20.85 -19.05
CA SER D 342 -12.12 -20.95 -17.97
C SER D 342 -12.55 -21.97 -16.93
N SER D 343 -13.63 -22.71 -17.23
CA SER D 343 -14.11 -23.73 -16.29
C SER D 343 -14.43 -25.03 -17.01
N GLY D 344 -14.50 -25.00 -18.33
CA GLY D 344 -14.86 -26.19 -19.07
C GLY D 344 -16.31 -26.58 -18.81
N HIS D 345 -16.54 -27.89 -18.73
CA HIS D 345 -17.87 -28.42 -18.47
C HIS D 345 -18.08 -28.62 -16.97
N THR D 346 -19.18 -28.07 -16.45
CA THR D 346 -19.52 -28.19 -15.04
C THR D 346 -21.01 -28.45 -14.92
N THR D 347 -21.40 -29.01 -13.78
CA THR D 347 -22.78 -29.37 -13.51
C THR D 347 -23.26 -28.70 -12.22
N GLY D 348 -24.58 -28.54 -12.13
CA GLY D 348 -25.16 -27.91 -10.96
C GLY D 348 -26.66 -28.13 -10.92
N THR D 349 -27.28 -27.55 -9.90
CA THR D 349 -28.72 -27.67 -9.70
C THR D 349 -29.30 -26.30 -9.38
N VAL D 350 -30.58 -26.13 -9.68
CA VAL D 350 -31.30 -24.89 -9.43
C VAL D 350 -31.87 -24.97 -8.01
N MET D 351 -31.56 -23.96 -7.19
CA MET D 351 -32.00 -23.95 -5.81
C MET D 351 -33.14 -22.96 -5.57
N ALA D 352 -33.10 -21.78 -6.18
CA ALA D 352 -34.12 -20.77 -5.95
C ALA D 352 -34.42 -20.06 -7.27
N TYR D 353 -35.28 -19.05 -7.17
CA TYR D 353 -35.68 -18.27 -8.34
C TYR D 353 -36.09 -16.88 -7.87
N ALA D 354 -35.82 -15.89 -8.71
CA ALA D 354 -36.20 -14.50 -8.47
C ALA D 354 -35.63 -13.99 -7.15
N LEU D 355 -34.31 -14.12 -7.02
CA LEU D 355 -33.58 -13.54 -5.91
C LEU D 355 -33.51 -12.03 -6.05
N GLU D 356 -33.75 -11.32 -4.96
CA GLU D 356 -33.77 -9.87 -5.00
C GLU D 356 -33.05 -9.31 -3.77
N TYR D 357 -32.34 -8.20 -3.97
CA TYR D 357 -31.73 -7.49 -2.87
C TYR D 357 -32.03 -6.00 -2.96
N ASN D 358 -31.96 -5.32 -1.82
CA ASN D 358 -32.24 -3.90 -1.74
C ASN D 358 -30.95 -3.16 -1.39
N ASP D 359 -30.55 -2.23 -2.23
CA ASP D 359 -29.34 -1.45 -2.02
C ASP D 359 -29.61 -0.25 -1.11
N GLU D 360 -28.54 0.45 -0.77
CA GLU D 360 -28.63 1.58 0.16
C GLU D 360 -29.49 2.71 -0.39
N LYS D 361 -29.31 3.03 -1.68
CA LYS D 361 -30.02 4.16 -2.26
C LYS D 361 -31.52 3.91 -2.43
N GLY D 362 -31.96 2.65 -2.35
CA GLY D 362 -33.37 2.35 -2.40
C GLY D 362 -33.88 1.91 -3.75
N ILE D 363 -33.13 1.06 -4.44
CA ILE D 363 -33.52 0.49 -5.72
C ILE D 363 -33.62 -1.02 -5.56
N CYS D 364 -34.79 -1.58 -5.88
CA CYS D 364 -35.02 -3.01 -5.83
C CYS D 364 -34.52 -3.65 -7.12
N PHE D 365 -33.61 -4.61 -6.99
CA PHE D 365 -33.01 -5.28 -8.14
C PHE D 365 -33.30 -6.77 -8.04
N PHE D 366 -33.66 -7.37 -9.17
CA PHE D 366 -34.00 -8.79 -9.22
C PHE D 366 -32.88 -9.59 -9.86
N THR D 367 -32.65 -10.79 -9.30
CA THR D 367 -31.75 -11.77 -9.89
C THR D 367 -32.57 -13.00 -10.22
N ASP D 368 -32.36 -13.53 -11.42
CA ASP D 368 -33.34 -14.43 -12.01
C ASP D 368 -33.21 -15.86 -11.48
N ILE D 369 -32.03 -16.47 -11.65
CA ILE D 369 -31.84 -17.87 -11.28
C ILE D 369 -30.65 -17.98 -10.33
N LEU D 370 -30.79 -18.88 -9.36
CA LEU D 370 -29.76 -19.14 -8.35
C LEU D 370 -29.39 -20.62 -8.43
N VAL D 371 -28.16 -20.91 -8.88
CA VAL D 371 -27.68 -22.28 -9.05
C VAL D 371 -26.42 -22.45 -8.20
N VAL D 372 -26.30 -23.62 -7.58
CA VAL D 372 -25.13 -23.98 -6.77
C VAL D 372 -24.50 -25.22 -7.37
N GLY D 373 -23.17 -25.29 -7.31
CA GLY D 373 -22.43 -26.40 -7.89
C GLY D 373 -22.68 -27.73 -7.21
N GLU D 374 -22.38 -28.83 -7.90
CA GLU D 374 -22.62 -30.17 -7.39
C GLU D 374 -21.36 -30.73 -6.74
N ASN D 375 -21.57 -31.65 -5.79
CA ASN D 375 -20.49 -32.32 -5.08
C ASN D 375 -19.54 -31.33 -4.41
N ARG D 376 -20.13 -30.28 -3.83
CA ARG D 376 -19.39 -29.24 -3.09
C ARG D 376 -18.35 -28.54 -3.96
N GLN D 377 -18.57 -28.47 -5.26
CA GLN D 377 -17.66 -27.81 -6.18
C GLN D 377 -18.24 -26.45 -6.56
N THR D 378 -17.53 -25.73 -7.42
CA THR D 378 -17.97 -24.44 -7.93
C THR D 378 -18.57 -24.60 -9.32
N PHE D 379 -19.59 -23.79 -9.61
CA PHE D 379 -20.27 -23.87 -10.89
C PHE D 379 -19.66 -22.98 -11.96
N ASP D 380 -19.05 -21.85 -11.57
CA ASP D 380 -18.45 -20.95 -12.54
C ASP D 380 -17.33 -20.17 -11.87
N LEU D 381 -16.30 -19.87 -12.65
CA LEU D 381 -15.17 -19.07 -12.16
C LEU D 381 -15.32 -17.61 -12.57
N GLU D 382 -14.29 -16.81 -12.32
CA GLU D 382 -14.27 -15.40 -12.71
C GLU D 382 -13.79 -15.33 -14.16
N GLY D 383 -14.71 -15.03 -15.07
CA GLY D 383 -14.40 -15.02 -16.49
C GLY D 383 -15.35 -15.90 -17.28
N ASP D 384 -16.31 -16.50 -16.58
CA ASP D 384 -17.29 -17.40 -17.19
C ASP D 384 -18.57 -16.69 -17.59
N SER D 385 -18.63 -15.37 -17.47
CA SER D 385 -19.85 -14.62 -17.79
C SER D 385 -20.21 -14.79 -19.26
N GLY D 386 -21.46 -15.12 -19.53
CA GLY D 386 -21.93 -15.25 -20.89
C GLY D 386 -22.28 -16.67 -21.27
N SER D 387 -21.78 -17.64 -20.51
CA SER D 387 -22.00 -19.05 -20.83
C SER D 387 -23.47 -19.43 -20.70
N LEU D 388 -23.87 -20.39 -21.52
CA LEU D 388 -25.25 -20.86 -21.53
C LEU D 388 -25.54 -21.72 -20.30
N ILE D 389 -26.82 -21.79 -19.95
CA ILE D 389 -27.30 -22.68 -18.89
C ILE D 389 -28.28 -23.64 -19.55
N ILE D 390 -27.88 -24.90 -19.67
CA ILE D 390 -28.63 -25.91 -20.40
C ILE D 390 -29.06 -27.00 -19.44
N LEU D 391 -30.35 -27.34 -19.46
CA LEU D 391 -30.85 -28.44 -18.64
C LEU D 391 -30.27 -29.75 -19.14
N THR D 392 -29.76 -30.56 -18.21
CA THR D 392 -29.22 -31.87 -18.56
C THR D 392 -30.33 -32.76 -19.10
N SER D 393 -29.98 -33.55 -20.13
CA SER D 393 -30.94 -34.42 -20.80
C SER D 393 -31.69 -35.32 -19.83
N GLN D 394 -33.01 -35.14 -19.75
CA GLN D 394 -33.87 -35.93 -18.89
C GLN D 394 -34.76 -36.83 -19.74
N ASP D 395 -34.87 -38.09 -19.31
CA ASP D 395 -35.73 -39.09 -19.95
C ASP D 395 -35.27 -39.44 -21.36
N GLY D 396 -34.17 -38.85 -21.82
CA GLY D 396 -33.59 -39.23 -23.09
C GLY D 396 -33.71 -38.22 -24.21
N GLU D 397 -34.45 -37.12 -23.98
CA GLU D 397 -34.63 -36.13 -25.04
C GLU D 397 -33.42 -35.22 -25.15
N LYS D 398 -33.53 -34.19 -25.98
CA LYS D 398 -32.41 -33.29 -26.27
C LYS D 398 -32.32 -32.21 -25.18
N PRO D 399 -31.13 -31.92 -24.68
CA PRO D 399 -30.98 -30.84 -23.68
C PRO D 399 -31.38 -29.50 -24.27
N ARG D 400 -31.94 -28.64 -23.43
CA ARG D 400 -32.43 -27.34 -23.87
C ARG D 400 -31.85 -26.23 -23.01
N PRO D 401 -31.20 -25.24 -23.62
CA PRO D 401 -30.72 -24.08 -22.85
C PRO D 401 -31.88 -23.34 -22.19
N ILE D 402 -31.65 -22.85 -20.98
CA ILE D 402 -32.71 -22.18 -20.21
C ILE D 402 -32.23 -20.86 -19.64
N GLY D 403 -30.93 -20.55 -19.79
CA GLY D 403 -30.45 -19.32 -19.18
C GLY D 403 -29.03 -19.00 -19.60
N ILE D 404 -28.60 -17.81 -19.18
CA ILE D 404 -27.26 -17.29 -19.43
C ILE D 404 -26.68 -16.81 -18.11
N ILE D 405 -25.44 -17.21 -17.83
CA ILE D 405 -24.78 -16.81 -16.59
C ILE D 405 -24.52 -15.31 -16.60
N TRP D 406 -24.86 -14.64 -15.50
CA TRP D 406 -24.60 -13.22 -15.38
C TRP D 406 -23.11 -12.93 -15.26
N GLY D 407 -22.46 -13.45 -14.23
CA GLY D 407 -21.02 -13.33 -14.11
C GLY D 407 -20.53 -12.72 -12.82
N GLY D 408 -19.37 -13.18 -12.36
CA GLY D 408 -18.73 -12.64 -11.18
C GLY D 408 -19.52 -12.77 -9.90
N THR D 409 -20.15 -13.94 -9.70
CA THR D 409 -20.90 -14.17 -8.47
C THR D 409 -20.01 -14.51 -7.29
N ALA D 410 -18.75 -14.88 -7.52
CA ALA D 410 -17.87 -15.25 -6.43
C ALA D 410 -17.31 -14.02 -5.71
N ASN D 411 -17.45 -12.83 -6.31
CA ASN D 411 -16.94 -11.61 -5.71
C ASN D 411 -17.64 -11.31 -4.39
N ARG D 412 -18.97 -11.34 -4.40
CA ARG D 412 -19.76 -11.08 -3.19
C ARG D 412 -20.83 -12.15 -3.05
N GLY D 413 -20.44 -13.41 -3.17
CA GLY D 413 -21.43 -14.48 -3.10
C GLY D 413 -20.96 -15.76 -2.44
N ARG D 414 -21.71 -16.21 -1.44
CA ARG D 414 -21.47 -17.49 -0.80
C ARG D 414 -22.76 -17.96 -0.11
N LEU D 415 -22.95 -19.27 -0.07
CA LEU D 415 -24.11 -19.90 0.56
C LEU D 415 -23.64 -20.75 1.74
N LYS D 416 -24.60 -21.45 2.37
CA LYS D 416 -24.26 -22.40 3.42
C LYS D 416 -25.35 -23.46 3.45
N LEU D 417 -24.97 -24.71 3.20
CA LEU D 417 -25.89 -25.84 3.11
C LEU D 417 -25.86 -26.74 4.33
N THR D 418 -25.81 -26.12 5.54
CA THR D 418 -25.96 -26.78 6.83
C THR D 418 -24.61 -27.28 7.33
N SER D 419 -24.51 -27.50 8.65
CA SER D 419 -23.28 -27.79 9.39
C SER D 419 -22.44 -28.92 8.81
N ASP D 420 -21.19 -29.00 9.27
CA ASP D 420 -20.18 -30.02 8.99
C ASP D 420 -19.67 -29.91 7.56
N HIS D 421 -20.05 -28.85 6.86
CA HIS D 421 -19.46 -28.51 5.57
C HIS D 421 -19.39 -26.99 5.44
N GLY D 422 -18.32 -26.53 4.82
CA GLY D 422 -18.06 -25.11 4.70
C GLY D 422 -18.92 -24.43 3.65
N PRO D 423 -18.88 -23.10 3.63
CA PRO D 423 -19.67 -22.35 2.65
C PRO D 423 -19.27 -22.66 1.22
N GLU D 424 -20.27 -22.64 0.33
CA GLU D 424 -20.07 -22.89 -1.09
C GLU D 424 -20.73 -21.77 -1.89
N ASN D 425 -20.05 -21.35 -2.96
CA ASN D 425 -20.51 -20.24 -3.77
C ASN D 425 -21.69 -20.65 -4.64
N TRP D 426 -22.40 -19.65 -5.16
CA TRP D 426 -23.53 -19.84 -6.04
C TRP D 426 -23.27 -19.18 -7.39
N THR D 427 -24.18 -19.42 -8.33
CA THR D 427 -24.12 -18.84 -9.66
C THR D 427 -25.47 -18.21 -9.99
N SER D 428 -25.42 -17.00 -10.54
CA SER D 428 -26.61 -16.24 -10.89
C SER D 428 -26.79 -16.20 -12.40
N GLY D 429 -28.00 -16.48 -12.86
CA GLY D 429 -28.33 -16.51 -14.27
C GLY D 429 -29.51 -15.63 -14.62
N VAL D 430 -29.81 -15.58 -15.92
CA VAL D 430 -30.92 -14.81 -16.47
C VAL D 430 -31.66 -15.70 -17.46
N ASP D 431 -32.99 -15.61 -17.46
CA ASP D 431 -33.81 -16.42 -18.36
C ASP D 431 -33.49 -16.09 -19.82
N LEU D 432 -33.47 -17.13 -20.67
CA LEU D 432 -33.24 -16.92 -22.10
C LEU D 432 -34.53 -16.60 -22.83
N GLY D 433 -35.66 -17.11 -22.33
CA GLY D 433 -36.93 -16.95 -23.00
C GLY D 433 -37.38 -15.52 -23.18
N ARG D 434 -37.27 -14.71 -22.14
CA ARG D 434 -37.70 -13.30 -22.22
C ARG D 434 -36.50 -12.38 -22.39
N LEU D 435 -35.34 -12.94 -22.72
CA LEU D 435 -34.18 -12.14 -23.09
C LEU D 435 -33.99 -12.24 -24.60
N LEU D 436 -34.52 -13.31 -25.18
CA LEU D 436 -34.59 -13.46 -26.63
C LEU D 436 -35.76 -12.72 -27.25
N ASP D 437 -36.74 -12.31 -26.44
CA ASP D 437 -37.91 -11.59 -26.91
C ASP D 437 -37.75 -10.08 -26.81
N ARG D 438 -37.16 -9.58 -25.72
CA ARG D 438 -36.88 -8.16 -25.58
C ARG D 438 -35.65 -7.72 -26.37
N LEU D 439 -34.87 -8.66 -26.89
CA LEU D 439 -33.75 -8.35 -27.78
C LEU D 439 -34.01 -8.86 -29.19
N GLU D 440 -35.08 -9.63 -29.39
CA GLU D 440 -35.53 -10.09 -30.71
C GLU D 440 -34.46 -10.91 -31.44
N LEU D 441 -34.10 -12.06 -30.88
CA LEU D 441 -33.21 -13.01 -31.55
C LEU D 441 -33.94 -14.34 -31.69
N ASP D 442 -33.24 -15.31 -32.28
CA ASP D 442 -33.81 -16.65 -32.49
C ASP D 442 -32.67 -17.66 -32.39
N ILE D 443 -32.82 -18.62 -31.47
CA ILE D 443 -31.77 -19.60 -31.25
C ILE D 443 -31.70 -20.57 -32.42
N ILE D 444 -30.48 -20.85 -32.88
CA ILE D 444 -30.24 -21.75 -34.00
C ILE D 444 -29.73 -23.08 -33.45
N ILE D 445 -30.39 -24.18 -33.86
CA ILE D 445 -30.01 -25.50 -33.40
C ILE D 445 -29.05 -26.21 -34.36
N THR D 446 -29.36 -26.25 -35.65
CA THR D 446 -28.68 -27.11 -36.59
C THR D 446 -27.73 -26.32 -37.49
N ASN D 447 -26.87 -27.05 -38.19
CA ASN D 447 -25.93 -26.43 -39.11
C ASN D 447 -26.59 -25.90 -40.37
N GLU D 448 -27.68 -26.54 -40.83
CA GLU D 448 -28.35 -26.14 -42.06
C GLU D 448 -29.39 -25.05 -41.82
N SER D 449 -29.68 -24.74 -40.56
CA SER D 449 -30.46 -23.55 -40.23
C SER D 449 -29.60 -22.30 -40.19
N LEU D 450 -28.28 -22.46 -40.24
CA LEU D 450 -27.34 -21.34 -40.31
C LEU D 450 -27.01 -21.04 -41.77
N GLN D 451 -26.76 -22.09 -42.56
CA GLN D 451 -26.35 -21.94 -43.95
C GLN D 451 -27.45 -21.30 -44.80
N ASP D 452 -28.68 -21.81 -44.69
CA ASP D 452 -29.78 -21.35 -45.52
C ASP D 452 -30.14 -19.89 -45.20
N ALA D 453 -30.17 -19.53 -43.93
CA ALA D 453 -30.54 -18.18 -43.53
C ALA D 453 -29.54 -17.62 -42.51
N GLN E 90 20.89 -34.88 41.56
CA GLN E 90 20.15 -34.63 40.33
C GLN E 90 18.73 -34.15 40.64
N ALA E 91 18.29 -33.08 39.98
CA ALA E 91 16.97 -32.55 40.18
C ALA E 91 15.91 -33.54 39.71
N ASN E 92 14.81 -33.62 40.46
CA ASN E 92 13.72 -34.53 40.14
C ASN E 92 12.35 -33.86 40.31
N SER E 93 12.31 -32.53 40.21
CA SER E 93 11.07 -31.79 40.37
C SER E 93 11.21 -30.45 39.67
N LEU E 94 10.10 -29.71 39.62
CA LEU E 94 10.12 -28.37 39.05
C LEU E 94 10.72 -27.32 39.99
N LEU E 95 10.52 -27.47 41.30
CA LEU E 95 10.98 -26.47 42.25
C LEU E 95 12.50 -26.29 42.18
N ASP E 96 13.23 -27.40 42.15
CA ASP E 96 14.68 -27.35 42.00
C ASP E 96 15.10 -27.25 40.53
N LEU E 97 14.16 -27.26 39.60
CA LEU E 97 14.47 -27.00 38.20
C LEU E 97 14.44 -25.52 37.83
N MET E 98 13.52 -24.74 38.39
CA MET E 98 13.59 -23.30 38.25
C MET E 98 14.75 -22.69 39.03
N THR E 99 15.14 -23.29 40.15
CA THR E 99 16.24 -22.79 40.97
C THR E 99 17.57 -22.80 40.24
N ILE E 100 17.88 -23.87 39.52
CA ILE E 100 19.11 -23.93 38.74
C ILE E 100 19.13 -22.88 37.62
N ARG E 101 18.02 -22.71 36.91
CA ARG E 101 17.95 -21.67 35.88
C ARG E 101 18.10 -20.28 36.47
N ALA E 102 17.48 -20.02 37.63
CA ALA E 102 17.64 -18.72 38.29
C ALA E 102 19.09 -18.50 38.71
N PHE E 103 19.75 -19.56 39.18
CA PHE E 103 21.15 -19.45 39.55
C PHE E 103 22.04 -19.19 38.34
N HIS E 104 21.66 -19.73 37.18
CA HIS E 104 22.45 -19.60 35.96
C HIS E 104 21.71 -18.82 34.87
N SER E 105 21.03 -17.73 35.23
CA SER E 105 20.27 -16.93 34.27
C SER E 105 21.10 -15.86 33.60
N LYS E 106 22.42 -16.02 33.57
CA LYS E 106 23.32 -15.05 32.96
C LYS E 106 24.02 -15.57 31.72
N ILE E 107 24.52 -16.81 31.76
CA ILE E 107 25.20 -17.37 30.60
C ILE E 107 24.20 -17.85 29.55
N LEU E 108 22.99 -18.21 29.98
CA LEU E 108 22.00 -18.76 29.05
C LEU E 108 21.40 -17.66 28.17
N ARG E 109 21.19 -16.48 28.73
CA ARG E 109 20.47 -15.41 28.04
C ARG E 109 21.33 -14.74 26.98
N ARG E 110 22.62 -15.08 26.92
CA ARG E 110 23.51 -14.45 25.96
C ARG E 110 23.09 -14.74 24.52
N PHE E 111 22.90 -16.01 24.19
CA PHE E 111 22.59 -16.43 22.83
C PHE E 111 21.31 -17.27 22.75
N SER E 112 20.24 -16.83 23.43
CA SER E 112 19.01 -17.58 23.44
C SER E 112 17.82 -16.62 23.35
N LEU E 113 16.73 -17.11 22.76
CA LEU E 113 15.49 -16.35 22.70
C LEU E 113 14.56 -16.67 23.87
N GLY E 114 14.93 -17.58 24.74
CA GLY E 114 14.11 -17.93 25.87
C GLY E 114 14.65 -19.17 26.57
N THR E 115 13.99 -19.53 27.67
CA THR E 115 14.42 -20.66 28.47
C THR E 115 13.20 -21.23 29.20
N ALA E 116 13.17 -22.55 29.31
CA ALA E 116 12.10 -23.25 30.02
C ALA E 116 12.71 -24.48 30.70
N VAL E 117 11.88 -25.19 31.47
CA VAL E 117 12.31 -26.39 32.17
C VAL E 117 11.40 -27.54 31.75
N GLY E 118 12.00 -28.68 31.43
CA GLY E 118 11.23 -29.84 31.00
C GLY E 118 12.07 -31.09 30.89
N PHE E 119 11.84 -31.88 29.85
CA PHE E 119 12.56 -33.12 29.62
C PHE E 119 13.44 -32.97 28.38
N ARG E 120 14.60 -33.61 28.42
CA ARG E 120 15.52 -33.55 27.29
C ARG E 120 14.90 -34.20 26.06
N ILE E 121 15.08 -33.56 24.91
CA ILE E 121 14.56 -34.04 23.63
C ILE E 121 15.76 -34.45 22.78
N ARG E 122 15.82 -35.69 22.36
CA ARG E 122 16.93 -36.17 21.61
C ARG E 122 16.42 -36.93 20.46
N LYS E 123 16.75 -36.57 19.25
CA LYS E 123 16.28 -37.15 17.99
C LYS E 123 14.76 -37.07 17.87
N GLY E 124 14.18 -35.97 18.32
CA GLY E 124 12.78 -35.68 18.08
C GLY E 124 11.79 -36.20 19.09
N ASP E 125 12.24 -36.95 20.10
CA ASP E 125 11.33 -37.48 21.12
C ASP E 125 11.83 -37.09 22.50
N LEU E 126 10.92 -37.03 23.47
CA LEU E 126 11.27 -36.64 24.82
C LEU E 126 11.82 -37.82 25.61
N THR E 127 12.93 -37.59 26.30
CA THR E 127 13.53 -38.60 27.17
C THR E 127 13.00 -38.44 28.59
N ASP E 128 13.50 -39.28 29.51
CA ASP E 128 13.08 -39.13 30.91
C ASP E 128 14.12 -38.41 31.76
N ILE E 129 15.14 -37.81 31.17
CA ILE E 129 16.20 -37.13 31.91
C ILE E 129 15.79 -35.67 32.08
N PRO E 130 15.72 -35.15 33.31
CA PRO E 130 15.44 -33.72 33.49
C PRO E 130 16.49 -32.85 32.83
N ALA E 131 16.07 -31.74 32.22
CA ALA E 131 16.99 -30.86 31.51
C ALA E 131 16.39 -29.45 31.48
N ILE E 132 17.17 -28.51 30.95
CA ILE E 132 16.73 -27.13 30.79
C ILE E 132 16.74 -26.81 29.31
N LEU E 133 15.57 -26.47 28.76
CA LEU E 133 15.47 -26.21 27.32
C LEU E 133 15.92 -24.79 27.02
N VAL E 134 16.89 -24.67 26.11
CA VAL E 134 17.44 -23.39 25.69
C VAL E 134 16.94 -23.15 24.27
N PHE E 135 16.15 -22.09 24.09
CA PHE E 135 15.52 -21.82 22.80
C PHE E 135 16.36 -20.85 21.96
N VAL E 136 17.22 -21.41 21.11
CA VAL E 136 18.03 -20.58 20.21
C VAL E 136 17.25 -20.34 18.92
N ALA E 137 17.71 -19.37 18.13
CA ALA E 137 17.06 -19.07 16.86
C ALA E 137 17.35 -20.10 15.78
N ARG E 138 18.51 -20.75 15.82
CA ARG E 138 18.88 -21.69 14.77
C ARG E 138 19.87 -22.70 15.33
N LYS E 139 19.74 -23.96 14.96
CA LYS E 139 20.65 -25.01 15.39
C LYS E 139 21.74 -25.22 14.35
N VAL E 140 23.00 -25.19 14.81
CA VAL E 140 24.16 -25.49 13.99
C VAL E 140 25.04 -26.49 14.73
N HIS E 141 25.86 -27.21 13.97
CA HIS E 141 26.81 -28.16 14.53
C HIS E 141 27.92 -27.36 15.20
N LYS E 142 28.51 -27.95 16.19
CA LYS E 142 29.53 -27.46 17.06
C LYS E 142 30.81 -27.41 16.38
N LYS E 143 30.91 -26.80 15.23
CA LYS E 143 32.20 -26.70 14.56
C LYS E 143 32.27 -25.35 13.85
N TRP E 144 31.12 -24.71 13.68
CA TRP E 144 31.03 -23.36 13.12
C TRP E 144 30.71 -22.34 14.23
N LEU E 145 31.01 -22.73 15.47
CA LEU E 145 30.67 -21.93 16.64
C LEU E 145 31.94 -21.51 17.37
N ASN E 146 31.92 -20.30 17.91
CA ASN E 146 33.00 -19.85 18.76
C ASN E 146 33.00 -20.65 20.06
N PRO E 147 34.15 -20.82 20.71
CA PRO E 147 34.18 -21.59 21.96
C PRO E 147 33.31 -21.01 23.06
N ALA E 148 33.10 -19.70 23.09
CA ALA E 148 32.25 -19.11 24.13
C ALA E 148 30.77 -19.21 23.78
N GLN E 149 30.45 -19.56 22.54
CA GLN E 149 29.06 -19.69 22.10
C GLN E 149 28.53 -21.11 22.23
N CYS E 150 29.34 -22.04 22.73
CA CYS E 150 28.92 -23.43 22.92
C CYS E 150 28.45 -23.61 24.36
N LEU E 151 27.13 -23.67 24.52
CA LEU E 151 26.52 -23.80 25.83
C LEU E 151 26.87 -25.13 26.46
N PRO E 152 27.24 -25.15 27.74
CA PRO E 152 27.55 -26.43 28.41
C PRO E 152 26.31 -27.29 28.54
N ALA E 153 26.53 -28.60 28.58
CA ALA E 153 25.44 -29.58 28.69
C ALA E 153 25.08 -29.91 30.13
N ILE E 154 25.80 -29.36 31.10
CA ILE E 154 25.55 -29.65 32.51
C ILE E 154 25.64 -28.36 33.31
N LEU E 155 24.63 -28.11 34.16
CA LEU E 155 24.66 -27.01 35.10
C LEU E 155 24.34 -27.54 36.50
N GLU E 156 24.81 -26.80 37.50
CA GLU E 156 24.61 -27.16 38.89
C GLU E 156 23.98 -26.01 39.65
N GLY E 157 23.39 -26.33 40.80
CA GLY E 157 22.73 -25.35 41.63
C GLY E 157 22.99 -25.58 43.10
N PRO E 158 22.37 -24.76 43.96
CA PRO E 158 22.54 -24.93 45.41
C PRO E 158 22.13 -26.31 45.88
N GLY E 159 22.86 -26.85 46.85
CA GLY E 159 22.56 -28.18 47.36
C GLY E 159 23.16 -29.32 46.57
N GLY E 160 24.06 -29.04 45.63
CA GLY E 160 24.70 -30.09 44.86
C GLY E 160 23.75 -30.86 43.96
N VAL E 161 22.89 -30.14 43.24
CA VAL E 161 21.94 -30.75 42.31
C VAL E 161 22.32 -30.33 40.90
N TRP E 162 22.39 -31.30 40.00
CA TRP E 162 22.78 -31.07 38.62
C TRP E 162 21.63 -31.42 37.67
N CYS E 163 21.68 -30.86 36.48
CA CYS E 163 20.68 -31.12 35.46
C CYS E 163 21.32 -30.95 34.09
N ASP E 164 20.69 -31.53 33.09
CA ASP E 164 21.16 -31.46 31.72
C ASP E 164 20.67 -30.17 31.06
N VAL E 165 21.23 -29.89 29.88
CA VAL E 165 20.86 -28.72 29.09
C VAL E 165 20.47 -29.20 27.70
N ASP E 166 19.29 -28.80 27.25
CA ASP E 166 18.81 -29.13 25.91
C ASP E 166 18.66 -27.83 25.11
N VAL E 167 18.94 -27.92 23.81
CA VAL E 167 18.89 -26.78 22.91
C VAL E 167 17.78 -27.03 21.90
N VAL E 168 16.77 -26.16 21.92
CA VAL E 168 15.67 -26.24 20.96
C VAL E 168 15.75 -25.08 20.00
N GLU E 169 15.22 -25.24 18.80
CA GLU E 169 15.27 -24.23 17.74
C GLU E 169 13.93 -23.49 17.72
N PHE E 170 13.85 -22.38 18.44
CA PHE E 170 12.63 -21.61 18.51
C PHE E 170 12.49 -20.67 17.32
N SER E 171 11.24 -20.36 16.97
CA SER E 171 10.94 -19.44 15.89
C SER E 171 9.91 -18.42 16.34
N TYR E 172 10.15 -17.79 17.48
CA TYR E 172 9.23 -16.80 18.03
C TYR E 172 8.98 -15.64 17.07
N GLN E 183 -10.66 -21.90 10.00
CA GLN E 183 -11.67 -22.34 10.94
C GLN E 183 -12.15 -23.75 10.61
N MET E 184 -12.16 -24.62 11.62
CA MET E 184 -12.66 -25.98 11.44
C MET E 184 -14.15 -25.96 11.17
N PHE E 185 -14.59 -26.81 10.25
CA PHE E 185 -15.99 -26.91 9.85
C PHE E 185 -16.52 -28.27 10.28
N SER E 186 -17.27 -28.30 11.36
CA SER E 186 -17.86 -29.53 11.88
C SER E 186 -19.17 -29.17 12.57
N GLU E 187 -19.79 -30.14 13.23
CA GLU E 187 -21.05 -29.94 13.93
C GLU E 187 -20.85 -29.38 15.34
N LEU E 188 -19.63 -29.43 15.88
CA LEU E 188 -19.35 -28.88 17.20
C LEU E 188 -19.06 -27.38 17.11
N VAL E 189 -18.38 -26.96 16.04
CA VAL E 189 -18.07 -25.55 15.83
C VAL E 189 -19.37 -24.77 15.68
N ASP E 190 -20.33 -25.34 14.96
CA ASP E 190 -21.64 -24.71 14.80
C ASP E 190 -22.40 -24.60 16.11
N LYS E 191 -22.37 -25.62 16.95
CA LYS E 191 -23.04 -25.59 18.24
C LYS E 191 -22.36 -24.67 19.25
N LEU E 192 -21.06 -24.43 19.09
CA LEU E 192 -20.33 -23.52 19.96
C LEU E 192 -20.35 -22.09 19.45
N CYS E 193 -21.09 -21.82 18.36
CA CYS E 193 -21.10 -20.49 17.75
C CYS E 193 -22.49 -19.86 17.77
N GLY E 194 -23.48 -20.53 18.36
CA GLY E 194 -24.79 -19.93 18.49
C GLY E 194 -25.96 -20.83 18.12
N SER E 195 -25.67 -21.99 17.54
CA SER E 195 -26.71 -22.93 17.12
C SER E 195 -27.20 -23.82 18.26
N ASP E 196 -26.62 -23.68 19.45
CA ASP E 196 -27.00 -24.50 20.59
C ASP E 196 -28.20 -23.89 21.32
N GLU E 197 -28.87 -24.74 22.09
CA GLU E 197 -29.97 -24.32 22.95
C GLU E 197 -29.50 -24.01 24.36
N CYS E 198 -28.19 -24.09 24.61
CA CYS E 198 -27.63 -23.83 25.92
C CYS E 198 -26.21 -23.33 25.75
N ILE E 199 -25.70 -22.67 26.80
CA ILE E 199 -24.35 -22.13 26.80
C ILE E 199 -23.52 -22.88 27.84
N GLY E 200 -22.23 -22.98 27.60
CA GLY E 200 -21.36 -23.71 28.51
C GLY E 200 -19.92 -23.52 28.15
N SER E 201 -19.09 -24.48 28.59
CA SER E 201 -17.67 -24.45 28.30
C SER E 201 -17.43 -24.57 26.81
N GLY E 202 -16.53 -23.72 26.30
CA GLY E 202 -16.21 -23.69 24.89
C GLY E 202 -17.12 -22.85 24.03
N SER E 203 -18.15 -22.24 24.61
CA SER E 203 -19.06 -21.40 23.85
C SER E 203 -18.37 -20.09 23.45
N GLN E 204 -18.89 -19.47 22.39
CA GLN E 204 -18.34 -18.22 21.89
C GLN E 204 -18.88 -17.04 22.67
N VAL E 205 -17.97 -16.22 23.19
CA VAL E 205 -18.31 -14.99 23.90
C VAL E 205 -17.64 -13.83 23.17
N ALA E 206 -18.39 -12.74 22.99
CA ALA E 206 -17.92 -11.64 22.17
C ALA E 206 -18.12 -10.31 22.88
N SER E 207 -17.21 -9.38 22.61
CA SER E 207 -17.33 -7.99 22.99
C SER E 207 -17.59 -7.16 21.73
N HIS E 208 -17.68 -5.85 21.89
CA HIS E 208 -17.99 -4.99 20.75
C HIS E 208 -16.91 -5.02 19.68
N GLU E 209 -15.68 -5.39 20.05
CA GLU E 209 -14.56 -5.36 19.12
C GLU E 209 -14.09 -6.76 18.73
N THR E 210 -13.73 -7.58 19.71
CA THR E 210 -13.07 -8.86 19.46
C THR E 210 -13.95 -10.03 19.86
N PHE E 211 -13.61 -11.19 19.33
CA PHE E 211 -14.24 -12.47 19.66
C PHE E 211 -13.40 -13.20 20.70
N GLY E 212 -14.00 -14.22 21.31
CA GLY E 212 -13.29 -15.02 22.29
C GLY E 212 -13.90 -16.39 22.51
N THR E 213 -13.52 -17.04 23.61
CA THR E 213 -14.03 -18.37 23.92
C THR E 213 -14.29 -18.45 25.42
N LEU E 214 -15.47 -18.96 25.77
CA LEU E 214 -15.84 -19.15 27.16
C LEU E 214 -14.95 -20.22 27.79
N GLY E 215 -14.63 -20.04 29.06
CA GLY E 215 -13.83 -21.02 29.78
C GLY E 215 -14.69 -22.02 30.52
N ALA E 216 -14.70 -21.93 31.85
CA ALA E 216 -15.54 -22.77 32.68
C ALA E 216 -16.47 -21.89 33.52
N ILE E 217 -17.55 -22.48 34.01
CA ILE E 217 -18.51 -21.80 34.86
C ILE E 217 -17.91 -21.76 36.26
N VAL E 218 -17.79 -20.57 36.82
CA VAL E 218 -17.10 -20.38 38.09
C VAL E 218 -18.03 -19.78 39.12
N LYS E 219 -17.55 -19.64 40.35
CA LYS E 219 -18.35 -19.11 41.45
C LYS E 219 -17.40 -18.51 42.48
N ARG E 220 -17.62 -17.24 42.81
CA ARG E 220 -16.83 -16.58 43.83
C ARG E 220 -17.05 -17.23 45.19
N ARG E 221 -15.95 -17.42 45.92
CA ARG E 221 -15.96 -18.20 47.16
C ARG E 221 -16.37 -17.38 48.38
N THR E 222 -16.53 -16.07 48.25
CA THR E 222 -16.88 -15.22 49.38
C THR E 222 -17.90 -14.19 48.91
N GLY E 223 -18.31 -13.31 49.81
CA GLY E 223 -19.25 -12.26 49.48
C GLY E 223 -20.64 -12.74 49.14
N ASN E 224 -21.05 -12.52 47.88
CA ASN E 224 -22.42 -12.85 47.46
C ASN E 224 -22.51 -14.26 46.90
N LYS E 225 -21.39 -14.85 46.48
CA LYS E 225 -21.36 -16.19 45.93
C LYS E 225 -22.27 -16.34 44.71
N GLN E 226 -22.29 -15.33 43.84
CA GLN E 226 -23.11 -15.40 42.65
C GLN E 226 -22.29 -15.93 41.47
N VAL E 227 -22.93 -16.76 40.65
CA VAL E 227 -22.26 -17.49 39.58
C VAL E 227 -21.86 -16.56 38.43
N GLY E 228 -21.02 -17.05 37.54
CA GLY E 228 -20.57 -16.33 36.38
C GLY E 228 -19.69 -17.23 35.52
N PHE E 229 -18.72 -16.62 34.83
CA PHE E 229 -17.76 -17.37 34.03
C PHE E 229 -16.47 -16.57 33.96
N LEU E 230 -15.41 -17.23 33.51
CA LEU E 230 -14.09 -16.63 33.45
C LEU E 230 -13.46 -16.91 32.09
N THR E 231 -12.72 -15.92 31.58
CA THR E 231 -12.05 -16.05 30.28
C THR E 231 -10.79 -15.20 30.23
N ASN E 232 -10.33 -14.84 29.07
CA ASN E 232 -9.10 -14.05 28.90
C ASN E 232 -9.38 -12.63 28.74
N HIS E 233 -8.63 -11.72 29.33
CA HIS E 233 -9.00 -10.30 29.29
C HIS E 233 -8.73 -9.56 28.01
N HIS E 234 -7.97 -10.12 27.11
CA HIS E 234 -7.71 -9.52 25.85
C HIS E 234 -8.94 -9.64 25.03
N VAL E 235 -10.00 -10.20 25.61
CA VAL E 235 -11.29 -10.35 24.98
C VAL E 235 -12.21 -9.63 25.88
N ALA E 236 -11.98 -9.74 27.18
CA ALA E 236 -12.89 -9.22 28.19
C ALA E 236 -12.78 -7.71 28.33
N VAL E 237 -11.55 -7.18 28.36
CA VAL E 237 -11.28 -5.78 28.70
C VAL E 237 -10.72 -5.09 27.46
N ASP E 238 -11.27 -3.89 27.25
CA ASP E 238 -10.88 -3.01 26.17
C ASP E 238 -10.16 -1.91 26.83
N LEU E 239 -9.44 -2.23 27.87
CA LEU E 239 -8.63 -1.22 28.46
C LEU E 239 -9.38 0.09 28.65
N ASP E 240 -9.37 0.96 27.65
CA ASP E 240 -10.02 2.26 27.77
C ASP E 240 -11.52 2.12 27.78
N TYR E 241 -12.04 1.24 28.64
CA TYR E 241 -13.49 0.98 28.79
C TYR E 241 -13.47 -0.38 29.62
N PRO E 242 -12.94 -0.42 30.86
CA PRO E 242 -12.74 -1.49 31.85
C PRO E 242 -13.89 -2.50 31.91
N ASN E 243 -15.11 -2.02 32.14
CA ASN E 243 -16.25 -2.89 32.29
C ASN E 243 -17.10 -2.97 31.02
N GLN E 244 -16.65 -3.74 30.04
CA GLN E 244 -17.47 -3.97 28.85
C GLN E 244 -18.67 -4.84 29.19
N LYS E 245 -19.61 -4.89 28.25
CA LYS E 245 -20.73 -5.82 28.31
C LYS E 245 -20.42 -7.06 27.49
N MET E 246 -20.89 -8.22 27.97
CA MET E 246 -20.68 -9.49 27.29
C MET E 246 -21.94 -9.93 26.57
N PHE E 247 -21.75 -10.40 25.33
CA PHE E 247 -22.85 -10.86 24.49
C PHE E 247 -22.52 -12.21 23.88
N HIS E 248 -23.55 -13.04 23.73
CA HIS E 248 -23.42 -14.35 23.11
C HIS E 248 -24.56 -14.53 22.12
N PRO E 249 -24.29 -14.85 20.86
CA PRO E 249 -22.96 -15.05 20.26
C PRO E 249 -22.32 -13.73 19.80
N LEU E 250 -23.12 -12.74 19.45
CA LEU E 250 -22.63 -11.52 18.84
C LEU E 250 -23.20 -10.31 19.58
N PRO E 251 -22.51 -9.17 19.54
CA PRO E 251 -23.04 -7.95 20.15
C PRO E 251 -24.22 -7.43 19.36
N PRO E 252 -25.06 -6.56 19.95
CA PRO E 252 -26.23 -6.05 19.22
C PRO E 252 -25.88 -5.17 18.04
N ASN E 253 -24.64 -4.67 17.95
CA ASN E 253 -24.21 -3.88 16.82
C ASN E 253 -23.59 -4.73 15.71
N LEU E 254 -23.56 -6.05 15.89
CA LEU E 254 -23.01 -6.95 14.89
C LEU E 254 -23.93 -8.11 14.52
N GLY E 255 -24.96 -8.41 15.30
CA GLY E 255 -25.86 -9.48 14.98
C GLY E 255 -26.73 -9.88 16.17
N PRO E 256 -27.50 -10.96 16.01
CA PRO E 256 -28.36 -11.43 17.12
C PRO E 256 -27.53 -12.00 18.25
N GLY E 257 -27.92 -11.69 19.48
CA GLY E 257 -27.23 -12.19 20.65
C GLY E 257 -27.99 -11.85 21.92
N VAL E 258 -27.50 -12.38 23.03
CA VAL E 258 -28.08 -12.14 24.35
C VAL E 258 -26.99 -11.52 25.22
N TYR E 259 -27.40 -10.70 26.18
CA TYR E 259 -26.45 -10.00 27.03
C TYR E 259 -26.11 -10.86 28.24
N LEU E 260 -24.82 -11.13 28.44
CA LEU E 260 -24.36 -12.00 29.51
C LEU E 260 -24.08 -11.22 30.79
N GLY E 261 -23.19 -10.24 30.72
CA GLY E 261 -22.85 -9.48 31.90
C GLY E 261 -21.75 -8.48 31.62
N ALA E 262 -21.17 -7.95 32.70
CA ALA E 262 -20.12 -6.95 32.62
C ALA E 262 -18.94 -7.38 33.48
N VAL E 263 -17.73 -7.04 33.03
CA VAL E 263 -16.53 -7.46 33.73
C VAL E 263 -16.46 -6.78 35.09
N GLU E 264 -16.15 -7.57 36.11
CA GLU E 264 -16.04 -7.04 37.47
C GLU E 264 -14.59 -7.09 37.89
N ARG E 265 -13.91 -8.24 37.82
CA ARG E 265 -12.52 -8.32 38.20
C ARG E 265 -11.69 -8.93 37.07
N ALA E 266 -10.50 -8.35 36.85
CA ALA E 266 -9.62 -8.79 35.78
C ALA E 266 -8.21 -8.88 36.34
N THR E 267 -7.41 -9.82 35.82
CA THR E 267 -6.05 -10.05 36.31
C THR E 267 -5.05 -9.48 35.31
N SER E 268 -4.23 -8.55 35.78
CA SER E 268 -3.11 -8.04 35.00
C SER E 268 -1.84 -8.82 35.33
N PHE E 269 -0.69 -8.29 34.90
CA PHE E 269 0.60 -8.90 35.24
C PHE E 269 0.73 -9.12 36.74
N ILE E 270 1.34 -10.24 37.11
CA ILE E 270 1.59 -10.56 38.51
C ILE E 270 3.07 -10.87 38.68
N THR E 271 3.65 -10.50 39.83
CA THR E 271 5.03 -10.84 40.16
C THR E 271 5.11 -12.29 40.60
N ASP E 272 6.30 -12.87 40.48
CA ASP E 272 6.43 -14.32 40.68
C ASP E 272 6.42 -14.68 42.17
N ASP E 273 6.63 -13.69 43.05
CA ASP E 273 6.66 -13.96 44.48
C ASP E 273 5.36 -14.61 44.96
N VAL E 274 4.23 -14.01 44.60
CA VAL E 274 2.94 -14.56 45.00
C VAL E 274 2.56 -15.78 44.17
N TRP E 275 2.88 -15.79 42.88
CA TRP E 275 2.44 -16.85 41.97
C TRP E 275 3.17 -18.16 42.24
N TYR E 276 4.50 -18.15 42.08
CA TYR E 276 5.28 -19.38 42.25
C TYR E 276 5.65 -19.59 43.70
N GLY E 277 6.23 -18.58 44.34
CA GLY E 277 6.70 -18.71 45.71
C GLY E 277 8.21 -18.57 45.79
N ILE E 278 8.91 -19.14 44.81
CA ILE E 278 10.36 -19.03 44.72
C ILE E 278 10.71 -17.79 43.90
N TYR E 279 11.87 -17.22 44.16
CA TYR E 279 12.36 -16.04 43.44
C TYR E 279 12.99 -16.54 42.14
N ALA E 280 12.14 -16.94 41.19
CA ALA E 280 12.60 -17.53 39.94
C ALA E 280 13.08 -16.44 38.99
N GLY E 281 14.30 -15.96 39.27
CA GLY E 281 14.91 -14.95 38.44
C GLY E 281 15.57 -13.84 39.23
N THR E 282 16.81 -13.50 38.87
CA THR E 282 17.55 -12.42 39.52
C THR E 282 17.31 -11.11 38.76
N ASN E 283 16.04 -10.74 38.68
CA ASN E 283 15.61 -9.54 37.99
C ASN E 283 14.57 -8.84 38.85
N PRO E 284 14.77 -7.56 39.16
CA PRO E 284 13.76 -6.84 39.95
C PRO E 284 12.37 -6.84 39.32
N GLU E 285 12.29 -6.75 38.00
CA GLU E 285 11.02 -6.72 37.28
C GLU E 285 10.84 -8.06 36.57
N THR E 286 10.17 -8.99 37.25
CA THR E 286 9.83 -10.30 36.69
C THR E 286 8.32 -10.46 36.82
N PHE E 287 7.62 -10.56 35.70
CA PHE E 287 6.17 -10.58 35.72
C PHE E 287 5.64 -11.88 35.09
N VAL E 288 4.51 -12.33 35.62
CA VAL E 288 3.98 -13.68 35.47
C VAL E 288 2.58 -13.53 34.88
N ARG E 289 2.47 -12.76 33.79
CA ARG E 289 1.20 -12.19 33.39
C ARG E 289 0.16 -13.24 33.00
N ALA E 290 -0.56 -13.71 34.02
CA ALA E 290 -1.66 -14.67 33.88
C ALA E 290 -2.98 -13.96 33.59
N ASP E 291 -3.45 -14.07 32.34
CA ASP E 291 -4.72 -13.48 31.96
C ASP E 291 -5.89 -14.13 32.69
N GLY E 292 -6.78 -13.31 33.23
CA GLY E 292 -7.97 -13.80 33.89
C GLY E 292 -8.98 -12.69 34.05
N ALA E 293 -10.25 -13.06 33.91
CA ALA E 293 -11.33 -12.08 34.02
C ALA E 293 -12.65 -12.77 34.36
N PHE E 294 -13.19 -12.45 35.53
CA PHE E 294 -14.46 -13.00 35.98
C PHE E 294 -15.59 -12.08 35.54
N ILE E 295 -16.49 -12.61 34.72
CA ILE E 295 -17.64 -11.84 34.24
C ILE E 295 -18.90 -12.35 34.92
N PRO E 296 -19.45 -11.60 35.87
CA PRO E 296 -20.72 -12.00 36.49
C PRO E 296 -21.85 -12.06 35.47
N PHE E 297 -22.75 -13.02 35.67
CA PHE E 297 -23.96 -13.14 34.85
C PHE E 297 -24.92 -12.02 35.21
N ALA E 298 -25.71 -11.58 34.23
CA ALA E 298 -26.71 -10.55 34.46
C ALA E 298 -27.82 -11.06 35.37
N ASP E 299 -28.41 -10.15 36.13
CA ASP E 299 -29.50 -10.51 37.04
C ASP E 299 -30.74 -11.00 36.30
N ASP E 300 -30.91 -10.60 35.04
CA ASP E 300 -32.07 -10.99 34.25
C ASP E 300 -31.76 -12.14 33.29
N PHE E 301 -30.58 -12.75 33.42
CA PHE E 301 -30.24 -13.88 32.57
C PHE E 301 -31.06 -15.10 32.97
N ASP E 302 -31.41 -15.91 31.98
CA ASP E 302 -32.29 -17.06 32.22
C ASP E 302 -31.62 -18.07 33.16
N ILE E 303 -30.33 -18.32 32.95
CA ILE E 303 -29.52 -19.24 33.77
C ILE E 303 -29.97 -20.68 33.61
N SER E 304 -31.22 -20.89 33.17
CA SER E 304 -31.78 -22.22 32.96
C SER E 304 -31.30 -22.83 31.64
N THR E 305 -30.51 -22.07 30.88
CA THR E 305 -29.96 -22.55 29.62
C THR E 305 -28.44 -22.54 29.71
N VAL E 306 -27.92 -22.85 30.90
CA VAL E 306 -26.48 -22.92 31.14
C VAL E 306 -26.14 -24.33 31.61
N THR E 307 -25.19 -24.96 30.93
CA THR E 307 -24.78 -26.32 31.24
C THR E 307 -23.40 -26.31 31.88
N THR E 308 -23.05 -27.44 32.51
CA THR E 308 -21.74 -27.59 33.12
C THR E 308 -20.89 -28.66 32.47
N VAL E 309 -21.45 -29.45 31.56
CA VAL E 309 -20.70 -30.49 30.87
C VAL E 309 -19.97 -29.85 29.69
N VAL E 310 -18.78 -30.38 29.38
CA VAL E 310 -17.98 -29.87 28.27
C VAL E 310 -18.40 -30.61 27.01
N ARG E 311 -18.85 -29.86 25.99
CA ARG E 311 -19.29 -30.47 24.75
C ARG E 311 -18.11 -31.04 23.99
N GLY E 312 -18.10 -32.37 23.85
CA GLY E 312 -17.00 -33.06 23.20
C GLY E 312 -16.01 -33.73 24.13
N VAL E 313 -16.11 -33.50 25.44
CA VAL E 313 -15.23 -34.14 26.41
C VAL E 313 -16.09 -34.91 27.40
N GLY E 314 -17.33 -34.47 27.59
CA GLY E 314 -18.24 -35.11 28.51
C GLY E 314 -18.29 -34.44 29.87
N ASP E 315 -18.08 -35.22 30.94
CA ASP E 315 -18.11 -34.71 32.29
C ASP E 315 -16.69 -34.58 32.81
N ILE E 316 -16.34 -33.40 33.31
CA ILE E 316 -15.01 -33.18 33.86
C ILE E 316 -15.05 -33.28 35.38
N GLY E 317 -13.90 -33.62 35.97
CA GLY E 317 -13.76 -33.70 37.40
C GLY E 317 -13.38 -32.36 38.02
N ASP E 318 -13.00 -32.42 39.29
CA ASP E 318 -12.56 -31.24 40.00
C ASP E 318 -11.24 -30.74 39.44
N VAL E 319 -10.93 -29.47 39.70
CA VAL E 319 -9.73 -28.83 39.16
C VAL E 319 -8.49 -29.53 39.73
N LYS E 320 -7.40 -29.49 38.97
CA LYS E 320 -6.14 -30.13 39.36
C LYS E 320 -5.08 -29.06 39.54
N VAL E 321 -4.59 -28.91 40.76
CA VAL E 321 -3.51 -27.97 41.01
C VAL E 321 -2.17 -28.59 40.62
N ILE E 322 -1.22 -27.74 40.26
CA ILE E 322 0.13 -28.18 39.89
C ILE E 322 1.05 -27.88 41.07
N ASP E 323 1.61 -28.93 41.66
CA ASP E 323 2.57 -28.77 42.75
C ASP E 323 3.96 -28.61 42.17
N LEU E 324 4.67 -27.57 42.62
CA LEU E 324 5.98 -27.24 42.09
C LEU E 324 7.07 -28.23 42.49
N GLN E 325 6.81 -29.07 43.50
CA GLN E 325 7.75 -30.10 43.89
C GLN E 325 7.08 -31.47 43.94
N CYS E 326 7.05 -32.16 42.80
CA CYS E 326 6.43 -33.47 42.63
C CYS E 326 7.25 -34.26 41.62
N PRO E 327 6.96 -35.53 41.39
CA PRO E 327 7.63 -36.24 40.29
C PRO E 327 7.43 -35.54 38.95
N LEU E 328 8.52 -35.45 38.20
CA LEU E 328 8.54 -34.64 36.99
C LEU E 328 7.63 -35.18 35.88
N ASN E 329 7.27 -36.45 35.91
CA ASN E 329 6.43 -37.05 34.88
C ASN E 329 4.94 -36.88 35.16
N SER E 330 4.60 -36.03 36.12
CA SER E 330 3.20 -35.77 36.45
C SER E 330 2.56 -34.69 35.59
N LEU E 331 3.34 -33.74 35.09
CA LEU E 331 2.81 -32.68 34.23
C LEU E 331 3.46 -32.72 32.85
N ILE E 332 4.79 -32.83 32.82
CA ILE E 332 5.54 -32.85 31.57
C ILE E 332 5.40 -34.21 30.91
N GLY E 333 4.89 -34.23 29.68
CA GLY E 333 4.76 -35.48 28.94
C GLY E 333 3.36 -36.05 28.96
N ARG E 334 2.44 -35.36 29.62
CA ARG E 334 1.06 -35.81 29.72
C ARG E 334 0.26 -35.41 28.48
N GLN E 335 -0.96 -35.93 28.40
CA GLN E 335 -1.84 -35.71 27.27
C GLN E 335 -2.94 -34.73 27.67
N VAL E 336 -3.11 -33.67 26.88
CA VAL E 336 -4.09 -32.63 27.18
C VAL E 336 -5.04 -32.45 25.99
N CYS E 337 -6.16 -31.77 26.23
CA CYS E 337 -7.15 -31.54 25.19
C CYS E 337 -7.88 -30.24 25.50
N LYS E 338 -8.74 -29.83 24.58
CA LYS E 338 -9.49 -28.59 24.73
C LYS E 338 -10.75 -28.65 23.89
N VAL E 339 -11.68 -27.73 24.17
CA VAL E 339 -12.86 -27.51 23.34
C VAL E 339 -12.88 -26.02 23.00
N GLY E 340 -12.65 -25.68 21.73
CA GLY E 340 -12.59 -24.32 21.28
C GLY E 340 -13.69 -24.01 20.26
N ARG E 341 -13.98 -22.71 20.15
CA ARG E 341 -15.03 -22.27 19.25
C ARG E 341 -14.58 -22.28 17.78
N SER E 342 -13.28 -22.12 17.54
CA SER E 342 -12.81 -22.02 16.17
C SER E 342 -12.35 -23.36 15.62
N SER E 343 -11.61 -24.13 16.42
CA SER E 343 -11.05 -25.40 15.97
C SER E 343 -11.76 -26.61 16.55
N GLY E 344 -12.68 -26.42 17.50
CA GLY E 344 -13.35 -27.57 18.08
C GLY E 344 -12.44 -28.36 19.00
N HIS E 345 -12.79 -29.63 19.17
CA HIS E 345 -11.99 -30.51 20.01
C HIS E 345 -10.63 -30.77 19.37
N THR E 346 -9.57 -30.65 20.16
CA THR E 346 -8.21 -30.84 19.68
C THR E 346 -7.35 -31.35 20.81
N THR E 347 -6.51 -32.34 20.50
CA THR E 347 -5.65 -32.98 21.49
C THR E 347 -4.24 -32.44 21.34
N GLY E 348 -3.49 -32.49 22.45
CA GLY E 348 -2.12 -32.00 22.45
C GLY E 348 -1.34 -32.62 23.57
N THR E 349 -0.08 -32.23 23.66
CA THR E 349 0.85 -32.76 24.66
C THR E 349 1.65 -31.60 25.26
N VAL E 350 1.76 -31.61 26.59
CA VAL E 350 2.53 -30.59 27.30
C VAL E 350 4.00 -30.79 26.97
N MET E 351 4.67 -29.71 26.54
CA MET E 351 6.07 -29.80 26.15
C MET E 351 7.03 -29.27 27.20
N ALA E 352 6.69 -28.16 27.85
CA ALA E 352 7.60 -27.56 28.82
C ALA E 352 6.79 -26.73 29.81
N TYR E 353 7.44 -26.34 30.90
CA TYR E 353 6.83 -25.53 31.94
C TYR E 353 7.68 -24.30 32.21
N ALA E 354 7.01 -23.22 32.60
CA ALA E 354 7.65 -21.97 32.99
C ALA E 354 8.52 -21.41 31.87
N LEU E 355 7.87 -21.11 30.75
CA LEU E 355 8.55 -20.47 29.63
C LEU E 355 8.82 -19.00 29.95
N GLU E 356 10.04 -18.56 29.61
CA GLU E 356 10.47 -17.18 29.88
C GLU E 356 10.82 -16.53 28.55
N TYR E 357 9.96 -15.63 28.07
CA TYR E 357 10.25 -14.86 26.87
C TYR E 357 10.79 -13.49 27.25
N ASN E 358 11.40 -12.82 26.27
CA ASN E 358 12.12 -11.59 26.50
C ASN E 358 11.64 -10.48 25.57
N ASP E 359 11.85 -9.24 26.01
CA ASP E 359 11.57 -8.06 25.20
C ASP E 359 12.69 -7.06 25.45
N GLU E 360 12.90 -6.16 24.48
CA GLU E 360 14.02 -5.23 24.52
C GLU E 360 13.66 -4.01 25.37
N LYS E 361 13.29 -4.28 26.62
CA LYS E 361 12.98 -3.21 27.57
C LYS E 361 13.67 -3.46 28.90
N GLY E 362 14.19 -4.66 29.10
CA GLY E 362 14.84 -5.04 30.34
C GLY E 362 13.94 -5.74 31.34
N ILE E 363 12.65 -5.78 31.10
CA ILE E 363 11.70 -6.43 32.00
C ILE E 363 11.56 -7.90 31.60
N CYS E 364 11.60 -8.78 32.60
CA CYS E 364 11.53 -10.21 32.37
C CYS E 364 10.10 -10.68 32.54
N PHE E 365 9.64 -11.53 31.62
CA PHE E 365 8.31 -12.08 31.65
C PHE E 365 8.35 -13.59 31.82
N PHE E 366 7.17 -14.18 32.04
CA PHE E 366 7.06 -15.62 32.25
C PHE E 366 5.78 -16.13 31.61
N THR E 367 5.88 -17.31 31.01
CA THR E 367 4.73 -18.05 30.51
C THR E 367 4.71 -19.42 31.17
N ASP E 368 3.51 -19.91 31.48
CA ASP E 368 3.39 -21.06 32.37
C ASP E 368 3.48 -22.39 31.64
N ILE E 369 2.65 -22.62 30.62
CA ILE E 369 2.48 -23.95 30.05
C ILE E 369 2.77 -23.91 28.56
N LEU E 370 3.51 -24.89 28.08
CA LEU E 370 3.83 -25.05 26.66
C LEU E 370 3.14 -26.31 26.15
N VAL E 371 2.35 -26.18 25.09
CA VAL E 371 1.61 -27.28 24.49
C VAL E 371 1.83 -27.27 22.99
N VAL E 372 2.11 -28.44 22.43
CA VAL E 372 2.27 -28.61 20.99
C VAL E 372 1.22 -29.62 20.52
N GLY E 373 0.83 -29.52 19.26
CA GLY E 373 -0.18 -30.42 18.70
C GLY E 373 0.30 -31.83 18.50
N GLU E 374 -0.62 -32.74 18.21
CA GLU E 374 -0.31 -34.14 17.96
C GLU E 374 -0.43 -34.44 16.47
N ASN E 375 0.39 -35.39 16.01
CA ASN E 375 0.44 -35.77 14.60
C ASN E 375 0.73 -34.57 13.71
N ARG E 376 1.62 -33.70 14.18
CA ARG E 376 2.06 -32.52 13.45
C ARG E 376 0.89 -31.60 13.08
N GLN E 377 -0.08 -31.46 13.97
CA GLN E 377 -1.23 -30.59 13.76
C GLN E 377 -1.13 -29.38 14.68
N THR E 378 -2.09 -28.48 14.58
CA THR E 378 -2.15 -27.27 15.39
C THR E 378 -3.10 -27.47 16.55
N PHE E 379 -2.77 -26.85 17.69
CA PHE E 379 -3.58 -26.96 18.89
C PHE E 379 -4.75 -25.97 18.91
N ASP E 380 -4.52 -24.73 18.49
CA ASP E 380 -5.58 -23.74 18.37
C ASP E 380 -5.17 -22.71 17.33
N LEU E 381 -6.10 -22.40 16.42
CA LEU E 381 -5.76 -21.51 15.31
C LEU E 381 -5.87 -20.04 15.69
N GLU E 382 -7.10 -19.57 15.93
CA GLU E 382 -7.39 -18.17 16.24
C GLU E 382 -8.74 -18.04 16.92
N GLY E 383 -8.77 -17.44 18.10
CA GLY E 383 -10.03 -17.18 18.77
C GLY E 383 -10.32 -18.12 19.92
N ASP E 384 -9.44 -19.10 20.12
CA ASP E 384 -9.58 -20.04 21.21
C ASP E 384 -8.97 -19.54 22.52
N SER E 385 -8.66 -18.24 22.60
CA SER E 385 -8.14 -17.65 23.83
C SER E 385 -9.19 -17.70 24.92
N GLY E 386 -8.98 -18.55 25.92
CA GLY E 386 -9.96 -18.73 26.98
C GLY E 386 -10.45 -20.16 27.06
N SER E 387 -10.10 -20.97 26.06
CA SER E 387 -10.49 -22.37 26.06
C SER E 387 -9.85 -23.11 27.21
N LEU E 388 -10.61 -24.03 27.81
CA LEU E 388 -10.14 -24.78 28.96
C LEU E 388 -9.16 -25.87 28.55
N ILE E 389 -8.04 -25.95 29.24
CA ILE E 389 -7.04 -27.00 29.03
C ILE E 389 -7.28 -28.08 30.06
N ILE E 390 -7.58 -29.29 29.60
CA ILE E 390 -7.96 -30.41 30.46
C ILE E 390 -7.06 -31.59 30.15
N LEU E 391 -6.53 -32.23 31.21
CA LEU E 391 -5.73 -33.43 31.03
C LEU E 391 -6.61 -34.57 30.52
N THR E 392 -6.07 -35.36 29.60
CA THR E 392 -6.77 -36.54 29.12
C THR E 392 -6.91 -37.56 30.25
N SER E 393 -8.10 -38.15 30.36
CA SER E 393 -8.38 -39.09 31.44
C SER E 393 -7.41 -40.26 31.39
N GLN E 394 -6.90 -40.64 32.56
CA GLN E 394 -5.95 -41.74 32.70
C GLN E 394 -6.51 -42.80 33.62
N ASP E 395 -6.42 -44.06 33.19
CA ASP E 395 -6.86 -45.21 33.98
C ASP E 395 -8.31 -45.09 34.40
N GLY E 396 -9.19 -44.75 33.45
CA GLY E 396 -10.61 -44.67 33.72
C GLY E 396 -11.00 -43.63 34.74
N GLU E 397 -10.33 -42.48 34.73
CA GLU E 397 -10.64 -41.39 35.64
C GLU E 397 -11.49 -40.33 34.96
N LYS E 398 -11.79 -39.24 35.65
CA LYS E 398 -12.51 -38.12 35.08
C LYS E 398 -11.51 -37.01 34.74
N PRO E 399 -11.55 -36.48 33.53
CA PRO E 399 -10.58 -35.43 33.16
C PRO E 399 -10.71 -34.20 34.05
N ARG E 400 -9.56 -33.61 34.37
CA ARG E 400 -9.49 -32.49 35.30
C ARG E 400 -8.86 -31.29 34.64
N PRO E 401 -9.52 -30.12 34.63
CA PRO E 401 -8.91 -28.92 34.05
C PRO E 401 -7.62 -28.52 34.75
N ILE E 402 -6.62 -28.10 33.98
CA ILE E 402 -5.32 -27.74 34.56
C ILE E 402 -4.85 -26.40 34.02
N GLY E 403 -5.61 -25.79 33.12
CA GLY E 403 -5.16 -24.54 32.56
C GLY E 403 -6.14 -23.94 31.59
N ILE E 404 -5.81 -22.72 31.14
CA ILE E 404 -6.58 -21.98 30.15
C ILE E 404 -5.61 -21.39 29.13
N ILE E 405 -5.96 -21.50 27.85
CA ILE E 405 -5.11 -21.05 26.77
C ILE E 405 -4.98 -19.54 26.79
N TRP E 406 -3.74 -19.04 26.68
CA TRP E 406 -3.52 -17.60 26.51
C TRP E 406 -4.10 -17.10 25.20
N GLY E 407 -3.78 -17.79 24.09
CA GLY E 407 -4.40 -17.49 22.81
C GLY E 407 -3.55 -16.65 21.87
N GLY E 408 -3.87 -16.71 20.58
CA GLY E 408 -3.19 -15.92 19.58
C GLY E 408 -1.70 -16.21 19.45
N THR E 409 -1.35 -17.49 19.37
CA THR E 409 0.05 -17.90 19.28
C THR E 409 0.26 -18.90 18.16
N ALA E 410 -0.68 -18.94 17.21
CA ALA E 410 -0.52 -19.83 16.05
C ALA E 410 0.19 -19.09 14.91
N ASN E 411 -0.26 -17.88 14.59
CA ASN E 411 0.39 -17.04 13.59
C ASN E 411 1.38 -16.15 14.33
N ARG E 412 2.42 -16.77 14.87
CA ARG E 412 3.39 -16.09 15.73
C ARG E 412 4.55 -17.01 16.06
N GLY E 413 4.36 -17.92 17.02
CA GLY E 413 5.42 -18.78 17.49
C GLY E 413 5.36 -20.16 16.87
N ARG E 414 6.48 -20.58 16.29
CA ARG E 414 6.64 -21.90 15.71
C ARG E 414 7.74 -22.64 16.44
N LEU E 415 7.45 -23.86 16.89
CA LEU E 415 8.42 -24.70 17.57
C LEU E 415 9.12 -25.54 16.50
N LYS E 416 10.17 -24.99 15.92
CA LYS E 416 10.88 -25.65 14.83
C LYS E 416 11.75 -26.78 15.37
N LEU E 417 11.59 -27.96 14.79
CA LEU E 417 12.43 -29.11 15.13
C LEU E 417 13.42 -29.38 13.99
N THR E 418 14.58 -29.92 14.37
CA THR E 418 15.65 -30.21 13.42
C THR E 418 15.62 -31.67 12.96
N SER E 419 14.44 -32.27 12.87
CA SER E 419 14.31 -33.67 12.52
C SER E 419 13.32 -33.83 11.38
N ASP E 420 13.80 -33.62 10.14
CA ASP E 420 13.13 -33.93 8.87
C ASP E 420 11.63 -33.63 8.99
N HIS E 421 11.28 -32.35 9.14
CA HIS E 421 9.89 -31.90 9.06
C HIS E 421 9.86 -30.37 9.13
N GLY E 422 8.65 -29.82 8.92
CA GLY E 422 8.45 -28.41 9.03
C GLY E 422 8.19 -27.98 10.47
N PRO E 423 8.22 -26.67 10.69
CA PRO E 423 7.97 -26.15 12.04
C PRO E 423 6.58 -26.53 12.55
N GLU E 424 6.50 -26.78 13.85
CA GLU E 424 5.24 -27.05 14.52
C GLU E 424 4.83 -25.87 15.39
N ASN E 425 3.52 -25.68 15.52
CA ASN E 425 2.97 -24.57 16.30
C ASN E 425 2.79 -24.97 17.75
N TRP E 426 3.11 -24.04 18.65
CA TRP E 426 2.99 -24.24 20.08
C TRP E 426 1.95 -23.27 20.66
N THR E 427 1.34 -23.70 21.74
CA THR E 427 0.29 -22.92 22.40
C THR E 427 0.66 -22.72 23.86
N SER E 428 0.40 -21.53 24.38
CA SER E 428 0.76 -21.16 25.73
C SER E 428 -0.48 -21.13 26.62
N GLY E 429 -0.34 -21.66 27.84
CA GLY E 429 -1.42 -21.71 28.79
C GLY E 429 -1.02 -21.19 30.16
N VAL E 430 -2.01 -21.12 31.04
CA VAL E 430 -1.85 -20.59 32.38
C VAL E 430 -2.50 -21.55 33.38
N ASP E 431 -1.79 -21.84 34.47
CA ASP E 431 -2.29 -22.69 35.53
C ASP E 431 -3.63 -22.19 36.08
N LEU E 432 -4.65 -23.03 36.01
CA LEU E 432 -5.96 -22.71 36.57
C LEU E 432 -6.10 -23.26 37.99
N GLY E 433 -5.07 -23.02 38.81
CA GLY E 433 -5.24 -23.16 40.24
C GLY E 433 -4.96 -21.83 40.92
N ARG E 434 -3.97 -21.11 40.40
CA ARG E 434 -3.65 -19.79 40.93
C ARG E 434 -4.50 -18.70 40.30
N LEU E 435 -4.85 -18.84 39.03
CA LEU E 435 -5.86 -17.96 38.44
C LEU E 435 -7.17 -18.05 39.21
N LEU E 436 -7.47 -19.25 39.73
CA LEU E 436 -8.63 -19.43 40.61
C LEU E 436 -8.40 -18.84 42.00
N ASP E 437 -7.24 -19.08 42.61
CA ASP E 437 -6.97 -18.63 43.97
C ASP E 437 -6.94 -17.11 44.09
N ARG E 438 -6.22 -16.43 43.20
CA ARG E 438 -6.06 -14.98 43.31
C ARG E 438 -7.27 -14.20 42.81
N LEU E 439 -8.25 -14.86 42.20
CA LEU E 439 -9.55 -14.25 41.95
C LEU E 439 -10.60 -14.88 42.86
N GLU E 440 -10.19 -15.89 43.63
CA GLU E 440 -10.99 -16.48 44.70
C GLU E 440 -12.30 -17.05 44.15
N LEU E 441 -12.20 -18.00 43.22
CA LEU E 441 -13.37 -18.54 42.54
C LEU E 441 -13.40 -20.06 42.71
N ASP E 442 -14.46 -20.67 42.19
CA ASP E 442 -14.62 -22.12 42.20
C ASP E 442 -14.74 -22.66 40.78
N ILE E 443 -15.00 -23.96 40.66
CA ILE E 443 -15.32 -24.57 39.37
C ILE E 443 -16.54 -25.47 39.55
N ILE E 444 -17.67 -25.06 38.99
CA ILE E 444 -18.90 -25.84 39.08
C ILE E 444 -18.81 -26.98 38.08
N ILE E 445 -18.54 -28.20 38.58
CA ILE E 445 -18.35 -29.35 37.72
C ILE E 445 -19.62 -30.15 37.48
N THR E 446 -20.64 -29.99 38.31
CA THR E 446 -21.88 -30.73 38.18
C THR E 446 -23.06 -29.77 38.30
N ASN E 447 -24.25 -30.26 37.92
CA ASN E 447 -25.45 -29.44 37.95
C ASN E 447 -25.94 -29.16 39.37
N GLU E 448 -25.54 -29.98 40.34
CA GLU E 448 -25.99 -29.78 41.72
C GLU E 448 -25.41 -28.52 42.35
N SER E 449 -24.15 -28.19 42.05
CA SER E 449 -23.53 -26.98 42.57
C SER E 449 -23.98 -25.72 41.84
N LEU E 450 -24.63 -25.85 40.69
CA LEU E 450 -25.11 -24.68 39.96
C LEU E 450 -26.48 -24.24 40.48
N GLN E 451 -27.38 -25.20 40.68
CA GLN E 451 -28.71 -24.90 41.19
C GLN E 451 -28.66 -24.31 42.59
N ASP E 452 -27.81 -24.87 43.44
CA ASP E 452 -27.67 -24.39 44.81
C ASP E 452 -26.58 -23.34 44.92
N GLY F 88 20.09 -30.83 -50.54
CA GLY F 88 20.62 -30.24 -49.33
C GLY F 88 20.72 -31.23 -48.17
N GLN F 89 21.48 -30.87 -47.15
CA GLN F 89 21.67 -31.70 -45.98
C GLN F 89 20.86 -31.15 -44.81
N GLN F 90 20.63 -32.01 -43.82
CA GLN F 90 19.86 -31.62 -42.64
C GLN F 90 20.81 -31.40 -41.46
N ALA F 91 20.63 -30.29 -40.75
CA ALA F 91 21.46 -29.96 -39.60
C ALA F 91 21.38 -31.05 -38.54
N ASN F 92 22.53 -31.48 -38.01
CA ASN F 92 22.57 -32.54 -37.02
C ASN F 92 23.56 -32.23 -35.89
N SER F 93 23.91 -30.96 -35.73
CA SER F 93 24.84 -30.55 -34.69
C SER F 93 24.43 -29.17 -34.17
N LEU F 94 24.92 -28.84 -32.97
CA LEU F 94 24.62 -27.53 -32.39
C LEU F 94 25.20 -26.41 -33.24
N LEU F 95 26.42 -26.59 -33.74
CA LEU F 95 27.02 -25.61 -34.65
C LEU F 95 26.19 -25.40 -35.90
N ASP F 96 25.59 -26.46 -36.44
CA ASP F 96 24.72 -26.35 -37.60
C ASP F 96 23.37 -25.71 -37.27
N LEU F 97 23.03 -25.60 -35.98
CA LEU F 97 21.79 -24.95 -35.57
C LEU F 97 21.97 -23.49 -35.17
N MET F 98 23.12 -23.11 -34.61
CA MET F 98 23.41 -21.69 -34.38
C MET F 98 23.48 -20.89 -35.66
N THR F 99 24.12 -21.41 -36.70
CA THR F 99 24.33 -20.67 -37.94
C THR F 99 23.02 -20.37 -38.64
N ILE F 100 22.09 -21.33 -38.66
CA ILE F 100 20.80 -21.11 -39.31
C ILE F 100 20.00 -20.01 -38.63
N ARG F 101 19.91 -20.02 -37.30
CA ARG F 101 19.24 -18.94 -36.59
C ARG F 101 19.95 -17.60 -36.74
N ALA F 102 21.28 -17.59 -36.73
CA ALA F 102 22.01 -16.35 -36.97
C ALA F 102 21.71 -15.80 -38.35
N PHE F 103 21.58 -16.68 -39.34
CA PHE F 103 21.22 -16.25 -40.69
C PHE F 103 19.80 -15.68 -40.74
N HIS F 104 18.88 -16.24 -39.95
CA HIS F 104 17.48 -15.84 -39.99
C HIS F 104 17.01 -15.21 -38.68
N SER F 105 17.81 -14.33 -38.10
CA SER F 105 17.45 -13.69 -36.83
C SER F 105 16.63 -12.43 -37.05
N LYS F 106 16.01 -12.30 -38.23
CA LYS F 106 15.18 -11.15 -38.56
C LYS F 106 13.70 -11.48 -38.59
N ILE F 107 13.30 -12.53 -39.31
CA ILE F 107 11.88 -12.87 -39.39
C ILE F 107 11.39 -13.48 -38.10
N LEU F 108 12.28 -14.14 -37.34
CA LEU F 108 11.87 -14.80 -36.11
C LEU F 108 11.53 -13.79 -35.02
N ARG F 109 12.34 -12.74 -34.90
CA ARG F 109 12.20 -11.81 -33.77
C ARG F 109 10.94 -10.96 -33.86
N ARG F 110 10.23 -10.98 -34.99
CA ARG F 110 9.11 -10.07 -35.19
C ARG F 110 7.99 -10.35 -34.20
N PHE F 111 7.57 -11.61 -34.07
CA PHE F 111 6.49 -11.98 -33.16
C PHE F 111 6.86 -13.15 -32.24
N SER F 112 8.02 -13.07 -31.60
CA SER F 112 8.42 -14.11 -30.65
C SER F 112 9.09 -13.46 -29.46
N LEU F 113 8.96 -14.10 -28.30
CA LEU F 113 9.60 -13.65 -27.06
C LEU F 113 11.01 -14.17 -26.90
N GLY F 114 11.43 -15.06 -27.79
CA GLY F 114 12.77 -15.62 -27.72
C GLY F 114 12.91 -16.77 -28.68
N THR F 115 14.15 -17.26 -28.79
CA THR F 115 14.44 -18.34 -29.72
C THR F 115 15.59 -19.21 -29.22
N ALA F 116 15.44 -20.53 -29.30
CA ALA F 116 16.49 -21.45 -28.90
C ALA F 116 16.68 -22.54 -29.95
N VAL F 117 17.62 -23.45 -29.71
CA VAL F 117 17.91 -24.54 -30.64
C VAL F 117 17.88 -25.84 -29.87
N GLY F 118 17.23 -26.86 -30.43
CA GLY F 118 17.13 -28.16 -29.80
C GLY F 118 16.37 -29.17 -30.63
N PHE F 119 15.48 -29.92 -29.98
CA PHE F 119 14.66 -30.92 -30.65
C PHE F 119 13.22 -30.45 -30.70
N ARG F 120 12.54 -30.74 -31.80
CA ARG F 120 11.16 -30.32 -31.99
C ARG F 120 10.26 -31.01 -30.97
N ILE F 121 9.35 -30.24 -30.36
CA ILE F 121 8.41 -30.79 -29.39
C ILE F 121 7.03 -30.85 -30.04
N ARG F 122 6.50 -32.05 -30.17
CA ARG F 122 5.22 -32.28 -30.84
C ARG F 122 4.35 -33.14 -29.93
N LYS F 123 3.11 -32.69 -29.70
CA LYS F 123 2.16 -33.39 -28.85
C LYS F 123 2.68 -33.55 -27.42
N GLY F 124 3.56 -32.65 -27.00
CA GLY F 124 4.03 -32.59 -25.63
C GLY F 124 5.23 -33.47 -25.32
N ASP F 125 5.69 -34.29 -26.26
CA ASP F 125 6.85 -35.15 -26.05
C ASP F 125 8.01 -34.68 -26.92
N LEU F 126 9.23 -34.96 -26.47
CA LEU F 126 10.41 -34.55 -27.22
C LEU F 126 10.69 -35.55 -28.34
N THR F 127 10.74 -35.04 -29.57
CA THR F 127 10.97 -35.85 -30.76
C THR F 127 12.49 -35.89 -31.02
N ASP F 128 12.96 -36.48 -32.11
CA ASP F 128 14.40 -36.55 -32.38
C ASP F 128 14.75 -35.75 -33.64
N ILE F 129 13.82 -34.94 -34.11
CA ILE F 129 14.03 -34.13 -35.31
C ILE F 129 14.65 -32.81 -34.89
N PRO F 130 15.87 -32.48 -35.35
CA PRO F 130 16.43 -31.16 -35.04
C PRO F 130 15.55 -30.05 -35.58
N ALA F 131 15.43 -28.98 -34.79
CA ALA F 131 14.56 -27.88 -35.16
C ALA F 131 15.01 -26.64 -34.40
N ILE F 132 14.30 -25.53 -34.60
CA ILE F 132 14.55 -24.29 -33.88
C ILE F 132 13.28 -23.88 -33.17
N LEU F 133 13.32 -23.83 -31.84
CA LEU F 133 12.13 -23.52 -31.07
C LEU F 133 11.84 -22.03 -31.08
N VAL F 134 10.63 -21.66 -31.49
CA VAL F 134 10.20 -20.27 -31.48
C VAL F 134 9.27 -20.06 -30.29
N PHE F 135 9.68 -19.19 -29.37
CA PHE F 135 8.92 -18.97 -28.14
C PHE F 135 7.96 -17.79 -28.28
N VAL F 136 6.67 -18.08 -28.43
CA VAL F 136 5.64 -17.06 -28.55
C VAL F 136 4.88 -16.97 -27.24
N ALA F 137 4.26 -15.81 -27.00
CA ALA F 137 3.51 -15.59 -25.77
C ALA F 137 2.18 -16.34 -25.74
N ARG F 138 1.60 -16.64 -26.89
CA ARG F 138 0.31 -17.33 -26.95
C ARG F 138 0.19 -18.11 -28.25
N LYS F 139 0.04 -19.43 -28.15
CA LYS F 139 -0.03 -20.29 -29.33
C LYS F 139 -1.50 -20.51 -29.70
N VAL F 140 -1.86 -20.09 -30.92
CA VAL F 140 -3.22 -20.23 -31.43
C VAL F 140 -3.16 -20.97 -32.76
N HIS F 141 -4.34 -21.19 -33.34
CA HIS F 141 -4.45 -21.87 -34.62
C HIS F 141 -3.94 -20.97 -35.74
N LYS F 142 -3.86 -21.54 -36.94
CA LYS F 142 -3.37 -20.80 -38.10
C LYS F 142 -4.52 -20.24 -38.93
N LYS F 143 -5.73 -20.30 -38.38
CA LYS F 143 -6.90 -19.74 -39.06
C LYS F 143 -7.28 -18.34 -38.59
N TRP F 144 -6.83 -17.92 -37.41
CA TRP F 144 -7.08 -16.57 -36.91
C TRP F 144 -5.79 -15.76 -36.92
N LEU F 145 -4.91 -16.08 -37.87
CA LEU F 145 -3.62 -15.42 -38.00
C LEU F 145 -3.52 -14.80 -39.40
N ASN F 146 -3.08 -13.55 -39.44
CA ASN F 146 -2.79 -13.06 -40.79
C ASN F 146 -1.55 -13.75 -41.33
N PRO F 147 -1.42 -13.88 -42.65
CA PRO F 147 -0.33 -14.66 -43.23
C PRO F 147 1.06 -14.19 -42.82
N ALA F 148 1.20 -12.90 -42.50
CA ALA F 148 2.50 -12.37 -42.09
C ALA F 148 2.92 -12.93 -40.74
N GLN F 149 1.97 -13.26 -39.88
CA GLN F 149 2.27 -13.76 -38.54
C GLN F 149 2.50 -15.25 -38.48
N CYS F 150 2.30 -15.97 -39.59
CA CYS F 150 2.49 -17.43 -39.62
C CYS F 150 3.96 -17.70 -39.89
N LEU F 151 4.67 -18.15 -38.85
CA LEU F 151 6.08 -18.48 -38.96
C LEU F 151 6.24 -19.69 -39.88
N PRO F 152 7.32 -19.76 -40.65
CA PRO F 152 7.50 -20.91 -41.55
C PRO F 152 7.74 -22.21 -40.78
N ALA F 153 7.90 -23.32 -41.52
CA ALA F 153 8.11 -24.61 -40.89
C ALA F 153 9.53 -25.08 -41.17
N ILE F 154 10.17 -24.50 -42.18
CA ILE F 154 11.50 -24.93 -42.61
C ILE F 154 12.34 -23.69 -42.91
N LEU F 155 13.56 -23.66 -42.39
CA LEU F 155 14.53 -22.62 -42.69
C LEU F 155 15.79 -23.23 -43.29
N GLU F 156 16.42 -22.49 -44.18
CA GLU F 156 17.61 -22.93 -44.89
C GLU F 156 18.75 -21.95 -44.67
N GLY F 157 19.96 -22.49 -44.48
CA GLY F 157 21.11 -21.68 -44.18
C GLY F 157 22.22 -21.81 -45.20
N PRO F 158 23.45 -21.52 -44.78
CA PRO F 158 24.58 -21.53 -45.72
C PRO F 158 25.16 -22.92 -45.95
N GLY F 159 25.47 -23.23 -47.21
CA GLY F 159 26.07 -24.50 -47.56
C GLY F 159 25.12 -25.65 -47.75
N GLY F 160 23.83 -25.38 -47.96
CA GLY F 160 22.86 -26.44 -48.17
C GLY F 160 22.47 -27.17 -46.90
N VAL F 161 22.00 -26.43 -45.90
CA VAL F 161 21.55 -27.01 -44.64
C VAL F 161 20.16 -26.50 -44.35
N TRP F 162 19.27 -27.40 -43.96
CA TRP F 162 17.89 -27.06 -43.60
C TRP F 162 17.54 -27.64 -42.23
N CYS F 163 16.60 -26.98 -41.58
CA CYS F 163 16.15 -27.38 -40.25
C CYS F 163 14.68 -27.00 -40.10
N ASP F 164 14.04 -27.55 -39.08
CA ASP F 164 12.62 -27.34 -38.86
C ASP F 164 12.40 -26.17 -37.91
N VAL F 165 11.16 -25.68 -37.87
CA VAL F 165 10.74 -24.62 -36.95
C VAL F 165 9.62 -25.18 -36.08
N ASP F 166 9.76 -25.01 -34.77
CA ASP F 166 8.79 -25.54 -33.81
C ASP F 166 8.31 -24.39 -32.95
N VAL F 167 6.99 -24.31 -32.74
CA VAL F 167 6.42 -23.27 -31.91
C VAL F 167 6.04 -23.85 -30.55
N VAL F 168 6.45 -23.14 -29.49
CA VAL F 168 6.22 -23.57 -28.12
C VAL F 168 5.63 -22.42 -27.32
N GLU F 169 4.57 -22.71 -26.57
CA GLU F 169 3.98 -21.73 -25.66
C GLU F 169 5.00 -21.35 -24.60
N PHE F 170 5.12 -20.04 -24.35
CA PHE F 170 6.25 -19.53 -23.58
C PHE F 170 5.88 -18.15 -23.05
N SER F 171 6.28 -17.89 -21.80
CA SER F 171 5.89 -16.65 -21.15
C SER F 171 7.00 -16.18 -20.23
N TYR F 172 7.03 -14.87 -20.00
CA TYR F 172 7.92 -14.27 -19.01
C TYR F 172 7.10 -13.73 -17.84
N GLN F 183 11.25 -24.01 0.72
CA GLN F 183 12.28 -24.90 1.24
C GLN F 183 11.73 -26.30 1.50
N MET F 184 12.44 -27.31 0.98
CA MET F 184 12.10 -28.70 1.26
C MET F 184 12.47 -29.06 2.69
N PHE F 185 11.65 -29.91 3.30
CA PHE F 185 11.82 -30.31 4.70
C PHE F 185 12.18 -31.80 4.71
N SER F 186 13.46 -32.09 4.62
CA SER F 186 13.96 -33.47 4.64
C SER F 186 15.26 -33.48 5.44
N GLU F 187 15.97 -34.60 5.38
CA GLU F 187 17.23 -34.75 6.09
C GLU F 187 18.42 -34.20 5.32
N LEU F 188 18.39 -34.23 3.99
CA LEU F 188 19.47 -33.70 3.17
C LEU F 188 19.52 -32.18 3.24
N VAL F 189 18.35 -31.54 3.31
CA VAL F 189 18.25 -30.08 3.39
C VAL F 189 18.93 -29.59 4.66
N ASP F 190 18.71 -30.31 5.77
CA ASP F 190 19.27 -29.92 7.05
C ASP F 190 20.79 -29.91 7.09
N LYS F 191 21.44 -30.88 6.43
CA LYS F 191 22.90 -30.98 6.46
C LYS F 191 23.58 -29.89 5.64
N LEU F 192 22.97 -29.43 4.55
CA LEU F 192 23.55 -28.38 3.72
C LEU F 192 23.32 -26.98 4.27
N CYS F 193 22.49 -26.84 5.30
CA CYS F 193 22.18 -25.54 5.90
C CYS F 193 23.06 -25.22 7.10
N GLY F 194 24.01 -26.08 7.41
CA GLY F 194 24.93 -25.87 8.50
C GLY F 194 24.78 -26.80 9.71
N SER F 195 24.19 -27.98 9.53
CA SER F 195 24.05 -28.94 10.62
C SER F 195 24.98 -30.13 10.43
N ASP F 196 25.96 -30.03 9.54
CA ASP F 196 26.90 -31.09 9.24
C ASP F 196 28.27 -30.73 9.80
N GLU F 197 29.22 -31.67 9.67
CA GLU F 197 30.58 -31.49 10.14
C GLU F 197 31.55 -31.27 8.99
N CYS F 198 31.01 -30.97 7.81
CA CYS F 198 31.84 -30.78 6.62
C CYS F 198 31.14 -29.82 5.66
N ILE F 199 31.93 -29.24 4.77
CA ILE F 199 31.43 -28.32 3.75
C ILE F 199 31.83 -28.86 2.38
N GLY F 200 31.02 -28.57 1.38
CA GLY F 200 31.29 -29.06 0.04
C GLY F 200 30.24 -28.57 -0.93
N SER F 201 30.11 -29.31 -2.04
CA SER F 201 29.12 -28.99 -3.05
C SER F 201 27.72 -29.08 -2.47
N GLY F 202 26.89 -28.08 -2.75
CA GLY F 202 25.52 -28.01 -2.29
C GLY F 202 25.37 -27.31 -0.95
N SER F 203 26.47 -26.98 -0.30
CA SER F 203 26.40 -26.31 1.00
C SER F 203 25.92 -24.87 0.82
N GLN F 204 25.38 -24.31 1.89
CA GLN F 204 24.82 -22.96 1.87
C GLN F 204 25.93 -21.94 2.17
N VAL F 205 26.11 -21.00 1.25
CA VAL F 205 27.09 -19.92 1.39
C VAL F 205 26.33 -18.60 1.40
N ALA F 206 26.63 -17.74 2.36
CA ALA F 206 25.87 -16.52 2.55
C ALA F 206 26.80 -15.32 2.64
N SER F 207 26.32 -14.20 2.12
CA SER F 207 26.94 -12.90 2.29
C SER F 207 26.09 -12.08 3.26
N HIS F 208 26.49 -10.83 3.48
CA HIS F 208 25.80 -9.99 4.47
C HIS F 208 24.35 -9.74 4.09
N GLU F 209 24.00 -9.83 2.80
CA GLU F 209 22.66 -9.53 2.34
C GLU F 209 21.91 -10.78 1.87
N THR F 210 22.47 -11.53 0.93
CA THR F 210 21.76 -12.60 0.26
C THR F 210 22.39 -13.96 0.58
N PHE F 211 21.61 -15.01 0.33
CA PHE F 211 22.05 -16.38 0.48
C PHE F 211 22.50 -16.93 -0.87
N GLY F 212 23.04 -18.14 -0.84
CA GLY F 212 23.50 -18.78 -2.05
C GLY F 212 23.79 -20.26 -1.90
N THR F 213 24.31 -20.88 -2.96
CA THR F 213 24.60 -22.30 -2.96
C THR F 213 26.04 -22.52 -3.44
N LEU F 214 26.79 -23.29 -2.67
CA LEU F 214 28.15 -23.66 -3.05
C LEU F 214 28.11 -24.53 -4.30
N GLY F 215 29.01 -24.24 -5.24
CA GLY F 215 29.04 -25.00 -6.49
C GLY F 215 30.05 -26.12 -6.46
N ALA F 216 31.17 -25.94 -7.15
CA ALA F 216 32.24 -26.93 -7.17
C ALA F 216 33.39 -26.42 -6.30
N ILE F 217 34.18 -27.37 -5.80
CA ILE F 217 35.36 -27.08 -5.00
C ILE F 217 36.54 -27.11 -5.97
N VAL F 218 37.19 -25.97 -6.15
CA VAL F 218 38.05 -25.75 -7.30
C VAL F 218 39.46 -25.31 -6.90
N LYS F 219 40.41 -25.47 -7.83
CA LYS F 219 41.76 -24.96 -7.67
C LYS F 219 42.00 -23.94 -8.78
N ARG F 220 43.24 -23.46 -8.88
CA ARG F 220 43.65 -22.56 -9.93
C ARG F 220 44.83 -23.16 -10.69
N ARG F 221 44.77 -23.06 -12.02
CA ARG F 221 45.82 -23.60 -12.87
C ARG F 221 47.02 -22.67 -13.03
N THR F 222 46.92 -21.43 -12.59
CA THR F 222 48.00 -20.46 -12.67
C THR F 222 48.35 -19.96 -11.27
N GLY F 223 49.38 -19.13 -11.19
CA GLY F 223 49.82 -18.54 -9.94
C GLY F 223 50.25 -19.55 -8.89
N ASN F 224 49.90 -19.30 -7.63
CA ASN F 224 50.28 -20.20 -6.54
C ASN F 224 49.25 -21.30 -6.31
N LYS F 225 48.17 -21.31 -7.08
CA LYS F 225 47.18 -22.40 -7.07
C LYS F 225 46.53 -22.57 -5.69
N GLN F 226 45.83 -21.53 -5.24
CA GLN F 226 45.08 -21.61 -4.00
C GLN F 226 43.84 -22.47 -4.20
N VAL F 227 43.33 -23.00 -3.08
CA VAL F 227 42.15 -23.86 -3.09
C VAL F 227 40.95 -23.07 -2.58
N GLY F 228 39.84 -23.16 -3.30
CA GLY F 228 38.62 -22.47 -2.93
C GLY F 228 37.37 -23.08 -3.52
N PHE F 229 36.42 -22.24 -3.92
CA PHE F 229 35.17 -22.69 -4.51
C PHE F 229 34.68 -21.63 -5.48
N LEU F 230 33.58 -21.93 -6.17
CA LEU F 230 33.00 -21.04 -7.16
C LEU F 230 31.49 -20.97 -6.98
N THR F 231 30.93 -19.80 -7.26
CA THR F 231 29.49 -19.59 -7.14
C THR F 231 29.02 -18.48 -8.08
N ASN F 232 27.77 -18.04 -7.91
CA ASN F 232 27.17 -17.02 -8.75
C ASN F 232 27.41 -15.65 -8.13
N HIS F 233 27.72 -14.66 -8.92
CA HIS F 233 27.95 -13.38 -8.30
C HIS F 233 26.77 -12.65 -7.81
N HIS F 234 25.58 -12.99 -8.24
CA HIS F 234 24.42 -12.29 -7.78
C HIS F 234 24.19 -12.60 -6.36
N VAL F 235 24.83 -13.66 -5.93
CA VAL F 235 24.77 -14.10 -4.55
C VAL F 235 26.11 -13.95 -3.85
N ALA F 236 27.15 -13.55 -4.58
CA ALA F 236 28.49 -13.47 -4.01
C ALA F 236 29.04 -12.05 -4.00
N VAL F 237 28.82 -11.29 -5.06
CA VAL F 237 29.50 -10.02 -5.27
C VAL F 237 28.45 -8.92 -5.25
N ASP F 238 28.40 -8.16 -4.16
CA ASP F 238 27.75 -6.85 -4.18
C ASP F 238 28.73 -5.80 -4.70
N LEU F 239 28.22 -4.89 -5.52
CA LEU F 239 29.05 -3.89 -6.17
C LEU F 239 29.08 -2.59 -5.38
N ASP F 240 29.12 -2.73 -4.06
CA ASP F 240 29.30 -1.59 -3.15
C ASP F 240 30.83 -1.46 -3.14
N TYR F 241 31.48 -2.41 -2.49
CA TYR F 241 32.94 -2.50 -2.47
C TYR F 241 33.27 -3.65 -3.42
N PRO F 242 34.43 -3.58 -4.10
CA PRO F 242 34.75 -4.59 -5.14
C PRO F 242 34.67 -6.02 -4.65
N ASN F 243 35.11 -6.28 -3.43
CA ASN F 243 35.19 -7.64 -2.89
C ASN F 243 34.35 -7.73 -1.62
N GLN F 244 33.56 -8.79 -1.52
CA GLN F 244 32.75 -9.07 -0.34
C GLN F 244 33.37 -10.19 0.48
N LYS F 245 32.68 -10.55 1.55
CA LYS F 245 33.13 -11.59 2.47
C LYS F 245 32.13 -12.73 2.47
N MET F 246 32.61 -13.95 2.72
CA MET F 246 31.79 -15.15 2.69
C MET F 246 31.78 -15.83 4.05
N PHE F 247 30.61 -16.30 4.46
CA PHE F 247 30.43 -16.97 5.73
C PHE F 247 29.54 -18.19 5.54
N HIS F 248 29.71 -19.18 6.42
CA HIS F 248 28.89 -20.39 6.39
C HIS F 248 28.52 -20.80 7.81
N PRO F 249 27.24 -20.98 8.11
CA PRO F 249 26.08 -20.81 7.22
C PRO F 249 25.62 -19.37 7.10
N LEU F 250 25.84 -18.56 8.13
CA LEU F 250 25.27 -17.22 8.21
C LEU F 250 26.38 -16.22 8.52
N PRO F 251 26.20 -14.96 8.14
CA PRO F 251 27.18 -13.93 8.50
C PRO F 251 27.14 -13.64 9.99
N PRO F 252 28.21 -13.06 10.55
CA PRO F 252 28.22 -12.81 12.01
C PRO F 252 27.13 -11.86 12.48
N ASN F 253 26.54 -11.07 11.60
CA ASN F 253 25.47 -10.16 11.97
C ASN F 253 24.08 -10.80 11.82
N LEU F 254 24.04 -12.07 11.45
CA LEU F 254 22.75 -12.75 11.27
C LEU F 254 22.73 -14.06 12.05
N GLY F 255 23.89 -14.56 12.45
CA GLY F 255 23.97 -15.79 13.20
C GLY F 255 25.37 -16.36 13.26
N PRO F 256 25.52 -17.53 13.87
CA PRO F 256 26.84 -18.17 13.96
C PRO F 256 27.33 -18.59 12.59
N GLY F 257 28.65 -18.56 12.41
CA GLY F 257 29.24 -18.95 11.14
C GLY F 257 30.75 -18.90 11.22
N VAL F 258 31.38 -19.35 10.14
CA VAL F 258 32.83 -19.33 9.99
C VAL F 258 33.17 -18.56 8.72
N TYR F 259 34.15 -17.66 8.82
CA TYR F 259 34.55 -16.85 7.68
C TYR F 259 35.24 -17.72 6.65
N LEU F 260 34.68 -17.76 5.44
CA LEU F 260 35.20 -18.60 4.37
C LEU F 260 36.30 -17.91 3.58
N GLY F 261 36.00 -16.76 3.01
CA GLY F 261 36.98 -16.05 2.23
C GLY F 261 36.40 -14.81 1.57
N ALA F 262 37.09 -14.33 0.55
CA ALA F 262 36.68 -13.14 -0.19
C ALA F 262 36.74 -13.44 -1.68
N VAL F 263 35.92 -12.70 -2.45
CA VAL F 263 35.87 -12.89 -3.90
C VAL F 263 37.15 -12.38 -4.53
N GLU F 264 37.85 -13.27 -5.24
CA GLU F 264 39.10 -12.90 -5.89
C GLU F 264 38.85 -12.44 -7.33
N ARG F 265 38.27 -13.33 -8.14
CA ARG F 265 37.95 -13.02 -9.52
C ARG F 265 36.48 -13.29 -9.81
N ALA F 266 35.82 -12.30 -10.41
CA ALA F 266 34.39 -12.42 -10.71
C ALA F 266 34.11 -11.63 -11.99
N THR F 267 34.08 -12.31 -13.13
CA THR F 267 33.70 -11.67 -14.37
C THR F 267 32.19 -11.69 -14.55
N SER F 268 31.75 -11.20 -15.70
CA SER F 268 30.33 -10.98 -15.94
C SER F 268 30.01 -11.21 -17.41
N PHE F 269 28.89 -10.65 -17.90
CA PHE F 269 28.48 -10.82 -19.29
C PHE F 269 29.66 -10.64 -20.25
N ILE F 270 29.80 -11.60 -21.16
CA ILE F 270 30.96 -11.70 -22.04
C ILE F 270 30.47 -11.84 -23.47
N THR F 271 31.25 -11.36 -24.43
CA THR F 271 30.88 -11.36 -25.84
C THR F 271 30.81 -12.80 -26.37
N ASP F 272 30.04 -12.96 -27.45
CA ASP F 272 29.75 -14.29 -27.97
C ASP F 272 30.95 -14.88 -28.73
N ASP F 273 31.74 -14.03 -29.39
CA ASP F 273 32.82 -14.53 -30.22
C ASP F 273 33.86 -15.29 -29.42
N VAL F 274 34.21 -14.79 -28.23
CA VAL F 274 35.19 -15.47 -27.39
C VAL F 274 34.56 -16.50 -26.47
N TRP F 275 33.23 -16.60 -26.44
CA TRP F 275 32.55 -17.60 -25.63
C TRP F 275 32.26 -18.85 -26.45
N TYR F 276 31.46 -18.71 -27.51
CA TYR F 276 31.11 -19.85 -28.36
C TYR F 276 32.16 -20.07 -29.43
N GLY F 277 32.59 -19.00 -30.09
CA GLY F 277 33.46 -19.11 -31.24
C GLY F 277 32.73 -18.74 -32.51
N ILE F 278 31.40 -18.88 -32.47
CA ILE F 278 30.54 -18.52 -33.58
C ILE F 278 30.17 -17.04 -33.46
N TYR F 279 30.03 -16.36 -34.61
CA TYR F 279 29.48 -15.01 -34.65
C TYR F 279 27.95 -15.18 -34.69
N ALA F 280 27.40 -15.65 -33.58
CA ALA F 280 25.99 -16.04 -33.50
C ALA F 280 25.11 -14.81 -33.25
N GLY F 281 24.84 -14.08 -34.32
CA GLY F 281 23.97 -12.93 -34.26
C GLY F 281 24.43 -11.80 -35.15
N THR F 282 23.47 -11.09 -35.76
CA THR F 282 23.75 -9.93 -36.59
C THR F 282 23.71 -8.64 -35.77
N ASN F 283 23.81 -8.76 -34.45
CA ASN F 283 23.79 -7.64 -33.52
C ASN F 283 25.19 -7.32 -33.04
N PRO F 284 25.66 -6.09 -33.26
CA PRO F 284 26.99 -5.71 -32.74
C PRO F 284 27.09 -5.80 -31.23
N GLU F 285 25.97 -5.68 -30.52
CA GLU F 285 25.94 -5.78 -29.06
C GLU F 285 25.25 -7.08 -28.67
N THR F 286 26.05 -8.15 -28.60
CA THR F 286 25.58 -9.47 -28.20
C THR F 286 26.48 -9.97 -27.09
N PHE F 287 25.89 -10.38 -25.98
CA PHE F 287 26.62 -10.85 -24.81
C PHE F 287 26.02 -12.16 -24.32
N VAL F 288 26.72 -12.78 -23.37
CA VAL F 288 26.27 -14.01 -22.73
C VAL F 288 26.05 -13.70 -21.26
N ARG F 289 25.60 -14.69 -20.49
CA ARG F 289 25.26 -14.47 -19.08
C ARG F 289 26.01 -15.44 -18.18
N ALA F 290 27.32 -15.54 -18.37
CA ALA F 290 28.19 -16.45 -17.62
C ALA F 290 28.71 -15.82 -16.34
N ASP F 291 27.97 -15.96 -15.25
CA ASP F 291 28.41 -15.44 -13.97
C ASP F 291 29.32 -16.45 -13.26
N GLY F 292 30.33 -15.93 -12.59
CA GLY F 292 31.25 -16.76 -11.83
C GLY F 292 32.00 -15.94 -10.82
N ALA F 293 32.47 -16.63 -9.78
CA ALA F 293 33.19 -15.97 -8.69
C ALA F 293 34.07 -16.99 -8.00
N PHE F 294 35.38 -16.89 -8.20
CA PHE F 294 36.34 -17.74 -7.50
C PHE F 294 36.68 -17.16 -6.14
N ILE F 295 36.45 -17.93 -5.09
CA ILE F 295 36.66 -17.47 -3.72
C ILE F 295 37.64 -18.41 -3.03
N PRO F 296 38.93 -18.08 -2.97
CA PRO F 296 39.88 -18.92 -2.24
C PRO F 296 39.58 -18.96 -0.76
N PHE F 297 39.89 -20.10 -0.15
CA PHE F 297 39.65 -20.29 1.27
C PHE F 297 40.62 -19.43 2.08
N ALA F 298 40.17 -18.98 3.25
CA ALA F 298 41.00 -18.14 4.10
C ALA F 298 42.20 -18.93 4.63
N ASP F 299 43.28 -18.22 4.93
CA ASP F 299 44.49 -18.86 5.43
C ASP F 299 44.28 -19.53 6.78
N ASP F 300 43.32 -19.05 7.57
CA ASP F 300 43.03 -19.63 8.89
C ASP F 300 41.91 -20.67 8.82
N PHE F 301 41.35 -20.92 7.64
CA PHE F 301 40.30 -21.91 7.50
C PHE F 301 40.88 -23.30 7.34
N ASP F 302 40.29 -24.27 8.04
CA ASP F 302 40.77 -25.64 8.02
C ASP F 302 40.33 -26.33 6.74
N ILE F 303 41.29 -26.95 6.06
CA ILE F 303 40.99 -27.72 4.84
C ILE F 303 40.41 -29.07 5.24
N SER F 304 40.73 -29.51 6.46
CA SER F 304 40.36 -30.83 6.97
C SER F 304 38.86 -30.97 7.21
N THR F 305 38.10 -29.88 7.14
CA THR F 305 36.64 -29.91 7.29
C THR F 305 35.98 -29.70 5.95
N VAL F 306 36.70 -30.02 4.87
CA VAL F 306 36.22 -29.84 3.51
C VAL F 306 36.22 -31.20 2.82
N THR F 307 35.09 -31.54 2.20
CA THR F 307 34.94 -32.81 1.49
C THR F 307 34.80 -32.55 0.00
N THR F 308 35.01 -33.59 -0.79
CA THR F 308 34.86 -33.50 -2.23
C THR F 308 33.74 -34.38 -2.79
N VAL F 309 33.13 -35.24 -1.97
CA VAL F 309 32.04 -36.09 -2.42
C VAL F 309 30.75 -35.27 -2.42
N VAL F 310 29.84 -35.59 -3.34
CA VAL F 310 28.57 -34.87 -3.41
C VAL F 310 27.53 -35.60 -2.57
N ARG F 311 26.95 -34.89 -1.60
CA ARG F 311 25.95 -35.46 -0.70
C ARG F 311 24.66 -35.66 -1.48
N GLY F 312 24.28 -36.91 -1.70
CA GLY F 312 23.09 -37.26 -2.46
C GLY F 312 23.32 -37.67 -3.90
N VAL F 313 24.54 -37.54 -4.42
CA VAL F 313 24.84 -37.93 -5.79
C VAL F 313 25.98 -38.95 -5.76
N GLY F 314 26.82 -38.87 -4.73
CA GLY F 314 27.95 -39.77 -4.64
C GLY F 314 29.20 -39.14 -5.18
N ASP F 315 30.00 -39.92 -5.90
CA ASP F 315 31.26 -39.46 -6.47
C ASP F 315 31.03 -39.00 -7.91
N ILE F 316 31.47 -37.78 -8.21
CA ILE F 316 31.32 -37.22 -9.54
C ILE F 316 32.61 -37.40 -10.32
N GLY F 317 32.52 -37.35 -11.65
CA GLY F 317 33.68 -37.48 -12.51
C GLY F 317 34.27 -36.13 -12.91
N ASP F 318 35.11 -36.18 -13.94
CA ASP F 318 35.74 -34.98 -14.47
C ASP F 318 34.71 -34.13 -15.21
N VAL F 319 35.10 -32.88 -15.48
CA VAL F 319 34.21 -31.96 -16.17
C VAL F 319 33.95 -32.45 -17.59
N LYS F 320 32.68 -32.50 -17.98
CA LYS F 320 32.28 -32.89 -19.32
C LYS F 320 32.07 -31.62 -20.14
N VAL F 321 32.98 -31.36 -21.07
CA VAL F 321 32.88 -30.18 -21.91
C VAL F 321 31.76 -30.38 -22.94
N ILE F 322 31.12 -29.29 -23.32
CA ILE F 322 30.04 -29.30 -24.29
C ILE F 322 30.61 -28.86 -25.64
N ASP F 323 30.74 -29.82 -26.55
CA ASP F 323 31.23 -29.54 -27.89
C ASP F 323 30.06 -29.16 -28.78
N LEU F 324 30.23 -28.10 -29.57
CA LEU F 324 29.17 -27.58 -30.43
C LEU F 324 29.06 -28.33 -31.75
N GLN F 325 29.98 -29.24 -32.04
CA GLN F 325 29.90 -30.06 -33.24
C GLN F 325 29.92 -31.55 -32.86
N CYS F 326 28.75 -32.09 -32.57
CA CYS F 326 28.57 -33.46 -32.10
C CYS F 326 27.14 -33.88 -32.35
N PRO F 327 26.80 -35.17 -32.24
CA PRO F 327 25.39 -35.57 -32.37
C PRO F 327 24.50 -34.88 -31.35
N LEU F 328 23.30 -34.51 -31.81
CA LEU F 328 22.41 -33.68 -30.99
C LEU F 328 21.81 -34.46 -29.81
N ASN F 329 21.94 -35.77 -29.80
CA ASN F 329 21.38 -36.60 -28.74
C ASN F 329 22.38 -36.81 -27.60
N SER F 330 23.37 -35.92 -27.50
CA SER F 330 24.36 -35.99 -26.42
C SER F 330 24.14 -34.93 -25.35
N LEU F 331 23.47 -33.83 -25.68
CA LEU F 331 23.15 -32.79 -24.70
C LEU F 331 21.65 -32.62 -24.57
N ILE F 332 20.96 -32.55 -25.71
CA ILE F 332 19.51 -32.38 -25.74
C ILE F 332 18.84 -33.72 -25.47
N GLY F 333 17.91 -33.74 -24.52
CA GLY F 333 17.19 -34.95 -24.15
C GLY F 333 17.84 -35.77 -23.05
N ARG F 334 19.00 -35.37 -22.54
CA ARG F 334 19.65 -36.11 -21.46
C ARG F 334 18.98 -35.80 -20.13
N GLN F 335 19.32 -36.61 -19.12
CA GLN F 335 18.77 -36.48 -17.79
C GLN F 335 19.81 -35.86 -16.87
N VAL F 336 19.42 -34.80 -16.16
CA VAL F 336 20.34 -34.08 -15.28
C VAL F 336 19.79 -34.07 -13.86
N CYS F 337 20.62 -33.66 -12.90
CA CYS F 337 20.23 -33.60 -11.51
C CYS F 337 21.05 -32.51 -10.82
N LYS F 338 20.66 -32.18 -9.60
CA LYS F 338 21.35 -31.14 -8.85
C LYS F 338 21.15 -31.37 -7.36
N VAL F 339 21.97 -30.69 -6.56
CA VAL F 339 21.84 -30.66 -5.11
C VAL F 339 21.79 -29.21 -4.67
N GLY F 340 20.73 -28.84 -3.97
CA GLY F 340 20.55 -27.46 -3.55
C GLY F 340 20.22 -27.39 -2.08
N ARG F 341 20.57 -26.24 -1.48
CA ARG F 341 20.31 -26.04 -0.05
C ARG F 341 18.82 -26.01 0.24
N SER F 342 18.04 -25.32 -0.61
CA SER F 342 16.62 -25.13 -0.35
C SER F 342 15.75 -26.19 -1.02
N SER F 343 16.28 -26.93 -1.99
CA SER F 343 15.49 -27.93 -2.71
C SER F 343 15.98 -29.35 -2.52
N GLY F 344 17.24 -29.55 -2.13
CA GLY F 344 17.77 -30.89 -2.00
C GLY F 344 18.02 -31.53 -3.35
N HIS F 345 18.05 -32.87 -3.35
CA HIS F 345 18.26 -33.60 -4.58
C HIS F 345 17.02 -33.57 -5.46
N THR F 346 17.20 -33.17 -6.70
CA THR F 346 16.11 -33.10 -7.68
C THR F 346 16.65 -33.49 -9.04
N THR F 347 15.77 -34.02 -9.89
CA THR F 347 16.14 -34.49 -11.21
C THR F 347 15.46 -33.62 -12.27
N GLY F 348 15.99 -33.69 -13.48
CA GLY F 348 15.44 -32.92 -14.58
C GLY F 348 15.99 -33.39 -15.90
N THR F 349 15.57 -32.71 -16.97
CA THR F 349 15.98 -33.04 -18.32
C THR F 349 16.32 -31.76 -19.08
N VAL F 350 17.17 -31.90 -20.09
CA VAL F 350 17.58 -30.79 -20.93
C VAL F 350 16.63 -30.72 -22.12
N MET F 351 16.06 -29.54 -22.35
CA MET F 351 15.08 -29.37 -23.42
C MET F 351 15.63 -28.57 -24.60
N ALA F 352 16.44 -27.54 -24.32
CA ALA F 352 16.96 -26.68 -25.38
C ALA F 352 18.38 -26.26 -25.01
N TYR F 353 18.95 -25.38 -25.81
CA TYR F 353 20.30 -24.89 -25.60
C TYR F 353 20.43 -23.50 -26.21
N ALA F 354 21.22 -22.65 -25.54
CA ALA F 354 21.55 -21.31 -26.02
C ALA F 354 20.28 -20.49 -26.28
N LEU F 355 19.53 -20.28 -25.21
CA LEU F 355 18.33 -19.44 -25.27
C LEU F 355 18.75 -17.98 -25.43
N GLU F 356 18.20 -17.30 -26.42
CA GLU F 356 18.53 -15.92 -26.72
C GLU F 356 17.38 -15.01 -26.32
N TYR F 357 17.69 -13.95 -25.58
CA TYR F 357 16.70 -12.99 -25.13
C TYR F 357 17.18 -11.59 -25.51
N ASN F 358 16.28 -10.81 -26.11
CA ASN F 358 16.56 -9.43 -26.49
C ASN F 358 15.75 -8.50 -25.60
N ASP F 359 16.42 -7.57 -24.95
CA ASP F 359 15.76 -6.67 -24.00
C ASP F 359 15.30 -5.39 -24.68
N GLU F 360 14.74 -4.49 -23.87
CA GLU F 360 14.18 -3.23 -24.35
C GLU F 360 15.25 -2.33 -24.97
N LYS F 361 16.42 -2.23 -24.33
CA LYS F 361 17.44 -1.28 -24.74
C LYS F 361 18.27 -1.75 -25.92
N GLY F 362 18.10 -3.00 -26.38
CA GLY F 362 18.75 -3.43 -27.59
C GLY F 362 19.79 -4.51 -27.44
N ILE F 363 20.38 -4.63 -26.24
CA ILE F 363 21.43 -5.61 -26.00
C ILE F 363 20.85 -7.01 -26.10
N CYS F 364 21.49 -7.86 -26.90
CA CYS F 364 21.07 -9.24 -27.09
C CYS F 364 21.80 -10.12 -26.09
N PHE F 365 21.04 -10.89 -25.32
CA PHE F 365 21.58 -11.73 -24.26
C PHE F 365 21.34 -13.20 -24.57
N PHE F 366 22.26 -14.04 -24.13
CA PHE F 366 22.17 -15.48 -24.36
C PHE F 366 22.15 -16.21 -23.02
N THR F 367 21.23 -17.18 -22.93
CA THR F 367 21.17 -18.08 -21.79
C THR F 367 21.48 -19.49 -22.29
N ASP F 368 22.39 -20.16 -21.59
CA ASP F 368 23.11 -21.27 -22.19
C ASP F 368 22.24 -22.53 -22.28
N ILE F 369 21.81 -23.07 -21.15
CA ILE F 369 21.14 -24.36 -21.12
C ILE F 369 19.72 -24.18 -20.61
N LEU F 370 18.86 -25.13 -20.97
CA LEU F 370 17.46 -25.13 -20.56
C LEU F 370 17.15 -26.45 -19.86
N VAL F 371 16.62 -26.37 -18.64
CA VAL F 371 16.32 -27.55 -17.83
C VAL F 371 14.89 -27.42 -17.31
N VAL F 372 14.11 -28.50 -17.47
CA VAL F 372 12.75 -28.57 -16.98
C VAL F 372 12.64 -29.79 -16.06
N GLY F 373 11.93 -29.63 -14.94
CA GLY F 373 11.80 -30.69 -13.97
C GLY F 373 11.02 -31.88 -14.50
N GLU F 374 11.17 -33.00 -13.81
CA GLU F 374 10.55 -34.25 -14.20
C GLU F 374 9.27 -34.50 -13.41
N ASN F 375 8.38 -35.29 -13.99
CA ASN F 375 7.10 -35.67 -13.37
C ASN F 375 6.30 -34.43 -12.99
N ARG F 376 6.32 -33.43 -13.87
CA ARG F 376 5.59 -32.17 -13.69
C ARG F 376 5.95 -31.46 -12.39
N GLN F 377 7.18 -31.64 -11.90
CA GLN F 377 7.64 -30.99 -10.69
C GLN F 377 8.61 -29.86 -11.06
N THR F 378 9.08 -29.14 -10.04
CA THR F 378 10.04 -28.07 -10.23
C THR F 378 11.46 -28.62 -10.16
N PHE F 379 12.40 -27.85 -10.71
CA PHE F 379 13.80 -28.22 -10.71
C PHE F 379 14.64 -27.45 -9.69
N ASP F 380 14.25 -26.22 -9.35
CA ASP F 380 14.96 -25.45 -8.34
C ASP F 380 14.02 -24.38 -7.79
N LEU F 381 14.34 -23.89 -6.59
CA LEU F 381 13.60 -22.83 -5.95
C LEU F 381 14.46 -21.57 -5.87
N GLU F 382 13.93 -20.54 -5.22
CA GLU F 382 14.66 -19.29 -5.02
C GLU F 382 15.67 -19.50 -3.90
N GLY F 383 16.94 -19.63 -4.27
CA GLY F 383 17.99 -19.88 -3.32
C GLY F 383 18.90 -21.02 -3.76
N ASP F 384 18.53 -21.69 -4.84
CA ASP F 384 19.31 -22.79 -5.40
C ASP F 384 20.29 -22.34 -6.48
N SER F 385 20.35 -21.04 -6.77
CA SER F 385 21.26 -20.53 -7.79
C SER F 385 22.70 -20.76 -7.36
N GLY F 386 23.49 -21.42 -8.21
CA GLY F 386 24.86 -21.73 -7.90
C GLY F 386 25.07 -23.21 -7.67
N SER F 387 24.03 -24.00 -7.86
CA SER F 387 24.11 -25.44 -7.67
C SER F 387 24.67 -26.12 -8.91
N LEU F 388 25.43 -27.19 -8.69
CA LEU F 388 26.04 -27.93 -9.78
C LEU F 388 24.97 -28.67 -10.58
N ILE F 389 25.09 -28.62 -11.91
CA ILE F 389 24.23 -29.39 -12.80
C ILE F 389 25.05 -30.56 -13.34
N ILE F 390 24.63 -31.78 -13.02
CA ILE F 390 25.40 -32.97 -13.30
C ILE F 390 24.52 -33.94 -14.08
N LEU F 391 25.05 -34.48 -15.18
CA LEU F 391 24.33 -35.48 -15.95
C LEU F 391 24.12 -36.74 -15.12
N THR F 392 22.94 -37.32 -15.23
CA THR F 392 22.68 -38.61 -14.59
C THR F 392 23.55 -39.68 -15.22
N SER F 393 24.12 -40.55 -14.37
CA SER F 393 25.06 -41.57 -14.83
C SER F 393 24.40 -42.48 -15.86
N GLN F 394 25.13 -42.74 -16.95
CA GLN F 394 24.66 -43.60 -18.02
C GLN F 394 25.60 -44.79 -18.18
N ASP F 395 25.02 -45.98 -18.31
CA ASP F 395 25.75 -47.23 -18.45
C ASP F 395 26.69 -47.46 -17.26
N GLY F 396 26.19 -47.07 -16.09
CA GLY F 396 26.83 -47.37 -14.83
C GLY F 396 28.21 -46.80 -14.58
N GLU F 397 28.51 -45.63 -15.16
CA GLU F 397 29.75 -44.95 -14.82
C GLU F 397 29.48 -43.93 -13.73
N LYS F 398 30.46 -43.05 -13.45
CA LYS F 398 30.26 -42.01 -12.47
C LYS F 398 29.71 -40.75 -13.15
N PRO F 399 28.81 -40.02 -12.48
CA PRO F 399 28.22 -38.83 -13.08
C PRO F 399 29.28 -37.74 -13.32
N ARG F 400 29.04 -36.91 -14.33
CA ARG F 400 29.97 -35.88 -14.73
C ARG F 400 29.29 -34.52 -14.71
N PRO F 401 29.75 -33.56 -13.90
CA PRO F 401 29.18 -32.20 -13.95
C PRO F 401 29.31 -31.56 -15.33
N ILE F 402 28.30 -30.80 -15.73
CA ILE F 402 28.30 -30.17 -17.05
C ILE F 402 28.01 -28.68 -16.95
N GLY F 403 27.63 -28.23 -15.75
CA GLY F 403 27.31 -26.82 -15.58
C GLY F 403 26.83 -26.51 -14.19
N ILE F 404 26.57 -25.23 -13.97
CA ILE F 404 26.03 -24.73 -12.71
C ILE F 404 24.78 -23.91 -13.01
N ILE F 405 23.89 -23.80 -12.03
CA ILE F 405 22.63 -23.09 -12.24
C ILE F 405 22.90 -21.60 -12.22
N TRP F 406 22.50 -20.91 -13.30
CA TRP F 406 22.57 -19.45 -13.32
C TRP F 406 21.61 -18.84 -12.31
N GLY F 407 20.36 -19.29 -12.31
CA GLY F 407 19.35 -18.74 -11.44
C GLY F 407 17.94 -19.04 -11.94
N GLY F 408 17.03 -19.32 -11.03
CA GLY F 408 15.68 -19.67 -11.39
C GLY F 408 14.93 -18.53 -12.05
N THR F 409 14.65 -18.67 -13.35
CA THR F 409 13.87 -17.67 -14.07
C THR F 409 12.40 -17.73 -13.68
N ALA F 410 12.04 -18.75 -12.89
CA ALA F 410 10.66 -18.95 -12.44
C ALA F 410 10.08 -17.68 -11.81
N ASN F 411 10.95 -16.78 -11.36
CA ASN F 411 10.49 -15.47 -10.92
C ASN F 411 9.68 -14.78 -12.01
N ARG F 412 10.18 -14.79 -13.24
CA ARG F 412 9.45 -14.26 -14.41
C ARG F 412 9.62 -15.29 -15.55
N GLY F 413 9.24 -16.54 -15.28
CA GLY F 413 9.39 -17.57 -16.28
C GLY F 413 8.52 -18.80 -16.10
N ARG F 414 7.83 -19.18 -17.18
CA ARG F 414 7.09 -20.44 -17.26
C ARG F 414 7.01 -20.86 -18.72
N LEU F 415 6.61 -22.11 -18.94
CA LEU F 415 6.51 -22.66 -20.29
C LEU F 415 5.54 -23.84 -20.30
N LYS F 416 4.76 -23.96 -21.36
CA LYS F 416 3.76 -25.01 -21.48
C LYS F 416 4.16 -25.96 -22.61
N LEU F 417 4.31 -27.24 -22.28
CA LEU F 417 4.37 -28.30 -23.28
C LEU F 417 2.94 -28.71 -23.63
N THR F 418 2.68 -28.92 -24.92
CA THR F 418 1.32 -29.21 -25.37
C THR F 418 0.73 -30.39 -24.62
N SER F 419 -0.29 -30.13 -23.81
CA SER F 419 -0.91 -31.17 -22.97
C SER F 419 -2.19 -30.65 -22.35
N ASP F 420 -2.74 -31.39 -21.39
CA ASP F 420 -3.92 -30.96 -20.67
C ASP F 420 -3.55 -30.58 -19.24
N HIS F 421 -2.36 -29.99 -19.06
CA HIS F 421 -1.88 -29.60 -17.75
C HIS F 421 -1.42 -28.15 -17.81
N GLY F 422 -1.24 -27.56 -16.63
CA GLY F 422 -0.82 -26.19 -16.51
C GLY F 422 0.65 -26.00 -16.84
N PRO F 423 1.07 -24.75 -17.02
CA PRO F 423 2.48 -24.46 -17.33
C PRO F 423 3.40 -24.86 -16.19
N GLU F 424 4.61 -25.25 -16.55
CA GLU F 424 5.63 -25.65 -15.61
C GLU F 424 6.87 -24.79 -15.77
N ASN F 425 7.44 -24.37 -14.64
CA ASN F 425 8.63 -23.53 -14.65
C ASN F 425 9.85 -24.34 -15.08
N TRP F 426 10.92 -23.63 -15.42
CA TRP F 426 12.14 -24.24 -15.92
C TRP F 426 13.36 -23.47 -15.42
N THR F 427 14.51 -24.13 -15.47
CA THR F 427 15.74 -23.57 -14.93
C THR F 427 16.81 -23.52 -16.02
N SER F 428 17.59 -22.44 -16.02
CA SER F 428 18.65 -22.24 -17.00
C SER F 428 20.01 -22.20 -16.29
N GLY F 429 21.01 -22.79 -16.92
CA GLY F 429 22.34 -22.86 -16.37
C GLY F 429 23.42 -22.31 -17.30
N VAL F 430 24.66 -22.44 -16.85
CA VAL F 430 25.84 -21.98 -17.58
C VAL F 430 26.82 -23.14 -17.70
N ASP F 431 27.41 -23.29 -18.88
CA ASP F 431 28.35 -24.38 -19.14
C ASP F 431 29.55 -24.34 -18.21
N LEU F 432 29.90 -25.49 -17.63
CA LEU F 432 31.10 -25.62 -16.82
C LEU F 432 32.19 -26.24 -17.69
N GLY F 433 33.19 -25.41 -18.00
CA GLY F 433 34.25 -25.79 -18.91
C GLY F 433 34.67 -24.63 -19.78
N ARG F 434 33.73 -23.71 -20.03
CA ARG F 434 34.05 -22.41 -20.62
C ARG F 434 33.94 -21.34 -19.55
N LEU F 435 33.53 -21.74 -18.34
CA LEU F 435 33.48 -20.84 -17.21
C LEU F 435 34.61 -21.22 -16.25
N LEU F 436 35.06 -22.46 -16.34
CA LEU F 436 36.24 -22.93 -15.62
C LEU F 436 37.53 -22.60 -16.36
N ASP F 437 37.43 -22.14 -17.61
CA ASP F 437 38.59 -21.80 -18.44
C ASP F 437 38.84 -20.30 -18.51
N ARG F 438 37.77 -19.50 -18.54
CA ARG F 438 37.93 -18.04 -18.60
C ARG F 438 38.25 -17.43 -17.24
N LEU F 439 38.10 -18.22 -16.18
CA LEU F 439 38.43 -17.77 -14.83
C LEU F 439 39.49 -18.69 -14.26
N GLU F 440 40.49 -19.06 -15.08
CA GLU F 440 41.08 -20.39 -15.11
C GLU F 440 41.06 -21.13 -13.77
N LEU F 441 40.48 -22.34 -13.78
CA LEU F 441 40.28 -23.09 -12.56
C LEU F 441 40.75 -24.53 -12.77
N ASP F 442 40.46 -25.36 -11.77
CA ASP F 442 40.45 -26.82 -11.91
C ASP F 442 39.26 -27.35 -11.12
N ILE F 443 39.14 -28.67 -11.00
CA ILE F 443 38.09 -29.26 -10.17
C ILE F 443 38.63 -30.46 -9.41
N ILE F 444 38.30 -30.53 -8.12
CA ILE F 444 38.77 -31.61 -7.26
C ILE F 444 37.67 -32.65 -7.13
N ILE F 445 37.98 -33.90 -7.46
CA ILE F 445 37.02 -34.99 -7.37
C ILE F 445 37.38 -36.00 -6.29
N THR F 446 38.59 -35.97 -5.76
CA THR F 446 39.02 -36.91 -4.73
C THR F 446 39.73 -36.16 -3.61
N ASN F 447 39.74 -36.76 -2.43
CA ASN F 447 40.35 -36.14 -1.26
C ASN F 447 41.87 -36.07 -1.36
N GLU F 448 42.48 -36.90 -2.19
CA GLU F 448 43.94 -36.92 -2.36
C GLU F 448 44.41 -35.94 -3.43
N SER F 449 43.50 -35.38 -4.21
CA SER F 449 43.84 -34.33 -5.17
C SER F 449 43.76 -32.94 -4.56
N LEU F 450 43.28 -32.83 -3.32
CA LEU F 450 43.24 -31.55 -2.62
C LEU F 450 44.65 -31.03 -2.38
N GLN F 451 45.56 -31.93 -2.01
CA GLN F 451 46.93 -31.54 -1.67
C GLN F 451 47.74 -31.23 -2.92
PG ATP G . 26.55 25.89 22.61
O1G ATP G . 26.22 27.22 22.91
O2G ATP G . 26.83 25.68 21.28
O3G ATP G . 25.58 24.91 22.93
PB ATP G . 29.17 25.16 23.69
O1B ATP G . 29.60 25.30 22.37
O2B ATP G . 29.89 25.77 24.75
O3B ATP G . 27.73 25.74 23.61
PA ATP G . 28.96 22.38 23.44
O1A ATP G . 28.88 22.89 22.16
O2A ATP G . 29.81 21.30 23.52
O3A ATP G . 29.14 23.71 24.21
O5' ATP G . 27.73 21.56 23.85
C5' ATP G . 27.79 21.38 25.22
C4' ATP G . 26.74 20.60 25.97
O4' ATP G . 26.27 19.44 25.42
C3' ATP G . 27.34 20.00 27.18
O3' ATP G . 27.86 20.97 28.07
C2' ATP G . 26.16 19.28 27.64
O2' ATP G . 25.33 20.30 28.15
C1' ATP G . 25.62 18.70 26.38
N9 ATP G . 25.95 17.30 26.12
C8 ATP G . 27.07 16.73 26.44
N7 ATP G . 27.08 15.45 26.08
C5 ATP G . 25.95 15.15 25.54
C6 ATP G . 25.33 14.02 24.94
N6 ATP G . 25.92 12.86 24.88
N1 ATP G . 24.13 14.09 24.50
C2 ATP G . 23.51 15.20 24.54
N3 ATP G . 24.03 16.29 25.06
C4 ATP G . 25.22 16.37 25.56
H5'1 ATP G . 28.75 20.90 25.44
H5'2 ATP G . 27.84 22.37 25.67
H4' ATP G . 25.92 21.27 26.26
H3' ATP G . 28.12 19.29 26.88
HO3' ATP G . 27.20 21.65 28.24
H2' ATP G . 26.42 18.51 28.38
HO2' ATP G . 24.42 20.11 27.92
H1' ATP G . 24.54 18.88 26.34
H8 ATP G . 27.91 17.24 26.92
HN61 ATP G . 25.45 12.07 24.46
HN62 ATP G . 26.86 12.76 25.23
H2 ATP G . 22.51 15.25 24.15
PG ATP H . -25.78 33.11 10.69
O1G ATP H . -24.97 32.54 11.67
O2G ATP H . -25.52 32.28 9.57
O3G ATP H . -25.49 34.43 10.37
PB ATP H . -28.13 32.96 12.39
O1B ATP H . -27.28 32.90 13.49
O2B ATP H . -29.13 33.95 12.42
O3B ATP H . -27.30 33.21 11.10
PA ATP H . -28.39 30.22 12.41
O1A ATP H . -28.89 29.09 13.02
O2A ATP H . -27.06 30.56 12.54
O3A ATP H . -28.97 31.65 12.29
O5' ATP H . -28.49 29.42 11.09
C5' ATP H . -29.71 29.21 10.46
C4' ATP H . -29.74 28.54 9.12
O4' ATP H . -29.38 27.19 9.11
C3' ATP H . -31.15 28.50 8.73
O3' ATP H . -31.27 28.65 7.36
C2' ATP H . -31.40 27.09 8.99
O2' ATP H . -32.46 26.51 8.31
C1' ATP H . -30.25 26.42 8.41
N9 ATP H . -30.34 25.00 8.80
C8 ATP H . -31.20 24.52 9.66
N7 ATP H . -31.07 23.23 9.80
C5 ATP H . -30.18 22.84 9.02
C6 ATP H . -29.59 21.60 8.76
N6 ATP H . -30.02 20.55 9.38
N1 ATP H . -28.64 21.49 7.90
C2 ATP H . -28.25 22.56 7.27
N3 ATP H . -28.74 23.75 7.49
C4 ATP H . -29.68 23.98 8.36
H5'1 ATP H . -30.34 28.62 11.14
H5'2 ATP H . -30.21 30.18 10.36
H4' ATP H . -29.16 29.12 8.38
H3' ATP H . -31.79 29.17 9.32
HO3' ATP H . -32.19 28.48 7.09
H2' ATP H . -31.45 26.91 10.08
HO2' ATP H . -32.99 26.01 8.93
H1' ATP H . -30.21 26.58 7.32
H8 ATP H . -31.92 25.09 10.25
HN61 ATP H . -29.63 19.64 9.18
HN62 ATP H . -30.77 20.64 10.06
H2 ATP H . -27.45 22.46 6.54
PG ATP I . 10.83 29.93 -28.99
O1G ATP I . 9.48 29.55 -29.15
O2G ATP I . 11.62 28.97 -28.30
O3G ATP I . 11.03 31.24 -28.58
PB ATP I . 10.54 29.81 -31.82
O1B ATP I . 9.67 30.85 -32.17
O2B ATP I . 11.45 29.84 -32.89
O3B ATP I . 11.30 30.03 -30.46
PA ATP I . 10.04 27.02 -32.07
O1A ATP I . 10.65 27.45 -33.22
O2A ATP I . 9.10 26.02 -32.38
O3A ATP I . 9.69 28.51 -31.76
O5' ATP I . 11.15 26.22 -31.39
C5' ATP I . 11.60 25.22 -32.21
C4' ATP I . 12.91 24.60 -31.87
O4' ATP I . 12.61 23.39 -31.29
C3' ATP I . 13.62 24.12 -33.05
O3' ATP I . 14.34 25.14 -33.74
C2' ATP I . 14.46 23.13 -32.39
O2' ATP I . 15.43 23.90 -31.72
C1' ATP I . 13.62 22.48 -31.36
N9 ATP I . 13.02 21.19 -31.69
C8 ATP I . 12.64 20.84 -32.88
N7 ATP I . 12.12 19.62 -32.87
C5 ATP I . 12.15 19.15 -31.68
C6 ATP I . 11.76 17.94 -31.07
N6 ATP I . 11.22 17.00 -31.77
N1 ATP I . 11.93 17.76 -29.80
C2 ATP I . 12.48 18.72 -29.12
N3 ATP I . 12.88 19.86 -29.65
C4 ATP I . 12.71 20.17 -30.91
H5'1 ATP I . 11.66 25.62 -33.21
H5'2 ATP I . 10.84 24.43 -32.22
H4' ATP I . 13.53 25.24 -31.23
H3' ATP I . 12.92 23.62 -33.73
HO3' ATP I . 15.29 25.02 -33.58
H2' ATP I . 14.89 22.41 -33.09
HO2' ATP I . 16.24 23.38 -31.61
H1' ATP I . 14.17 22.44 -30.40
H8 ATP I . 12.73 21.46 -33.75
HN61 ATP I . 10.94 16.14 -31.33
HN62 ATP I . 11.08 17.13 -32.77
H2 ATP I . 12.62 18.57 -28.06
PG ATP J . -32.92 -26.51 9.20
O1G ATP J . -33.14 -25.87 7.96
O2G ATP J . -32.00 -25.83 10.05
O3G ATP J . -32.73 -27.89 9.14
PB ATP J . -35.70 -25.89 9.26
O1B ATP J . -36.30 -26.69 8.28
O2B ATP J . -36.67 -25.90 10.27
O3B ATP J . -34.34 -26.46 9.81
PA ATP J . -35.48 -23.05 9.25
O1A ATP J . -36.63 -23.38 9.92
O2A ATP J . -35.69 -21.86 8.52
O3A ATP J . -35.48 -24.48 8.62
O5' ATP J . -34.58 -22.58 10.38
C5' ATP J . -35.16 -21.56 11.08
C4' ATP J . -34.61 -21.25 12.41
O4' ATP J . -33.84 -20.11 12.26
C3' ATP J . -35.62 -20.72 13.34
O3' ATP J . -36.41 -21.71 13.95
C2' ATP J . -34.72 -20.01 14.24
O2' ATP J . -34.11 -21.03 14.99
C1' ATP J . -33.66 -19.40 13.40
N9 ATP J . -33.80 -17.98 13.06
C8 ATP J . -34.95 -17.39 12.88
N7 ATP J . -34.76 -16.11 12.58
C5 ATP J . -33.52 -15.86 12.54
C6 ATP J . -32.73 -14.71 12.28
N6 ATP J . -33.30 -13.58 11.99
N1 ATP J . -31.44 -14.77 12.33
C2 ATP J . -30.89 -15.89 12.63
N3 ATP J . -31.58 -17.00 12.90
C4 ATP J . -32.89 -17.07 12.84
H5'1 ATP J . -36.22 -21.78 11.19
H5'2 ATP J . -35.09 -20.66 10.47
H4' ATP J . -34.04 -22.09 12.86
H3' ATP J . -36.25 -19.99 12.81
HO3' ATP J . -36.10 -21.84 14.87
H2' ATP J . -35.24 -19.27 14.87
HO2' ATP J . -33.15 -20.97 14.91
H1' ATP J . -32.67 -19.60 13.84
H8 ATP J . -35.90 -17.87 12.97
HN61 ATP J . -32.73 -12.76 11.80
HN62 ATP J . -34.30 -13.52 11.94
H2 ATP J . -29.81 -15.94 12.68
PG ATP K . 19.73 -33.74 19.26
O1G ATP K . 19.75 -35.03 18.71
O2G ATP K . 20.13 -32.67 18.44
O3G ATP K . 18.49 -33.38 19.73
PB ATP K . 21.14 -33.68 21.83
O1B ATP K . 19.87 -33.68 22.37
O2B ATP K . 22.14 -34.57 22.31
O3B ATP K . 20.85 -33.97 20.33
PA ATP K . 21.38 -30.90 22.10
O1A ATP K . 21.74 -30.02 23.09
O2A ATP K . 20.03 -31.18 22.09
O3A ATP K . 21.92 -32.34 21.97
O5' ATP K . 21.82 -29.95 20.98
C5' ATP K . 23.21 -30.01 20.91
C4' ATP K . 23.99 -29.19 19.92
O4' ATP K . 23.62 -27.89 19.71
C3' ATP K . 25.33 -28.91 20.47
O3' ATP K . 26.08 -30.08 20.71
C2' ATP K . 25.81 -28.07 19.37
O2' ATP K . 26.06 -28.99 18.33
C1' ATP K . 24.63 -27.21 19.07
N9 ATP K . 24.66 -25.87 19.66
C8 ATP K . 25.18 -25.57 20.82
N7 ATP K . 25.04 -24.27 21.07
C5 ATP K . 24.47 -23.70 20.07
C6 ATP K . 24.04 -22.37 19.73
N6 ATP K . 24.23 -21.36 20.49
N1 ATP K . 23.48 -22.15 18.60
C2 ATP K . 23.28 -23.13 17.79
N3 ATP K . 23.63 -24.37 18.06
C4 ATP K . 24.21 -24.74 19.16
H5'1 ATP K . 23.48 -31.06 20.75
H5'2 ATP K . 23.59 -29.75 21.90
H4' ATP K . 24.08 -29.74 18.97
H3' ATP K . 25.23 -28.31 21.38
HO3' ATP K . 26.99 -29.83 20.95
H2' ATP K . 26.69 -27.48 19.67
HO2' ATP K . 26.74 -28.64 17.74
H1' ATP K . 24.46 -27.18 17.99
H8 ATP K . 25.62 -26.29 21.49
HN61 ATP K . 23.93 -20.44 20.21
HN62 ATP K . 24.68 -21.48 21.40
H2 ATP K . 22.79 -22.93 16.86
PG ATP L . 2.23 -29.45 -31.80
O1G ATP L . 3.37 -29.20 -31.03
O2G ATP L . 1.30 -28.51 -31.28
O3G ATP L . 1.71 -30.73 -31.69
PB ATP L . 3.72 -29.16 -34.28
O1B ATP L . 4.87 -29.47 -33.57
O2B ATP L . 3.48 -29.93 -35.43
O3B ATP L . 2.48 -29.35 -33.36
PA ATP L . 4.25 -26.47 -34.07
O1A ATP L . 4.98 -25.37 -34.46
O2A ATP L . 4.43 -27.08 -32.83
O3A ATP L . 3.79 -27.71 -34.86
O5' ATP L . 3.12 -25.46 -33.89
C5' ATP L . 2.41 -25.11 -35.01
C4' ATP L . 1.29 -24.10 -34.94
O4' ATP L . 1.50 -22.91 -34.27
C3' ATP L . 1.18 -23.51 -36.28
O3' ATP L . 0.83 -24.42 -37.33
C2' ATP L . 0.16 -22.51 -35.98
O2' ATP L . -1.01 -23.29 -35.86
C1' ATP L . 0.58 -21.96 -34.68
N9 ATP L . 1.28 -20.67 -34.72
C8 ATP L . 2.10 -20.32 -35.64
N7 ATP L . 2.58 -19.10 -35.44
C5 ATP L . 2.03 -18.62 -34.39
C6 ATP L . 2.12 -17.41 -33.65
N6 ATP L . 2.89 -16.43 -34.02
N1 ATP L . 1.44 -17.25 -32.58
C2 ATP L . 0.64 -18.19 -32.19
N3 ATP L . 0.53 -19.33 -32.83
C4 ATP L . 1.20 -19.64 -33.90
H5'1 ATP L . 1.98 -26.03 -35.42
H5'2 ATP L . 3.13 -24.76 -35.76
H4' ATP L . 0.36 -24.58 -34.65
H3' ATP L . 2.11 -22.99 -36.54
HO3' ATP L . 0.01 -24.87 -37.09
H2' ATP L . 0.09 -21.74 -36.76
HO2' ATP L . -1.79 -22.71 -35.87
H1' ATP L . -0.27 -21.93 -33.98
H8 ATP L . 2.40 -20.95 -36.47
HN61 ATP L . 2.92 -15.58 -33.47
HN62 ATP L . 3.46 -16.52 -34.84
H2 ATP L . 0.06 -18.05 -31.30
#